data_8UZM
#
_entry.id   8UZM
#
_cell.length_a   84.096
_cell.length_b   100.798
_cell.length_c   123.675
_cell.angle_alpha   90.00
_cell.angle_beta   95.79
_cell.angle_gamma   90.00
#
_symmetry.space_group_name_H-M   'P 1 21 1'
#
loop_
_entity.id
_entity.type
_entity.pdbx_description
1 polymer 'Betaine aldehyde dehydrogenase'
2 non-polymer 'NADPH DIHYDRO-NICOTINAMIDE-ADENINE-DINUCLEOTIDE PHOSPHATE'
3 non-polymer 'SODIUM ION'
4 water water
#
_entity_poly.entity_id   1
_entity_poly.type   'polypeptide(L)'
_entity_poly.pdbx_seq_one_letter_code
;MAHHHHHHHMSRMAEQQLYIHGKFVAATSGKTFETINPATGEVLATVQAAGREDVDRAVKSAQQGQKVWAAMSAMARSRI
LRKAVDILRERNDELARLETLDTGKPLSETAAVDIVTGADVLEYYAGLIPALEGSQIPLRDSSFVYTRREPLGVVAGIGA
WNYPIQIALWKSAPALAAGNAMIFKPSEVTPLTALKLAEIYREAGLPDGVFNVLPGIGAETGQYLTEHPDIAKISFTGGV
ASGKKVMANSAASSLKEVTMELGGKSPLIIAEDANLDLAADIAMMANFYSSGQVCTNGTRVFVPAKFKAEFEHKILERVG
RIRAGDLFADDTNFGPLVSFPHRQNVLRYIESGKSEGARLLCGGDVLKGEGFDNGAWVAPTVFTDCTDDMTIVREEIFGP
VMSILSYDDEAEVIRRANATEYGLAAGVVTPDLNRAHRIIHQLEAGICWINSWGESPAEMPVGGYKHSGIGRENGVMTLQ
SYTQVKSIQVEMGPFQSIF
;
_entity_poly.pdbx_strand_id   A,B,C,D
#
loop_
_chem_comp.id
_chem_comp.type
_chem_comp.name
_chem_comp.formula
NA non-polymer 'SODIUM ION' 'Na 1'
NDP non-polymer 'NADPH DIHYDRO-NICOTINAMIDE-ADENINE-DINUCLEOTIDE PHOSPHATE' 'C21 H30 N7 O17 P3'
#
# COMPACT_ATOMS: atom_id res chain seq x y z
N ARG A 12 -22.43 36.50 29.79
CA ARG A 12 -22.63 35.05 30.03
C ARG A 12 -23.44 34.46 28.89
N MET A 13 -23.22 33.18 28.61
CA MET A 13 -24.02 32.49 27.61
C MET A 13 -25.19 31.76 28.27
N ALA A 14 -26.16 31.40 27.46
CA ALA A 14 -27.28 30.58 27.91
C ALA A 14 -26.77 29.22 28.37
N GLU A 15 -27.58 28.56 29.19
CA GLU A 15 -27.23 27.24 29.67
C GLU A 15 -27.04 26.29 28.49
N GLN A 16 -25.95 25.53 28.53
CA GLN A 16 -25.58 24.62 27.46
C GLN A 16 -26.13 23.23 27.72
N GLN A 17 -26.75 22.65 26.69
CA GLN A 17 -27.40 21.35 26.81
C GLN A 17 -26.56 20.28 26.13
N LEU A 18 -27.00 19.04 26.26
CA LEU A 18 -26.37 17.96 25.51
C LEU A 18 -26.77 18.05 24.04
N TYR A 19 -25.97 17.43 23.18
CA TYR A 19 -26.27 17.35 21.76
C TYR A 19 -26.40 15.88 21.38
N ILE A 20 -27.63 15.44 21.15
CA ILE A 20 -27.92 14.03 20.85
C ILE A 20 -28.89 14.01 19.69
N HIS A 21 -28.52 13.30 18.62
CA HIS A 21 -29.38 13.11 17.46
C HIS A 21 -29.82 14.43 16.80
N GLY A 22 -28.84 15.27 16.50
CA GLY A 22 -29.16 16.41 15.66
C GLY A 22 -29.92 17.52 16.36
N LYS A 23 -29.89 17.56 17.68
CA LYS A 23 -30.57 18.61 18.40
C LYS A 23 -29.96 18.78 19.78
N PHE A 24 -30.18 19.94 20.36
CA PHE A 24 -29.86 20.13 21.77
C PHE A 24 -30.97 19.51 22.59
N VAL A 25 -30.60 18.82 23.66
CA VAL A 25 -31.55 18.15 24.51
C VAL A 25 -31.09 18.27 25.96
N ALA A 26 -32.06 18.40 26.87
CA ALA A 26 -31.74 18.51 28.29
C ALA A 26 -31.19 17.19 28.81
N ALA A 27 -30.23 17.28 29.71
CA ALA A 27 -29.77 16.07 30.41
C ALA A 27 -30.84 15.60 31.39
N THR A 28 -30.88 14.29 31.60
CA THR A 28 -31.74 13.70 32.60
C THR A 28 -31.00 13.46 33.91
N SER A 29 -29.72 13.82 33.98
CA SER A 29 -28.94 13.58 35.17
C SER A 29 -29.32 14.53 36.29
N GLY A 30 -29.92 15.67 35.95
CA GLY A 30 -30.15 16.69 36.97
C GLY A 30 -28.90 17.39 37.45
N LYS A 31 -27.77 17.24 36.77
CA LYS A 31 -26.51 17.77 37.25
C LYS A 31 -25.99 18.79 36.25
N THR A 32 -25.30 19.81 36.76
CA THR A 32 -24.66 20.79 35.92
C THR A 32 -23.28 21.13 36.49
N PHE A 33 -22.49 21.80 35.66
CA PHE A 33 -21.21 22.37 36.08
C PHE A 33 -21.04 23.70 35.36
N GLU A 34 -20.06 24.47 35.80
CA GLU A 34 -19.77 25.76 35.18
C GLU A 34 -18.40 25.70 34.55
N THR A 35 -18.27 26.34 33.39
CA THR A 35 -16.99 26.62 32.77
C THR A 35 -16.72 28.12 32.88
N ILE A 36 -15.48 28.47 33.23
CA ILE A 36 -15.09 29.85 33.45
C ILE A 36 -14.16 30.32 32.34
N ASN A 37 -14.07 31.64 32.22
CA ASN A 37 -13.02 32.28 31.45
C ASN A 37 -11.77 32.40 32.33
N PRO A 38 -10.70 31.66 32.03
CA PRO A 38 -9.54 31.63 32.94
C PRO A 38 -8.73 32.92 32.95
N ALA A 39 -8.99 33.86 32.05
CA ALA A 39 -8.33 35.16 32.09
C ALA A 39 -8.98 36.12 33.08
N THR A 40 -10.27 35.92 33.41
CA THR A 40 -11.01 36.87 34.23
C THR A 40 -11.68 36.24 35.44
N GLY A 41 -11.84 34.92 35.48
CA GLY A 41 -12.59 34.25 36.52
C GLY A 41 -14.09 34.28 36.36
N GLU A 42 -14.61 34.91 35.32
CA GLU A 42 -16.04 35.02 35.14
C GLU A 42 -16.61 33.72 34.59
N VAL A 43 -17.84 33.41 35.01
CA VAL A 43 -18.52 32.22 34.52
C VAL A 43 -18.96 32.47 33.10
N LEU A 44 -18.50 31.60 32.19
CA LEU A 44 -18.91 31.68 30.80
C LEU A 44 -20.28 31.06 30.58
N ALA A 45 -20.55 29.91 31.19
CA ALA A 45 -21.82 29.25 30.99
C ALA A 45 -22.02 28.20 32.06
N THR A 46 -23.28 27.93 32.36
CA THR A 46 -23.68 26.73 33.08
C THR A 46 -23.92 25.64 32.04
N VAL A 47 -23.37 24.45 32.31
CA VAL A 47 -23.36 23.37 31.33
C VAL A 47 -23.95 22.13 31.97
N GLN A 48 -24.86 21.48 31.24
CA GLN A 48 -25.46 20.23 31.70
C GLN A 48 -24.49 19.06 31.54
N ALA A 49 -24.59 18.11 32.48
CA ALA A 49 -23.69 16.96 32.55
C ALA A 49 -24.45 15.69 32.20
N ALA A 50 -23.92 14.92 31.26
CA ALA A 50 -24.60 13.71 30.81
C ALA A 50 -24.55 12.64 31.89
N GLY A 51 -25.72 12.05 32.21
CA GLY A 51 -25.77 10.95 33.13
C GLY A 51 -25.66 9.61 32.42
N ARG A 52 -25.80 8.54 33.21
CA ARG A 52 -25.70 7.21 32.63
C ARG A 52 -26.80 6.98 31.60
N GLU A 53 -28.03 7.44 31.89
CA GLU A 53 -29.12 7.29 30.93
C GLU A 53 -28.90 8.15 29.69
N ASP A 54 -28.33 9.34 29.85
CA ASP A 54 -28.03 10.18 28.69
C ASP A 54 -27.03 9.50 27.77
N VAL A 55 -26.03 8.84 28.35
CA VAL A 55 -25.06 8.11 27.53
C VAL A 55 -25.74 7.00 26.75
N ASP A 56 -26.65 6.26 27.38
CA ASP A 56 -27.30 5.16 26.68
C ASP A 56 -28.13 5.67 25.51
N ARG A 57 -28.88 6.76 25.73
CA ARG A 57 -29.62 7.37 24.64
C ARG A 57 -28.68 7.80 23.51
N ALA A 58 -27.51 8.34 23.87
CA ALA A 58 -26.57 8.75 22.84
C ALA A 58 -26.05 7.54 22.07
N VAL A 59 -25.83 6.41 22.75
CA VAL A 59 -25.37 5.23 22.03
C VAL A 59 -26.45 4.72 21.07
N LYS A 60 -27.71 4.65 21.52
CA LYS A 60 -28.79 4.23 20.61
C LYS A 60 -29.00 5.23 19.48
N SER A 61 -28.89 6.53 19.76
CA SER A 61 -28.94 7.49 18.66
C SER A 61 -27.81 7.21 17.67
N ALA A 62 -26.60 7.00 18.18
CA ALA A 62 -25.46 6.78 17.30
C ALA A 62 -25.61 5.51 16.48
N GLN A 63 -26.16 4.45 17.08
CA GLN A 63 -26.32 3.20 16.36
C GLN A 63 -27.26 3.39 15.17
N GLN A 64 -28.33 4.16 15.35
CA GLN A 64 -29.28 4.41 14.28
C GLN A 64 -28.66 5.29 13.20
N GLY A 65 -27.97 6.37 13.59
CA GLY A 65 -27.35 7.24 12.60
C GLY A 65 -26.21 6.58 11.84
N GLN A 66 -25.42 5.76 12.52
CA GLN A 66 -24.29 5.11 11.86
C GLN A 66 -24.74 4.26 10.69
N LYS A 67 -25.88 3.56 10.84
CA LYS A 67 -26.37 2.72 9.76
C LYS A 67 -26.74 3.55 8.53
N VAL A 68 -27.37 4.70 8.75
CA VAL A 68 -27.64 5.63 7.64
C VAL A 68 -26.33 6.08 7.01
N TRP A 69 -25.37 6.51 7.85
CA TRP A 69 -24.12 7.07 7.36
C TRP A 69 -23.33 6.05 6.58
N ALA A 70 -23.26 4.82 7.07
CA ALA A 70 -22.46 3.80 6.40
C ALA A 70 -23.09 3.32 5.10
N ALA A 71 -24.41 3.44 4.95
CA ALA A 71 -25.07 2.99 3.74
C ALA A 71 -24.92 3.98 2.61
N MET A 72 -24.54 5.23 2.90
CA MET A 72 -24.31 6.19 1.84
C MET A 72 -23.07 5.79 1.06
N SER A 73 -22.91 6.35 -0.13
CA SER A 73 -21.69 6.12 -0.89
C SER A 73 -20.52 6.84 -0.24
N ALA A 74 -19.31 6.37 -0.55
CA ALA A 74 -18.11 7.02 -0.03
C ALA A 74 -18.05 8.48 -0.43
N MET A 75 -18.41 8.80 -1.67
CA MET A 75 -18.29 10.20 -2.10
C MET A 75 -19.38 11.04 -1.47
N ALA A 76 -20.55 10.45 -1.22
CA ALA A 76 -21.59 11.18 -0.50
C ALA A 76 -21.10 11.55 0.91
N ARG A 77 -20.41 10.63 1.59
CA ARG A 77 -19.83 10.95 2.89
C ARG A 77 -18.76 12.03 2.75
N SER A 78 -17.92 11.91 1.73
CA SER A 78 -16.85 12.88 1.52
CA SER A 78 -16.84 12.88 1.53
C SER A 78 -17.39 14.28 1.32
N ARG A 79 -18.47 14.41 0.54
CA ARG A 79 -19.05 15.73 0.28
C ARG A 79 -19.59 16.37 1.55
N ILE A 80 -20.24 15.59 2.42
CA ILE A 80 -20.77 16.14 3.67
C ILE A 80 -19.64 16.66 4.56
N LEU A 81 -18.57 15.88 4.72
CA LEU A 81 -17.47 16.36 5.56
C LEU A 81 -16.80 17.57 4.94
N ARG A 82 -16.71 17.64 3.62
CA ARG A 82 -16.15 18.82 2.97
C ARG A 82 -17.02 20.05 3.22
N LYS A 83 -18.35 19.90 3.29
CA LYS A 83 -19.18 21.06 3.60
C LYS A 83 -18.91 21.55 5.02
N ALA A 84 -18.63 20.62 5.94
CA ALA A 84 -18.26 21.01 7.30
C ALA A 84 -16.92 21.75 7.31
N VAL A 85 -15.94 21.31 6.50
CA VAL A 85 -14.69 22.07 6.37
C VAL A 85 -14.96 23.51 5.97
N ASP A 86 -15.78 23.69 4.94
CA ASP A 86 -16.08 25.04 4.45
C ASP A 86 -16.66 25.92 5.55
N ILE A 87 -17.57 25.36 6.35
CA ILE A 87 -18.17 26.14 7.41
C ILE A 87 -17.12 26.49 8.46
N LEU A 88 -16.24 25.55 8.78
CA LEU A 88 -15.19 25.82 9.74
C LEU A 88 -14.25 26.93 9.25
N ARG A 89 -13.90 26.91 7.96
CA ARG A 89 -13.09 27.99 7.42
C ARG A 89 -13.79 29.33 7.52
N GLU A 90 -15.08 29.37 7.20
CA GLU A 90 -15.81 30.64 7.23
C GLU A 90 -15.95 31.21 8.65
N ARG A 91 -16.09 30.35 9.65
CA ARG A 91 -16.27 30.80 11.03
CA ARG A 91 -16.28 30.78 11.02
C ARG A 91 -15.00 30.68 11.85
N ASN A 92 -13.85 30.56 11.20
CA ASN A 92 -12.60 30.35 11.91
C ASN A 92 -12.43 31.37 13.03
N ASP A 93 -12.60 32.65 12.72
CA ASP A 93 -12.30 33.69 13.72
C ASP A 93 -13.31 33.66 14.86
N GLU A 94 -14.59 33.44 14.55
CA GLU A 94 -15.62 33.33 15.58
C GLU A 94 -15.33 32.17 16.52
N LEU A 95 -15.02 30.99 15.96
CA LEU A 95 -14.73 29.83 16.80
C LEU A 95 -13.43 30.02 17.58
N ALA A 96 -12.43 30.66 16.97
CA ALA A 96 -11.19 30.95 17.68
C ALA A 96 -11.43 31.85 18.89
N ARG A 97 -12.29 32.87 18.74
CA ARG A 97 -12.57 33.74 19.87
C ARG A 97 -13.24 32.95 21.00
N LEU A 98 -14.17 32.05 20.66
CA LEU A 98 -14.81 31.25 21.71
C LEU A 98 -13.78 30.35 22.38
N GLU A 99 -12.87 29.75 21.60
CA GLU A 99 -11.82 28.92 22.17
C GLU A 99 -10.94 29.73 23.12
N THR A 100 -10.61 30.96 22.72
CA THR A 100 -9.81 31.82 23.61
C THR A 100 -10.53 32.11 24.91
N LEU A 101 -11.84 32.38 24.85
CA LEU A 101 -12.58 32.66 26.07
C LEU A 101 -12.57 31.45 27.00
N ASP A 102 -12.71 30.25 26.43
CA ASP A 102 -12.86 29.02 27.21
C ASP A 102 -11.53 28.49 27.74
N THR A 103 -10.42 28.71 27.01
CA THR A 103 -9.13 28.13 27.37
C THR A 103 -8.12 29.11 27.92
N GLY A 104 -8.27 30.40 27.63
CA GLY A 104 -7.26 31.38 27.94
C GLY A 104 -6.12 31.47 26.95
N LYS A 105 -6.12 30.68 25.89
CA LYS A 105 -5.03 30.78 24.92
C LYS A 105 -5.22 32.04 24.05
N PRO A 106 -4.12 32.74 23.73
CA PRO A 106 -4.25 33.99 22.97
C PRO A 106 -4.93 33.79 21.62
N LEU A 107 -5.69 34.81 21.19
CA LEU A 107 -6.34 34.74 19.89
C LEU A 107 -5.30 34.62 18.78
N SER A 108 -4.10 35.16 18.99
CA SER A 108 -3.02 35.00 18.03
C SER A 108 -2.67 33.54 17.78
N GLU A 109 -2.95 32.66 18.76
CA GLU A 109 -2.78 31.23 18.55
C GLU A 109 -4.04 30.60 17.97
N THR A 110 -5.20 30.80 18.64
CA THR A 110 -6.40 30.08 18.28
C THR A 110 -6.88 30.41 16.88
N ALA A 111 -6.69 31.65 16.44
CA ALA A 111 -7.16 32.03 15.12
C ALA A 111 -6.26 31.51 14.01
N ALA A 112 -5.03 31.10 14.32
CA ALA A 112 -4.10 30.64 13.31
C ALA A 112 -3.91 29.12 13.31
N VAL A 113 -4.17 28.43 14.40
CA VAL A 113 -3.78 27.03 14.58
C VAL A 113 -4.97 26.13 14.85
N ASP A 114 -5.76 26.44 15.89
CA ASP A 114 -6.69 25.47 16.45
C ASP A 114 -7.71 24.98 15.42
N ILE A 115 -8.50 25.90 14.85
CA ILE A 115 -9.47 25.50 13.85
C ILE A 115 -8.78 25.22 12.51
N VAL A 116 -7.75 26.00 12.18
CA VAL A 116 -7.08 25.81 10.89
C VAL A 116 -6.58 24.38 10.74
N THR A 117 -5.86 23.89 11.75
CA THR A 117 -5.28 22.54 11.69
C THR A 117 -6.31 21.46 12.02
N GLY A 118 -7.32 21.78 12.83
CA GLY A 118 -8.40 20.83 13.02
C GLY A 118 -9.15 20.57 11.72
N ALA A 119 -9.47 21.65 11.01
CA ALA A 119 -10.13 21.53 9.72
C ALA A 119 -9.24 20.93 8.66
N ASP A 120 -7.92 21.15 8.73
CA ASP A 120 -7.02 20.52 7.77
C ASP A 120 -7.15 18.99 7.84
N VAL A 121 -7.26 18.44 9.06
CA VAL A 121 -7.34 17.00 9.21
C VAL A 121 -8.70 16.49 8.73
N LEU A 122 -9.78 17.22 9.03
CA LEU A 122 -11.09 16.82 8.50
C LEU A 122 -11.08 16.83 6.98
N GLU A 123 -10.51 17.89 6.40
CA GLU A 123 -10.42 18.02 4.95
C GLU A 123 -9.61 16.88 4.35
N TYR A 124 -8.48 16.54 4.99
CA TYR A 124 -7.65 15.44 4.55
C TYR A 124 -8.43 14.13 4.50
N TYR A 125 -9.08 13.76 5.60
CA TYR A 125 -9.78 12.48 5.64
C TYR A 125 -10.99 12.45 4.73
N ALA A 126 -11.69 13.58 4.57
CA ALA A 126 -12.83 13.61 3.66
C ALA A 126 -12.43 13.13 2.27
N GLY A 127 -11.27 13.57 1.78
CA GLY A 127 -10.80 13.17 0.47
C GLY A 127 -10.33 11.73 0.37
N LEU A 128 -9.95 11.11 1.49
CA LEU A 128 -9.44 9.75 1.46
C LEU A 128 -10.53 8.67 1.53
N ILE A 129 -11.77 9.02 1.84
CA ILE A 129 -12.81 8.01 1.99
C ILE A 129 -12.90 7.09 0.78
N PRO A 130 -12.91 7.58 -0.46
CA PRO A 130 -13.04 6.67 -1.62
C PRO A 130 -11.84 5.75 -1.82
N ALA A 131 -10.71 6.04 -1.17
CA ALA A 131 -9.50 5.25 -1.28
C ALA A 131 -9.41 4.15 -0.23
N LEU A 132 -10.36 4.05 0.67
CA LEU A 132 -10.36 3.02 1.69
C LEU A 132 -10.76 1.71 1.03
N GLU A 133 -9.80 0.78 0.91
CA GLU A 133 -9.97 -0.44 0.17
C GLU A 133 -9.54 -1.65 1.01
N GLY A 134 -10.18 -2.79 0.74
CA GLY A 134 -9.72 -4.07 1.20
C GLY A 134 -8.71 -4.68 0.25
N SER A 135 -8.55 -5.99 0.36
CA SER A 135 -7.57 -6.74 -0.43
CA SER A 135 -7.58 -6.73 -0.43
C SER A 135 -8.22 -7.98 -1.03
N GLN A 136 -7.51 -8.59 -1.98
CA GLN A 136 -7.92 -9.85 -2.58
C GLN A 136 -6.66 -10.70 -2.70
N ILE A 137 -6.75 -11.94 -2.24
CA ILE A 137 -5.61 -12.84 -2.17
C ILE A 137 -5.98 -14.13 -2.88
N PRO A 138 -5.34 -14.46 -4.00
CA PRO A 138 -5.63 -15.74 -4.66
C PRO A 138 -4.91 -16.87 -3.93
N LEU A 139 -5.65 -17.92 -3.62
CA LEU A 139 -5.07 -19.09 -2.98
C LEU A 139 -4.75 -20.19 -3.97
N ARG A 140 -5.64 -20.43 -4.91
CA ARG A 140 -5.56 -21.50 -5.90
C ARG A 140 -6.67 -21.23 -6.91
N ASP A 141 -6.66 -21.99 -7.99
CA ASP A 141 -7.65 -21.76 -9.04
C ASP A 141 -9.08 -21.80 -8.48
N SER A 142 -9.32 -22.65 -7.49
CA SER A 142 -10.66 -22.88 -6.97
C SER A 142 -10.98 -22.11 -5.69
N SER A 143 -10.11 -21.24 -5.20
CA SER A 143 -10.44 -20.51 -3.97
C SER A 143 -9.66 -19.22 -3.90
N PHE A 144 -10.33 -18.18 -3.40
CA PHE A 144 -9.67 -16.90 -3.15
C PHE A 144 -10.27 -16.25 -1.90
N VAL A 145 -9.54 -15.27 -1.37
CA VAL A 145 -9.92 -14.49 -0.21
C VAL A 145 -10.04 -13.03 -0.62
N TYR A 146 -11.04 -12.34 -0.07
CA TYR A 146 -11.06 -10.87 -0.10
C TYR A 146 -11.40 -10.36 1.28
N THR A 147 -10.96 -9.14 1.55
CA THR A 147 -11.18 -8.50 2.84
C THR A 147 -12.02 -7.25 2.67
N ARG A 148 -12.80 -6.94 3.71
CA ARG A 148 -13.54 -5.70 3.84
C ARG A 148 -12.98 -4.91 5.02
N ARG A 149 -12.90 -3.60 4.86
CA ARG A 149 -12.58 -2.70 5.97
C ARG A 149 -13.92 -2.14 6.45
N GLU A 150 -14.50 -2.81 7.45
CA GLU A 150 -15.83 -2.43 7.90
C GLU A 150 -15.76 -1.43 9.05
N PRO A 151 -16.75 -0.55 9.18
CA PRO A 151 -16.81 0.33 10.36
C PRO A 151 -16.86 -0.46 11.66
N LEU A 152 -16.22 0.10 12.70
CA LEU A 152 -16.35 -0.42 14.05
C LEU A 152 -17.76 -0.29 14.60
N GLY A 153 -18.49 0.75 14.20
CA GLY A 153 -19.81 1.02 14.73
C GLY A 153 -19.90 2.33 15.48
N VAL A 154 -20.07 2.27 16.80
CA VAL A 154 -20.08 3.46 17.65
C VAL A 154 -18.75 3.52 18.38
N VAL A 155 -18.05 4.65 18.24
CA VAL A 155 -16.79 4.86 18.94
C VAL A 155 -16.97 6.08 19.83
N ALA A 156 -16.10 6.20 20.82
CA ALA A 156 -16.13 7.33 21.74
C ALA A 156 -14.78 8.03 21.78
N GLY A 157 -14.82 9.35 21.84
CA GLY A 157 -13.63 10.16 22.01
C GLY A 157 -13.72 10.97 23.28
N ILE A 158 -12.61 11.05 24.01
CA ILE A 158 -12.50 11.80 25.24
C ILE A 158 -11.40 12.84 25.07
N GLY A 159 -11.77 14.10 25.11
CA GLY A 159 -10.89 15.20 24.77
C GLY A 159 -10.19 15.79 25.97
N ALA A 160 -9.21 16.63 25.69
CA ALA A 160 -8.47 17.34 26.74
C ALA A 160 -8.74 18.83 26.57
N TRP A 161 -8.28 19.63 27.54
CA TRP A 161 -8.68 21.02 27.59
C TRP A 161 -7.71 21.99 26.93
N ASN A 162 -6.58 21.52 26.42
CA ASN A 162 -5.61 22.46 25.87
C ASN A 162 -5.88 22.83 24.42
N TYR A 163 -6.39 21.90 23.63
CA TYR A 163 -6.76 22.16 22.23
C TYR A 163 -8.15 21.57 21.99
N PRO A 164 -9.20 22.15 22.57
CA PRO A 164 -10.50 21.46 22.59
C PRO A 164 -11.07 21.16 21.22
N ILE A 165 -11.17 22.15 20.33
CA ILE A 165 -11.81 21.85 19.04
C ILE A 165 -10.86 21.09 18.11
N GLN A 166 -9.56 21.36 18.17
CA GLN A 166 -8.62 20.57 17.38
C GLN A 166 -8.69 19.10 17.74
N ILE A 167 -8.69 18.79 19.04
CA ILE A 167 -8.80 17.40 19.47
C ILE A 167 -10.11 16.79 19.00
N ALA A 168 -11.21 17.52 19.13
CA ALA A 168 -12.50 17.02 18.65
C ALA A 168 -12.46 16.74 17.15
N LEU A 169 -11.79 17.59 16.37
CA LEU A 169 -11.74 17.35 14.93
C LEU A 169 -10.80 16.20 14.59
N TRP A 170 -9.66 16.10 15.29
CA TRP A 170 -8.70 15.04 14.98
C TRP A 170 -9.24 13.66 15.35
N LYS A 171 -10.13 13.58 16.34
CA LYS A 171 -10.73 12.31 16.69
C LYS A 171 -11.94 12.00 15.81
N SER A 172 -12.82 12.97 15.62
CA SER A 172 -14.06 12.72 14.87
C SER A 172 -13.79 12.54 13.37
N ALA A 173 -12.79 13.24 12.83
CA ALA A 173 -12.57 13.19 11.38
C ALA A 173 -12.28 11.79 10.86
N PRO A 174 -11.29 11.07 11.37
CA PRO A 174 -11.07 9.70 10.86
C PRO A 174 -12.21 8.75 11.23
N ALA A 175 -12.81 8.92 12.41
CA ALA A 175 -13.91 8.04 12.82
C ALA A 175 -15.10 8.18 11.88
N LEU A 176 -15.51 9.42 11.60
CA LEU A 176 -16.62 9.63 10.67
C LEU A 176 -16.23 9.20 9.26
N ALA A 177 -15.01 9.51 8.83
CA ALA A 177 -14.58 9.14 7.49
C ALA A 177 -14.53 7.63 7.31
N ALA A 178 -14.27 6.89 8.39
CA ALA A 178 -14.24 5.44 8.32
C ALA A 178 -15.64 4.81 8.40
N GLY A 179 -16.68 5.63 8.50
CA GLY A 179 -18.04 5.14 8.53
C GLY A 179 -18.63 4.94 9.90
N ASN A 180 -17.98 5.43 10.95
CA ASN A 180 -18.48 5.29 12.31
C ASN A 180 -19.28 6.51 12.74
N ALA A 181 -20.04 6.32 13.81
CA ALA A 181 -20.56 7.41 14.63
C ALA A 181 -19.64 7.59 15.84
N MET A 182 -19.47 8.83 16.27
CA MET A 182 -18.66 9.13 17.43
C MET A 182 -19.47 9.88 18.48
N ILE A 183 -19.39 9.42 19.72
CA ILE A 183 -19.86 10.18 20.88
C ILE A 183 -18.62 10.81 21.50
N PHE A 184 -18.62 12.14 21.64
CA PHE A 184 -17.45 12.88 22.08
C PHE A 184 -17.74 13.57 23.40
N LYS A 185 -16.86 13.38 24.38
CA LYS A 185 -16.96 14.06 25.66
C LYS A 185 -15.82 15.06 25.80
N PRO A 186 -16.06 16.35 25.72
CA PRO A 186 -14.99 17.32 25.97
C PRO A 186 -14.66 17.39 27.46
N SER A 187 -13.47 17.93 27.75
CA SER A 187 -13.11 18.22 29.13
C SER A 187 -14.14 19.18 29.73
N GLU A 188 -14.47 18.95 31.00
CA GLU A 188 -15.35 19.87 31.71
C GLU A 188 -14.77 21.27 31.77
N VAL A 189 -13.46 21.39 31.58
CA VAL A 189 -12.82 22.69 31.63
C VAL A 189 -13.17 23.50 30.39
N THR A 190 -13.41 22.82 29.26
CA THR A 190 -13.54 23.48 27.96
C THR A 190 -14.57 22.81 27.06
N PRO A 191 -15.85 22.86 27.44
CA PRO A 191 -16.88 22.13 26.69
C PRO A 191 -17.50 22.87 25.51
N LEU A 192 -17.22 24.14 25.32
CA LEU A 192 -18.10 24.96 24.48
C LEU A 192 -17.89 24.72 22.99
N THR A 193 -16.64 24.63 22.52
CA THR A 193 -16.46 24.53 21.07
C THR A 193 -16.91 23.18 20.53
N ALA A 194 -16.85 22.14 21.34
CA ALA A 194 -17.33 20.84 20.88
C ALA A 194 -18.82 20.89 20.56
N LEU A 195 -19.58 21.66 21.35
CA LEU A 195 -21.00 21.80 21.07
C LEU A 195 -21.22 22.57 19.78
N LYS A 196 -20.41 23.61 19.54
CA LYS A 196 -20.50 24.32 18.28
C LYS A 196 -20.18 23.40 17.11
N LEU A 197 -19.17 22.54 17.26
CA LEU A 197 -18.81 21.62 16.19
C LEU A 197 -19.97 20.69 15.85
N ALA A 198 -20.70 20.23 16.87
CA ALA A 198 -21.83 19.34 16.63
C ALA A 198 -22.89 20.01 15.76
N GLU A 199 -23.15 21.30 16.02
CA GLU A 199 -24.09 22.04 15.20
C GLU A 199 -23.61 22.14 13.76
N ILE A 200 -22.31 22.38 13.60
CA ILE A 200 -21.74 22.55 12.26
C ILE A 200 -21.86 21.27 11.46
N TYR A 201 -21.58 20.12 12.08
CA TYR A 201 -21.72 18.87 11.36
C TYR A 201 -23.15 18.69 10.85
N ARG A 202 -24.15 18.99 11.69
CA ARG A 202 -25.53 18.89 11.24
C ARG A 202 -25.83 19.84 10.10
N GLU A 203 -25.33 21.08 10.21
CA GLU A 203 -25.54 22.05 9.15
C GLU A 203 -24.94 21.54 7.85
N ALA A 204 -23.85 20.78 7.93
CA ALA A 204 -23.19 20.25 6.75
C ALA A 204 -23.93 19.08 6.15
N GLY A 205 -24.92 18.53 6.86
CA GLY A 205 -25.68 17.39 6.39
C GLY A 205 -25.34 16.07 7.04
N LEU A 206 -24.55 16.08 8.10
CA LEU A 206 -24.25 14.83 8.78
C LEU A 206 -25.54 14.23 9.35
N PRO A 207 -25.80 12.93 9.12
CA PRO A 207 -27.05 12.34 9.61
C PRO A 207 -27.14 12.43 11.13
N ASP A 208 -28.37 12.61 11.60
CA ASP A 208 -28.63 12.67 13.03
C ASP A 208 -28.08 11.45 13.75
N GLY A 209 -27.36 11.71 14.85
CA GLY A 209 -26.78 10.67 15.65
C GLY A 209 -25.33 10.34 15.34
N VAL A 210 -24.81 10.79 14.20
CA VAL A 210 -23.47 10.38 13.81
C VAL A 210 -22.40 11.07 14.65
N PHE A 211 -22.67 12.30 15.12
CA PHE A 211 -21.77 12.98 16.06
C PHE A 211 -22.58 13.56 17.20
N ASN A 212 -22.55 12.89 18.34
CA ASN A 212 -23.19 13.35 19.56
C ASN A 212 -22.12 13.85 20.54
N VAL A 213 -22.47 14.88 21.31
CA VAL A 213 -21.54 15.50 22.25
C VAL A 213 -22.17 15.45 23.64
N LEU A 214 -21.46 14.84 24.59
CA LEU A 214 -21.90 14.68 25.97
C LEU A 214 -20.92 15.39 26.91
N PRO A 215 -21.16 16.65 27.25
CA PRO A 215 -20.38 17.28 28.31
C PRO A 215 -20.58 16.55 29.64
N GLY A 216 -19.56 16.66 30.48
CA GLY A 216 -19.64 16.07 31.81
C GLY A 216 -18.26 15.99 32.44
N ILE A 217 -18.24 15.36 33.60
CA ILE A 217 -17.06 15.11 34.42
C ILE A 217 -16.45 13.78 34.04
N GLY A 218 -15.13 13.70 34.14
CA GLY A 218 -14.46 12.45 33.83
C GLY A 218 -14.93 11.31 34.71
N ALA A 219 -15.08 11.57 36.01
CA ALA A 219 -15.46 10.51 36.93
C ALA A 219 -16.85 9.94 36.68
N GLU A 220 -17.74 10.69 36.01
CA GLU A 220 -19.08 10.19 35.73
C GLU A 220 -19.34 9.97 34.24
N THR A 221 -19.42 11.05 33.46
CA THR A 221 -19.76 10.89 32.05
C THR A 221 -18.69 10.11 31.32
N GLY A 222 -17.42 10.43 31.56
CA GLY A 222 -16.35 9.73 30.88
C GLY A 222 -16.33 8.26 31.23
N GLN A 223 -16.53 7.94 32.52
CA GLN A 223 -16.54 6.55 32.94
C GLN A 223 -17.71 5.79 32.32
N TYR A 224 -18.89 6.42 32.24
CA TYR A 224 -20.03 5.73 31.65
C TYR A 224 -19.75 5.36 30.19
N LEU A 225 -19.07 6.23 29.45
CA LEU A 225 -18.70 5.91 28.08
C LEU A 225 -17.74 4.73 28.00
N THR A 226 -16.70 4.74 28.83
CA THR A 226 -15.73 3.65 28.79
C THR A 226 -16.37 2.32 29.20
N GLU A 227 -17.46 2.36 29.95
CA GLU A 227 -18.10 1.15 30.42
C GLU A 227 -19.24 0.67 29.53
N HIS A 228 -19.72 1.48 28.58
CA HIS A 228 -20.91 1.07 27.84
C HIS A 228 -20.61 -0.13 26.96
N PRO A 229 -21.45 -1.17 26.99
CA PRO A 229 -21.14 -2.40 26.24
C PRO A 229 -21.19 -2.26 24.73
N ASP A 230 -21.87 -1.25 24.18
CA ASP A 230 -22.06 -1.16 22.74
C ASP A 230 -21.14 -0.14 22.08
N ILE A 231 -20.14 0.36 22.78
CA ILE A 231 -19.12 1.23 22.22
C ILE A 231 -17.91 0.36 21.88
N ALA A 232 -17.46 0.45 20.63
CA ALA A 232 -16.45 -0.47 20.11
C ALA A 232 -15.02 0.02 20.29
N LYS A 233 -14.81 1.31 20.52
CA LYS A 233 -13.44 1.82 20.58
C LYS A 233 -13.47 3.10 21.40
N ILE A 234 -12.42 3.34 22.19
CA ILE A 234 -12.23 4.58 22.92
C ILE A 234 -10.96 5.25 22.42
N SER A 235 -11.02 6.53 22.11
CA SER A 235 -9.84 7.33 21.82
C SER A 235 -9.74 8.43 22.86
N PHE A 236 -8.59 8.50 23.53
CA PHE A 236 -8.39 9.30 24.74
C PHE A 236 -7.18 10.20 24.60
N THR A 237 -7.34 11.45 25.01
CA THR A 237 -6.23 12.39 25.14
C THR A 237 -6.24 12.95 26.55
N GLY A 238 -5.08 12.94 27.20
CA GLY A 238 -4.99 13.44 28.55
C GLY A 238 -3.69 13.02 29.21
N GLY A 239 -3.73 12.89 30.54
CA GLY A 239 -2.54 12.50 31.27
C GLY A 239 -2.44 11.01 31.49
N VAL A 240 -1.23 10.58 31.88
CA VAL A 240 -0.96 9.16 32.06
C VAL A 240 -1.84 8.58 33.17
N ALA A 241 -1.99 9.32 34.28
CA ALA A 241 -2.75 8.77 35.39
C ALA A 241 -4.17 8.44 34.98
N SER A 242 -4.82 9.37 34.26
CA SER A 242 -6.17 9.14 33.79
C SER A 242 -6.20 8.12 32.66
N GLY A 243 -5.15 8.10 31.83
CA GLY A 243 -5.09 7.09 30.79
C GLY A 243 -5.11 5.67 31.33
N LYS A 244 -4.39 5.41 32.42
CA LYS A 244 -4.41 4.07 32.98
C LYS A 244 -5.80 3.68 33.48
N LYS A 245 -6.50 4.61 34.16
CA LYS A 245 -7.87 4.29 34.58
C LYS A 245 -8.76 3.99 33.38
N VAL A 246 -8.64 4.77 32.30
CA VAL A 246 -9.49 4.56 31.13
C VAL A 246 -9.24 3.16 30.57
N MET A 247 -7.97 2.77 30.43
CA MET A 247 -7.66 1.45 29.88
C MET A 247 -8.27 0.35 30.74
N ALA A 248 -8.16 0.47 32.06
CA ALA A 248 -8.70 -0.57 32.94
C ALA A 248 -10.21 -0.73 32.75
N ASN A 249 -10.94 0.38 32.77
CA ASN A 249 -12.41 0.30 32.67
C ASN A 249 -12.83 -0.20 31.29
N SER A 250 -12.10 0.21 30.25
CA SER A 250 -12.42 -0.20 28.89
C SER A 250 -12.30 -1.72 28.75
N ALA A 251 -11.33 -2.32 29.41
CA ALA A 251 -11.15 -3.77 29.33
C ALA A 251 -12.16 -4.48 30.23
N ALA A 252 -12.31 -4.04 31.47
CA ALA A 252 -13.15 -4.73 32.44
C ALA A 252 -14.61 -4.85 31.98
N SER A 253 -15.14 -3.82 31.31
CA SER A 253 -16.56 -3.80 30.99
C SER A 253 -16.87 -4.57 29.72
N SER A 254 -16.30 -4.12 28.61
CA SER A 254 -16.53 -4.72 27.31
C SER A 254 -15.22 -4.52 26.57
N LEU A 255 -14.61 -5.59 26.08
CA LEU A 255 -13.32 -5.46 25.44
C LEU A 255 -13.48 -4.39 24.37
N LYS A 256 -12.61 -3.39 24.41
CA LYS A 256 -12.67 -2.27 23.48
C LYS A 256 -11.29 -1.97 22.94
N GLU A 257 -11.25 -1.63 21.64
CA GLU A 257 -10.07 -0.96 21.09
C GLU A 257 -9.87 0.36 21.82
N VAL A 258 -8.65 0.66 22.20
CA VAL A 258 -8.34 1.91 22.89
C VAL A 258 -7.14 2.56 22.22
N THR A 259 -7.25 3.86 21.94
CA THR A 259 -6.14 4.67 21.47
C THR A 259 -5.91 5.79 22.48
N MET A 260 -4.64 6.09 22.76
CA MET A 260 -4.33 7.11 23.75
C MET A 260 -3.10 7.93 23.40
N GLU A 261 -3.23 9.24 23.58
N GLU A 261 -3.19 9.22 23.68
CA GLU A 261 -2.12 10.18 23.55
CA GLU A 261 -2.08 10.16 23.52
C GLU A 261 -1.98 10.75 24.94
C GLU A 261 -1.91 10.86 24.85
N LEU A 262 -0.81 10.56 25.56
CA LEU A 262 -0.67 10.87 26.99
C LEU A 262 0.44 11.85 27.33
N GLY A 263 0.91 12.64 26.40
CA GLY A 263 1.94 13.60 26.78
C GLY A 263 3.28 12.95 27.00
N GLY A 264 4.23 13.75 27.47
CA GLY A 264 5.59 13.24 27.60
C GLY A 264 6.52 14.25 28.23
N LYS A 265 7.81 13.93 28.14
CA LYS A 265 8.90 14.82 28.52
C LYS A 265 9.91 14.81 27.38
N SER A 266 9.57 15.51 26.31
CA SER A 266 10.28 15.28 25.06
C SER A 266 11.62 16.02 25.04
N PRO A 267 12.69 15.37 24.54
CA PRO A 267 13.99 16.03 24.50
C PRO A 267 14.27 16.78 23.21
N LEU A 268 14.90 17.94 23.36
CA LEU A 268 15.40 18.73 22.25
C LEU A 268 16.93 18.77 22.34
N ILE A 269 17.59 18.20 21.34
CA ILE A 269 19.04 18.04 21.36
C ILE A 269 19.67 19.08 20.45
N ILE A 270 20.46 19.98 21.05
N ILE A 270 20.46 19.99 21.05
CA ILE A 270 21.20 20.99 20.30
CA ILE A 270 21.21 21.00 20.32
C ILE A 270 22.59 20.44 20.01
C ILE A 270 22.59 20.43 20.01
N ALA A 271 22.93 20.33 18.73
CA ALA A 271 24.25 19.86 18.41
C ALA A 271 25.26 21.00 18.56
N GLU A 272 26.52 20.59 18.68
CA GLU A 272 27.65 21.49 18.86
C GLU A 272 27.90 22.37 17.66
N ASP A 273 27.37 22.03 16.48
CA ASP A 273 27.53 22.85 15.28
C ASP A 273 26.26 23.63 14.94
N ALA A 274 25.31 23.68 15.87
CA ALA A 274 24.04 24.34 15.61
C ALA A 274 24.24 25.84 15.71
N ASN A 275 23.55 26.60 14.86
CA ASN A 275 23.43 28.03 15.08
C ASN A 275 22.58 28.24 16.33
N LEU A 276 23.11 28.98 17.32
CA LEU A 276 22.43 29.11 18.61
C LEU A 276 21.23 30.04 18.59
N ASP A 277 21.17 30.98 17.64
CA ASP A 277 19.94 31.75 17.47
C ASP A 277 18.82 30.83 17.01
N LEU A 278 19.10 29.96 16.04
CA LEU A 278 18.11 28.98 15.62
C LEU A 278 17.74 28.05 16.77
N ALA A 279 18.75 27.57 17.52
CA ALA A 279 18.49 26.67 18.63
C ALA A 279 17.61 27.33 19.69
N ALA A 280 17.89 28.59 20.02
CA ALA A 280 17.09 29.28 21.02
C ALA A 280 15.67 29.49 20.52
N ASP A 281 15.52 29.84 19.25
CA ASP A 281 14.20 30.03 18.68
C ASP A 281 13.37 28.75 18.73
N ILE A 282 13.98 27.62 18.38
CA ILE A 282 13.25 26.35 18.45
C ILE A 282 12.88 26.02 19.88
N ALA A 283 13.82 26.18 20.80
CA ALA A 283 13.55 25.90 22.21
C ALA A 283 12.41 26.75 22.73
N MET A 284 12.37 28.03 22.35
CA MET A 284 11.28 28.91 22.78
C MET A 284 9.94 28.38 22.30
N MET A 285 9.85 28.08 21.00
CA MET A 285 8.61 27.56 20.47
C MET A 285 8.29 26.17 21.04
N ALA A 286 9.30 25.45 21.51
CA ALA A 286 9.07 24.13 22.08
C ALA A 286 8.67 24.15 23.55
N ASN A 287 8.63 25.31 24.20
CA ASN A 287 8.36 25.35 25.63
C ASN A 287 7.26 26.32 26.05
N PHE A 288 7.06 27.40 25.31
CA PHE A 288 6.21 28.49 25.76
C PHE A 288 5.01 28.75 24.88
N TYR A 289 4.80 27.97 23.84
CA TYR A 289 3.57 28.08 23.06
C TYR A 289 2.38 27.55 23.86
N SER A 290 1.25 28.24 23.74
CA SER A 290 0.04 27.90 24.51
C SER A 290 0.37 27.87 26.01
N SER A 291 1.26 28.78 26.42
CA SER A 291 1.70 28.90 27.81
C SER A 291 2.19 27.57 28.36
N GLY A 292 2.85 26.81 27.50
CA GLY A 292 3.46 25.56 27.89
C GLY A 292 2.52 24.38 28.02
N GLN A 293 1.27 24.51 27.62
CA GLN A 293 0.28 23.45 27.82
C GLN A 293 0.15 22.61 26.56
N VAL A 294 1.27 22.05 26.10
CA VAL A 294 1.32 21.27 24.86
C VAL A 294 2.02 19.95 25.14
N CYS A 295 1.39 18.85 24.71
CA CYS A 295 1.88 17.51 25.01
C CYS A 295 3.27 17.25 24.43
N THR A 296 3.56 17.79 23.26
CA THR A 296 4.79 17.50 22.53
C THR A 296 5.94 18.43 22.89
N ASN A 297 5.77 19.29 23.88
CA ASN A 297 6.77 20.29 24.17
C ASN A 297 8.13 19.67 24.53
N GLY A 298 9.19 20.34 24.06
CA GLY A 298 10.55 19.92 24.27
C GLY A 298 11.11 20.49 25.55
N THR A 299 10.68 19.93 26.67
CA THR A 299 10.91 20.52 27.99
C THR A 299 12.25 20.12 28.60
N ARG A 300 12.96 19.15 28.03
CA ARG A 300 14.36 18.87 28.36
C ARG A 300 15.20 19.35 27.19
N VAL A 301 15.91 20.46 27.38
CA VAL A 301 16.73 21.06 26.35
C VAL A 301 18.19 20.71 26.63
N PHE A 302 18.76 19.87 25.77
CA PHE A 302 20.13 19.41 25.92
C PHE A 302 21.04 20.32 25.10
N VAL A 303 21.98 20.97 25.79
CA VAL A 303 22.88 21.92 25.14
C VAL A 303 24.31 21.47 25.42
N PRO A 304 25.20 21.50 24.43
CA PRO A 304 26.61 21.16 24.71
C PRO A 304 27.19 22.09 25.77
N ALA A 305 28.01 21.51 26.65
CA ALA A 305 28.56 22.27 27.76
C ALA A 305 29.31 23.52 27.31
N LYS A 306 30.05 23.43 26.20
CA LYS A 306 30.84 24.58 25.72
C LYS A 306 30.00 25.78 25.26
N PHE A 307 28.71 25.56 25.04
CA PHE A 307 27.81 26.64 24.55
C PHE A 307 26.67 26.90 25.52
N LYS A 308 26.74 26.35 26.73
CA LYS A 308 25.62 26.46 27.64
C LYS A 308 25.40 27.91 28.06
N ALA A 309 26.49 28.59 28.45
CA ALA A 309 26.37 29.96 28.93
C ALA A 309 25.83 30.89 27.85
N GLU A 310 26.34 30.77 26.63
CA GLU A 310 25.83 31.59 25.54
C GLU A 310 24.37 31.27 25.22
N PHE A 311 24.00 30.00 25.23
CA PHE A 311 22.61 29.61 24.99
C PHE A 311 21.68 30.20 26.06
N GLU A 312 22.11 30.15 27.33
CA GLU A 312 21.28 30.71 28.39
C GLU A 312 21.04 32.20 28.18
N HIS A 313 22.06 32.92 27.76
N HIS A 313 22.05 32.93 27.74
CA HIS A 313 21.92 34.34 27.45
CA HIS A 313 21.83 34.35 27.52
C HIS A 313 20.85 34.55 26.38
C HIS A 313 20.89 34.60 26.34
N LYS A 314 20.92 33.73 25.32
CA LYS A 314 19.98 33.89 24.22
C LYS A 314 18.56 33.57 24.63
N ILE A 315 18.39 32.59 25.53
CA ILE A 315 17.06 32.29 26.06
C ILE A 315 16.54 33.47 26.85
N LEU A 316 17.37 34.07 27.69
CA LEU A 316 16.92 35.22 28.47
C LEU A 316 16.45 36.36 27.59
N GLU A 317 17.16 36.63 26.49
CA GLU A 317 16.72 37.70 25.59
C GLU A 317 15.33 37.39 25.02
N ARG A 318 15.10 36.14 24.61
CA ARG A 318 13.83 35.84 23.98
C ARG A 318 12.69 35.77 25.00
N VAL A 319 12.97 35.28 26.22
CA VAL A 319 11.95 35.29 27.26
C VAL A 319 11.48 36.69 27.58
N GLY A 320 12.38 37.67 27.49
CA GLY A 320 11.98 39.06 27.69
C GLY A 320 10.98 39.56 26.67
N ARG A 321 10.87 38.89 25.53
CA ARG A 321 9.93 39.28 24.49
C ARG A 321 8.57 38.65 24.63
N ILE A 322 8.37 37.77 25.61
CA ILE A 322 7.07 37.17 25.82
C ILE A 322 6.12 38.26 26.29
N ARG A 323 4.97 38.38 25.61
CA ARG A 323 4.00 39.45 25.80
C ARG A 323 2.68 38.92 26.34
N ALA A 324 2.55 39.02 27.65
CA ALA A 324 1.29 38.74 28.34
C ALA A 324 0.41 39.97 28.31
N GLY A 325 -0.88 39.76 28.12
CA GLY A 325 -1.82 40.87 28.09
C GLY A 325 -3.17 40.45 27.55
N ASP A 326 -3.90 41.43 27.03
CA ASP A 326 -5.22 41.22 26.45
C ASP A 326 -5.20 40.09 25.44
N LEU A 327 -6.00 39.06 25.70
CA LEU A 327 -5.94 37.86 24.87
C LEU A 327 -6.47 38.09 23.46
N PHE A 328 -7.20 39.18 23.23
CA PHE A 328 -7.71 39.48 21.89
C PHE A 328 -6.85 40.50 21.17
N ALA A 329 -5.76 40.95 21.78
CA ALA A 329 -4.82 41.86 21.15
C ALA A 329 -3.83 41.10 20.26
N ASP A 330 -3.53 41.68 19.10
CA ASP A 330 -2.72 40.97 18.12
C ASP A 330 -1.33 40.66 18.66
N ASP A 331 -0.77 41.52 19.49
CA ASP A 331 0.60 41.31 19.97
C ASP A 331 0.70 40.44 21.22
N THR A 332 -0.42 40.01 21.80
CA THR A 332 -0.32 39.09 22.93
C THR A 332 0.04 37.70 22.43
N ASN A 333 1.08 37.09 23.02
CA ASN A 333 1.53 35.77 22.59
C ASN A 333 1.70 34.84 23.78
N PHE A 334 1.07 35.17 24.91
CA PHE A 334 1.18 34.39 26.14
C PHE A 334 -0.07 34.61 26.97
N GLY A 335 -0.66 33.51 27.42
CA GLY A 335 -1.89 33.56 28.16
C GLY A 335 -1.74 32.94 29.53
N PRO A 336 -2.80 33.00 30.34
CA PRO A 336 -2.79 32.27 31.61
C PRO A 336 -2.88 30.78 31.37
N LEU A 337 -2.65 30.03 32.43
CA LEU A 337 -2.93 28.61 32.39
C LEU A 337 -4.46 28.42 32.43
N VAL A 338 -4.89 27.19 32.11
CA VAL A 338 -6.31 26.95 31.93
C VAL A 338 -7.12 27.04 33.21
N SER A 339 -6.51 26.90 34.39
CA SER A 339 -7.25 26.87 35.64
C SER A 339 -6.30 27.16 36.80
N PHE A 340 -6.88 27.49 37.95
CA PHE A 340 -6.09 27.78 39.14
C PHE A 340 -5.51 26.50 39.71
N PRO A 341 -6.26 25.39 39.74
CA PRO A 341 -5.62 24.12 40.14
C PRO A 341 -4.44 23.72 39.27
N HIS A 342 -4.51 23.93 37.95
CA HIS A 342 -3.38 23.54 37.12
C HIS A 342 -2.17 24.42 37.40
N ARG A 343 -2.39 25.73 37.58
CA ARG A 343 -1.29 26.60 37.95
C ARG A 343 -0.67 26.19 39.28
N GLN A 344 -1.49 25.78 40.24
CA GLN A 344 -0.97 25.33 41.53
C GLN A 344 -0.01 24.16 41.34
N ASN A 345 -0.39 23.23 40.47
CA ASN A 345 0.48 22.10 40.17
C ASN A 345 1.77 22.55 39.51
N VAL A 346 1.68 23.52 38.59
CA VAL A 346 2.87 24.03 37.94
C VAL A 346 3.77 24.71 38.96
N LEU A 347 3.18 25.47 39.89
CA LEU A 347 3.94 26.15 40.92
C LEU A 347 4.66 25.17 41.85
N ARG A 348 4.03 24.03 42.15
CA ARG A 348 4.71 23.04 42.98
C ARG A 348 5.94 22.47 42.27
N TYR A 349 5.86 22.26 40.96
CA TYR A 349 7.03 21.78 40.25
C TYR A 349 8.13 22.82 40.28
N ILE A 350 7.77 24.08 40.10
CA ILE A 350 8.75 25.16 40.15
C ILE A 350 9.44 25.16 41.52
N GLU A 351 8.66 25.02 42.59
CA GLU A 351 9.24 24.98 43.93
C GLU A 351 10.18 23.80 44.11
N SER A 352 9.83 22.64 43.54
CA SER A 352 10.73 21.50 43.65
C SER A 352 12.05 21.77 42.92
N GLY A 353 11.99 22.45 41.79
CA GLY A 353 13.22 22.81 41.11
C GLY A 353 14.12 23.66 41.99
N LYS A 354 13.55 24.67 42.64
CA LYS A 354 14.34 25.50 43.53
C LYS A 354 14.91 24.69 44.69
N SER A 355 14.08 23.86 45.31
CA SER A 355 14.53 23.12 46.50
C SER A 355 15.49 22.00 46.16
N GLU A 356 15.50 21.51 44.93
CA GLU A 356 16.42 20.46 44.53
C GLU A 356 17.71 21.00 43.92
N GLY A 357 17.90 22.31 43.90
CA GLY A 357 19.17 22.89 43.52
C GLY A 357 19.30 23.30 42.07
N ALA A 358 18.24 23.21 41.28
CA ALA A 358 18.29 23.77 39.94
C ALA A 358 18.45 25.29 40.04
N ARG A 359 19.17 25.86 39.07
CA ARG A 359 19.38 27.30 39.07
C ARG A 359 18.24 27.96 38.31
N LEU A 360 17.55 28.89 38.97
CA LEU A 360 16.46 29.61 38.33
C LEU A 360 17.06 30.69 37.46
N LEU A 361 16.89 30.56 36.15
CA LEU A 361 17.44 31.54 35.23
C LEU A 361 16.50 32.72 35.07
N CYS A 362 15.19 32.47 35.06
CA CYS A 362 14.20 33.54 35.01
C CYS A 362 12.83 33.01 35.40
N GLY A 363 11.94 33.95 35.72
CA GLY A 363 10.56 33.61 36.01
C GLY A 363 10.33 32.98 37.36
N GLY A 364 9.42 32.01 37.41
CA GLY A 364 9.21 31.28 38.64
C GLY A 364 8.11 31.77 39.55
N ASP A 365 7.28 32.74 39.14
CA ASP A 365 6.25 33.21 40.05
C ASP A 365 4.96 33.51 39.32
N VAL A 366 3.88 33.67 40.09
CA VAL A 366 2.62 34.13 39.52
C VAL A 366 2.79 35.57 39.04
N LEU A 367 1.99 35.95 38.04
CA LEU A 367 1.91 37.34 37.63
C LEU A 367 0.90 38.09 38.49
N LYS A 368 1.20 39.37 38.74
CA LYS A 368 0.43 40.22 39.62
C LYS A 368 0.14 41.56 38.95
N GLY A 369 -0.91 42.21 39.41
CA GLY A 369 -1.31 43.51 38.92
C GLY A 369 -2.66 43.46 38.21
N GLU A 370 -3.12 44.65 37.83
CA GLU A 370 -4.39 44.75 37.11
C GLU A 370 -4.31 43.92 35.84
N GLY A 371 -5.34 43.11 35.60
CA GLY A 371 -5.39 42.23 34.45
C GLY A 371 -4.79 40.85 34.65
N PHE A 372 -4.14 40.60 35.79
CA PHE A 372 -3.55 39.31 36.09
C PHE A 372 -4.11 38.70 37.37
N ASP A 373 -4.57 39.54 38.29
CA ASP A 373 -4.96 39.07 39.62
C ASP A 373 -6.10 38.05 39.53
N ASN A 374 -6.93 38.14 38.49
CA ASN A 374 -8.08 37.25 38.39
C ASN A 374 -7.84 36.08 37.46
N GLY A 375 -6.64 35.96 36.91
CA GLY A 375 -6.34 34.86 36.03
C GLY A 375 -5.26 33.95 36.58
N ALA A 376 -5.15 32.75 36.02
CA ALA A 376 -4.22 31.74 36.49
C ALA A 376 -2.89 31.89 35.75
N TRP A 377 -2.30 33.08 35.86
CA TRP A 377 -1.10 33.43 35.11
C TRP A 377 0.16 32.99 35.86
N VAL A 378 1.10 32.40 35.13
CA VAL A 378 2.43 32.08 35.62
C VAL A 378 3.47 32.67 34.67
N ALA A 379 4.51 33.28 35.23
CA ALA A 379 5.59 33.84 34.41
C ALA A 379 6.34 32.73 33.68
N PRO A 380 6.77 32.98 32.44
CA PRO A 380 7.66 32.03 31.74
C PRO A 380 8.94 31.75 32.53
N THR A 381 9.22 30.47 32.75
CA THR A 381 10.22 30.03 33.71
C THR A 381 11.26 29.13 33.05
N VAL A 382 12.54 29.40 33.32
CA VAL A 382 13.64 28.59 32.80
C VAL A 382 14.54 28.16 33.95
N PHE A 383 14.78 26.87 34.06
CA PHE A 383 15.79 26.32 34.96
C PHE A 383 17.01 25.84 34.18
N THR A 384 18.18 25.99 34.79
CA THR A 384 19.40 25.48 34.21
C THR A 384 20.21 24.80 35.30
N ASP A 385 21.37 24.25 34.92
CA ASP A 385 22.17 23.40 35.80
C ASP A 385 21.36 22.20 36.31
N CYS A 386 20.49 21.69 35.45
CA CYS A 386 19.61 20.59 35.82
C CYS A 386 20.33 19.25 35.69
N THR A 387 19.85 18.27 36.43
CA THR A 387 20.37 16.92 36.38
C THR A 387 19.23 15.93 36.22
N ASP A 388 19.56 14.74 35.74
CA ASP A 388 18.53 13.83 35.25
C ASP A 388 17.62 13.33 36.37
N ASP A 389 18.08 13.39 37.61
CA ASP A 389 17.29 12.87 38.72
C ASP A 389 16.29 13.88 39.27
N MET A 390 16.31 15.13 38.79
CA MET A 390 15.44 16.14 39.36
C MET A 390 13.99 15.92 38.92
N THR A 391 13.07 16.27 39.81
CA THR A 391 11.64 16.14 39.53
C THR A 391 11.21 16.94 38.29
N ILE A 392 11.69 18.18 38.15
CA ILE A 392 11.27 18.98 37.00
C ILE A 392 11.78 18.40 35.69
N VAL A 393 12.83 17.60 35.73
CA VAL A 393 13.37 16.97 34.54
C VAL A 393 12.67 15.66 34.25
N ARG A 394 12.21 14.94 35.26
CA ARG A 394 11.63 13.59 35.02
C ARG A 394 10.12 13.62 34.78
N GLU A 395 9.42 14.66 35.20
CA GLU A 395 7.96 14.63 35.16
C GLU A 395 7.40 15.73 34.26
N GLU A 396 6.31 15.40 33.57
CA GLU A 396 5.64 16.39 32.73
C GLU A 396 4.97 17.45 33.60
N ILE A 397 5.26 18.71 33.30
CA ILE A 397 4.75 19.83 34.07
C ILE A 397 3.52 20.44 33.40
N PHE A 398 3.52 20.49 32.08
CA PHE A 398 2.41 21.05 31.32
C PHE A 398 2.19 22.52 31.68
N GLY A 399 3.30 23.22 31.89
CA GLY A 399 3.30 24.66 32.02
C GLY A 399 4.55 25.25 31.42
N PRO A 400 4.72 26.55 31.57
CA PRO A 400 5.85 27.24 30.92
C PRO A 400 7.14 27.11 31.72
N VAL A 401 7.72 25.90 31.70
CA VAL A 401 8.90 25.58 32.48
C VAL A 401 9.92 24.79 31.64
N MET A 402 10.98 25.46 31.21
CA MET A 402 12.06 24.86 30.45
C MET A 402 13.17 24.38 31.37
N SER A 403 13.68 23.18 31.11
CA SER A 403 14.84 22.64 31.81
C SER A 403 16.01 22.51 30.84
N ILE A 404 17.10 23.20 31.15
CA ILE A 404 18.29 23.21 30.31
C ILE A 404 19.30 22.25 30.97
N LEU A 405 19.78 21.27 30.20
CA LEU A 405 20.73 20.28 30.68
C LEU A 405 21.97 20.31 29.80
N SER A 406 23.14 20.28 30.40
CA SER A 406 24.40 20.22 29.66
CA SER A 406 24.38 20.23 29.63
C SER A 406 24.76 18.77 29.36
N TYR A 407 25.49 18.57 28.27
CA TYR A 407 26.00 17.25 27.91
C TYR A 407 27.36 17.41 27.23
N ASP A 408 28.08 16.31 27.12
CA ASP A 408 29.44 16.32 26.57
C ASP A 408 29.54 15.64 25.21
N ASP A 409 28.94 14.46 25.03
CA ASP A 409 29.18 13.67 23.83
C ASP A 409 27.87 13.08 23.31
N GLU A 410 27.90 12.66 22.04
CA GLU A 410 26.67 12.28 21.35
C GLU A 410 26.06 11.02 21.94
N ALA A 411 26.88 10.01 22.22
CA ALA A 411 26.36 8.78 22.79
C ALA A 411 25.69 9.05 24.13
N GLU A 412 26.29 9.94 24.92
CA GLU A 412 25.73 10.31 26.23
C GLU A 412 24.35 10.93 26.07
N VAL A 413 24.20 11.88 25.16
CA VAL A 413 22.96 12.62 25.07
C VAL A 413 21.84 11.73 24.56
N ILE A 414 22.15 10.79 23.67
CA ILE A 414 21.15 9.83 23.19
C ILE A 414 20.65 8.96 24.35
N ARG A 415 21.58 8.50 25.20
N ARG A 415 21.58 8.46 25.17
CA ARG A 415 21.24 7.67 26.34
CA ARG A 415 21.16 7.66 26.32
C ARG A 415 20.35 8.41 27.32
C ARG A 415 20.24 8.46 27.22
N ARG A 416 20.69 9.66 27.62
CA ARG A 416 19.92 10.45 28.58
C ARG A 416 18.59 10.88 27.97
N ALA A 417 18.57 11.21 26.69
CA ALA A 417 17.31 11.54 26.05
C ALA A 417 16.33 10.38 26.14
N ASN A 418 16.82 9.15 25.97
CA ASN A 418 15.99 7.96 25.96
C ASN A 418 15.70 7.39 27.35
N ALA A 419 16.39 7.84 28.40
CA ALA A 419 16.23 7.27 29.73
C ALA A 419 15.00 7.90 30.39
N THR A 420 13.85 7.51 29.88
CA THR A 420 12.58 8.05 30.37
C THR A 420 11.49 7.07 30.00
N GLU A 421 10.44 7.06 30.81
CA GLU A 421 9.26 6.27 30.52
C GLU A 421 8.40 6.89 29.43
N TYR A 422 8.58 8.17 29.16
CA TYR A 422 7.81 8.83 28.13
C TYR A 422 8.49 8.65 26.78
N GLY A 423 7.74 8.89 25.72
CA GLY A 423 8.23 8.71 24.37
C GLY A 423 7.53 9.49 23.29
N LEU A 424 7.00 10.69 23.58
CA LEU A 424 6.08 11.30 22.62
C LEU A 424 6.85 11.94 21.47
N ALA A 425 7.70 12.92 21.75
CA ALA A 425 8.39 13.66 20.71
C ALA A 425 9.87 13.83 21.01
N ALA A 426 10.59 14.35 20.02
CA ALA A 426 12.01 14.66 20.13
C ALA A 426 12.41 15.55 18.97
N GLY A 427 13.57 16.20 19.11
CA GLY A 427 14.11 16.98 18.01
C GLY A 427 15.61 17.15 18.13
N VAL A 428 16.22 17.48 16.99
CA VAL A 428 17.65 17.76 16.94
C VAL A 428 17.88 19.00 16.09
N VAL A 429 18.83 19.82 16.51
CA VAL A 429 19.21 21.02 15.77
C VAL A 429 20.64 20.82 15.31
N THR A 430 20.83 20.71 13.99
CA THR A 430 22.17 20.51 13.45
C THR A 430 22.12 20.72 11.95
N PRO A 431 23.13 21.36 11.36
CA PRO A 431 23.20 21.50 9.91
C PRO A 431 23.82 20.30 9.21
N ASP A 432 24.31 19.33 9.96
CA ASP A 432 25.07 18.22 9.41
C ASP A 432 24.13 17.09 9.00
N LEU A 433 24.27 16.65 7.76
CA LEU A 433 23.42 15.59 7.21
C LEU A 433 23.51 14.32 8.05
N ASN A 434 24.72 13.84 8.27
CA ASN A 434 24.89 12.57 8.98
C ASN A 434 24.41 12.67 10.43
N ARG A 435 24.76 13.76 11.10
CA ARG A 435 24.38 13.89 12.50
C ARG A 435 22.88 13.92 12.68
N ALA A 436 22.16 14.63 11.82
CA ALA A 436 20.72 14.79 12.00
C ALA A 436 19.99 13.45 11.92
N HIS A 437 20.21 12.70 10.84
CA HIS A 437 19.54 11.42 10.68
C HIS A 437 20.07 10.38 11.66
N ARG A 438 21.38 10.39 11.89
CA ARG A 438 22.00 9.43 12.79
C ARG A 438 21.41 9.51 14.19
N ILE A 439 21.28 10.74 14.71
CA ILE A 439 20.74 10.90 16.05
C ILE A 439 19.25 10.57 16.09
N ILE A 440 18.49 11.11 15.13
CA ILE A 440 17.04 10.92 15.16
C ILE A 440 16.69 9.43 15.12
N HIS A 441 17.43 8.65 14.32
CA HIS A 441 17.09 7.24 14.20
C HIS A 441 17.28 6.47 15.51
N GLN A 442 18.09 6.99 16.44
CA GLN A 442 18.30 6.34 17.72
C GLN A 442 17.35 6.80 18.82
N LEU A 443 16.55 7.83 18.58
CA LEU A 443 15.69 8.38 19.62
C LEU A 443 14.40 7.59 19.73
N GLU A 444 13.97 7.35 20.97
CA GLU A 444 12.77 6.55 21.23
C GLU A 444 11.56 7.46 21.39
N ALA A 445 11.11 7.98 20.25
CA ALA A 445 9.96 8.86 20.22
C ALA A 445 9.24 8.72 18.89
N GLY A 446 7.93 8.97 18.92
CA GLY A 446 7.09 8.76 17.76
C GLY A 446 7.06 9.97 16.83
N ILE A 447 7.46 11.14 17.32
CA ILE A 447 7.34 12.39 16.58
C ILE A 447 8.69 13.09 16.70
N CYS A 448 9.42 13.19 15.58
CA CYS A 448 10.78 13.71 15.60
C CYS A 448 10.90 14.85 14.60
N TRP A 449 11.48 15.96 15.06
CA TRP A 449 11.64 17.18 14.28
C TRP A 449 13.12 17.50 14.12
N ILE A 450 13.52 17.79 12.89
CA ILE A 450 14.89 18.20 12.59
C ILE A 450 14.87 19.68 12.23
N ASN A 451 15.55 20.49 13.04
CA ASN A 451 15.67 21.94 12.82
C ASN A 451 14.33 22.64 12.81
N SER A 452 13.38 22.16 13.60
CA SER A 452 12.05 22.75 13.72
CA SER A 452 12.05 22.74 13.70
C SER A 452 11.39 22.14 14.95
N TRP A 453 10.15 22.55 15.19
CA TRP A 453 9.37 21.96 16.28
C TRP A 453 7.90 22.29 16.07
N GLY A 454 7.04 21.32 16.37
CA GLY A 454 5.63 21.53 16.60
C GLY A 454 4.73 21.29 15.41
N GLU A 455 5.27 21.30 14.20
CA GLU A 455 4.42 21.15 13.01
C GLU A 455 3.90 19.72 12.91
N SER A 456 2.60 19.59 12.71
CA SER A 456 1.92 18.29 12.71
C SER A 456 1.04 18.15 11.49
N PRO A 457 1.62 17.90 10.32
CA PRO A 457 0.81 17.84 9.09
C PRO A 457 -0.23 16.74 9.18
N ALA A 458 -1.38 16.97 8.52
CA ALA A 458 -2.45 15.97 8.50
C ALA A 458 -1.96 14.62 7.98
N GLU A 459 -0.96 14.63 7.10
CA GLU A 459 -0.44 13.40 6.51
C GLU A 459 0.42 12.60 7.48
N MET A 460 0.91 13.21 8.56
CA MET A 460 1.96 12.62 9.37
C MET A 460 1.42 11.90 10.60
N PRO A 461 1.55 10.57 10.69
CA PRO A 461 1.10 9.90 11.92
C PRO A 461 1.90 10.39 13.12
N VAL A 462 1.19 10.65 14.22
CA VAL A 462 1.77 11.18 15.45
C VAL A 462 1.23 10.39 16.64
N GLY A 463 2.11 10.03 17.55
CA GLY A 463 1.74 9.29 18.74
C GLY A 463 3.00 8.92 19.49
N GLY A 464 2.80 8.30 20.64
CA GLY A 464 3.87 8.10 21.58
C GLY A 464 4.46 6.70 21.58
N TYR A 465 5.76 6.63 21.86
CA TYR A 465 6.38 5.40 22.29
C TYR A 465 6.13 5.19 23.79
N LYS A 466 6.39 3.96 24.25
CA LYS A 466 6.47 3.66 25.70
C LYS A 466 5.21 4.17 26.39
N HIS A 467 5.31 4.91 27.50
CA HIS A 467 4.14 5.29 28.27
C HIS A 467 3.45 6.54 27.74
N SER A 468 3.87 7.04 26.58
CA SER A 468 3.26 8.22 26.02
C SER A 468 2.05 7.93 25.15
N GLY A 469 1.75 6.67 24.85
CA GLY A 469 0.48 6.41 24.20
C GLY A 469 0.35 5.02 23.64
N ILE A 470 -0.83 4.80 23.05
N ILE A 470 -0.82 4.81 23.03
CA ILE A 470 -1.17 3.60 22.32
CA ILE A 470 -1.14 3.58 22.31
C ILE A 470 -1.76 4.04 20.99
C ILE A 470 -1.77 4.01 20.99
N GLY A 471 -1.25 3.47 19.90
CA GLY A 471 -1.77 3.83 18.60
C GLY A 471 -1.28 5.20 18.15
N ARG A 472 -1.91 5.68 17.09
CA ARG A 472 -1.51 6.91 16.43
C ARG A 472 -2.73 7.69 16.00
N GLU A 473 -2.52 8.98 15.72
CA GLU A 473 -3.52 9.84 15.11
C GLU A 473 -2.93 10.46 13.84
N ASN A 474 -3.83 10.84 12.93
CA ASN A 474 -3.50 11.40 11.62
C ASN A 474 -2.81 10.41 10.69
N GLY A 475 -2.66 10.78 9.43
CA GLY A 475 -2.12 9.89 8.42
C GLY A 475 -3.14 8.86 7.95
N VAL A 476 -2.79 8.19 6.85
CA VAL A 476 -3.68 7.18 6.28
CA VAL A 476 -3.70 7.20 6.29
C VAL A 476 -3.93 6.05 7.27
N MET A 477 -2.92 5.73 8.09
CA MET A 477 -3.06 4.57 8.97
C MET A 477 -4.15 4.79 10.01
N THR A 478 -4.39 6.03 10.44
CA THR A 478 -5.41 6.25 11.45
C THR A 478 -6.80 6.11 10.88
N LEU A 479 -7.01 6.44 9.61
CA LEU A 479 -8.27 6.12 8.96
C LEU A 479 -8.53 4.63 8.98
N GLN A 480 -7.52 3.84 8.63
CA GLN A 480 -7.65 2.39 8.64
C GLN A 480 -7.88 1.87 10.04
N SER A 481 -7.30 2.53 11.05
CA SER A 481 -7.44 2.09 12.44
C SER A 481 -8.86 2.26 12.97
N TYR A 482 -9.70 3.03 12.29
CA TYR A 482 -11.11 3.14 12.64
C TYR A 482 -11.98 2.20 11.83
N THR A 483 -11.37 1.24 11.15
CA THR A 483 -12.06 0.11 10.56
C THR A 483 -11.57 -1.16 11.22
N GLN A 484 -12.31 -2.24 11.00
CA GLN A 484 -11.94 -3.59 11.40
C GLN A 484 -11.95 -4.49 10.17
N VAL A 485 -10.98 -5.39 10.09
CA VAL A 485 -10.85 -6.25 8.92
C VAL A 485 -11.76 -7.47 9.06
N LYS A 486 -12.54 -7.73 8.02
CA LYS A 486 -13.25 -8.99 7.83
C LYS A 486 -12.59 -9.71 6.65
N SER A 487 -12.08 -10.91 6.89
CA SER A 487 -11.54 -11.77 5.85
C SER A 487 -12.57 -12.78 5.40
N ILE A 488 -12.75 -12.90 4.08
CA ILE A 488 -13.79 -13.73 3.49
C ILE A 488 -13.14 -14.68 2.48
N GLN A 489 -13.26 -15.97 2.72
CA GLN A 489 -12.76 -16.97 1.79
C GLN A 489 -13.91 -17.52 0.96
N VAL A 490 -13.75 -17.48 -0.36
CA VAL A 490 -14.68 -18.10 -1.29
C VAL A 490 -14.07 -19.42 -1.72
N GLU A 491 -14.69 -20.52 -1.33
CA GLU A 491 -14.25 -21.87 -1.70
C GLU A 491 -15.20 -22.38 -2.78
N MET A 492 -14.69 -22.44 -4.01
CA MET A 492 -15.46 -22.90 -5.16
C MET A 492 -15.26 -24.37 -5.45
N GLY A 493 -14.29 -25.02 -4.83
CA GLY A 493 -14.07 -26.43 -5.05
C GLY A 493 -14.92 -27.24 -4.08
N PRO A 494 -14.92 -28.56 -4.23
CA PRO A 494 -15.73 -29.40 -3.33
C PRO A 494 -15.06 -29.53 -1.96
N PHE A 495 -15.83 -29.29 -0.91
CA PHE A 495 -15.28 -29.38 0.44
C PHE A 495 -15.19 -30.85 0.86
N GLN A 496 -14.04 -31.20 1.42
CA GLN A 496 -13.78 -32.57 1.87
C GLN A 496 -13.71 -32.60 3.38
N SER A 497 -14.53 -33.46 3.99
CA SER A 497 -14.47 -33.74 5.41
C SER A 497 -13.75 -35.04 5.69
N ILE A 498 -12.98 -35.08 6.79
CA ILE A 498 -12.33 -36.30 7.23
C ILE A 498 -13.23 -37.16 8.10
N PHE A 499 -14.46 -36.71 8.40
CA PHE A 499 -15.43 -37.53 9.08
C PHE A 499 -16.49 -38.11 8.14
N ARG B 12 39.02 -23.87 -25.33
CA ARG B 12 37.80 -23.76 -26.13
C ARG B 12 36.71 -24.66 -25.55
N MET B 13 35.48 -24.15 -25.55
CA MET B 13 34.32 -24.88 -25.06
CA MET B 13 34.32 -24.88 -25.06
C MET B 13 33.60 -25.57 -26.20
N ALA B 14 32.61 -26.38 -25.84
CA ALA B 14 31.76 -27.04 -26.83
C ALA B 14 30.83 -26.03 -27.47
N GLU B 15 30.35 -26.35 -28.66
CA GLU B 15 29.39 -25.48 -29.33
C GLU B 15 28.17 -25.31 -28.43
N GLN B 16 27.74 -24.07 -28.23
CA GLN B 16 26.64 -23.77 -27.34
C GLN B 16 25.33 -23.78 -28.11
N GLN B 17 24.33 -24.45 -27.55
CA GLN B 17 23.05 -24.64 -28.19
C GLN B 17 22.01 -23.69 -27.58
N LEU B 18 20.81 -23.71 -28.15
CA LEU B 18 19.71 -23.00 -27.54
C LEU B 18 19.21 -23.80 -26.33
N TYR B 19 18.51 -23.14 -25.43
CA TYR B 19 17.90 -23.80 -24.28
C TYR B 19 16.39 -23.59 -24.35
N ILE B 20 15.65 -24.65 -24.69
CA ILE B 20 14.21 -24.57 -24.86
C ILE B 20 13.55 -25.76 -24.17
N HIS B 21 12.60 -25.46 -23.27
CA HIS B 21 11.81 -26.49 -22.58
C HIS B 21 12.69 -27.44 -21.79
N GLY B 22 13.57 -26.89 -20.96
CA GLY B 22 14.28 -27.68 -19.99
C GLY B 22 15.39 -28.53 -20.56
N LYS B 23 15.89 -28.22 -21.76
CA LYS B 23 17.01 -28.96 -22.33
C LYS B 23 17.70 -28.08 -23.36
N PHE B 24 18.96 -28.42 -23.65
CA PHE B 24 19.65 -27.80 -24.78
C PHE B 24 19.17 -28.45 -26.05
N VAL B 25 18.96 -27.64 -27.08
CA VAL B 25 18.47 -28.15 -28.35
C VAL B 25 19.13 -27.37 -29.49
N ALA B 26 19.39 -28.07 -30.59
CA ALA B 26 20.02 -27.42 -31.73
C ALA B 26 19.09 -26.40 -32.38
N ALA B 27 19.68 -25.29 -32.79
CA ALA B 27 18.99 -24.29 -33.60
C ALA B 27 18.73 -24.81 -35.01
N THR B 28 17.63 -24.34 -35.59
CA THR B 28 17.25 -24.59 -36.98
C THR B 28 17.64 -23.47 -37.93
N SER B 29 18.33 -22.43 -37.44
CA SER B 29 18.66 -21.29 -38.30
C SER B 29 19.77 -21.58 -39.29
N GLY B 30 20.60 -22.59 -39.02
CA GLY B 30 21.80 -22.80 -39.80
C GLY B 30 22.89 -21.79 -39.55
N LYS B 31 22.74 -20.97 -38.51
CA LYS B 31 23.63 -19.87 -38.19
C LYS B 31 24.29 -20.02 -36.84
N THR B 32 25.52 -19.53 -36.76
CA THR B 32 26.27 -19.49 -35.53
C THR B 32 27.01 -18.16 -35.44
N PHE B 33 27.53 -17.88 -34.26
CA PHE B 33 28.43 -16.76 -34.04
C PHE B 33 29.46 -17.17 -33.00
N GLU B 34 30.48 -16.36 -32.86
CA GLU B 34 31.56 -16.61 -31.91
C GLU B 34 31.54 -15.52 -30.85
N THR B 35 31.81 -15.91 -29.61
CA THR B 35 32.09 -14.98 -28.53
C THR B 35 33.57 -15.02 -28.21
N ILE B 36 34.13 -13.84 -27.98
CA ILE B 36 35.56 -13.64 -27.83
C ILE B 36 35.90 -13.40 -26.37
N ASN B 37 37.10 -13.84 -25.99
CA ASN B 37 37.69 -13.45 -24.71
C ASN B 37 38.36 -12.11 -24.96
N PRO B 38 37.85 -10.99 -24.42
CA PRO B 38 38.40 -9.68 -24.78
C PRO B 38 39.77 -9.42 -24.19
N ALA B 39 40.26 -10.28 -23.29
CA ALA B 39 41.63 -10.14 -22.81
C ALA B 39 42.67 -10.74 -23.75
N THR B 40 42.28 -11.66 -24.64
CA THR B 40 43.21 -12.35 -25.51
C THR B 40 42.86 -12.31 -26.99
N GLY B 41 41.62 -11.99 -27.35
CA GLY B 41 41.16 -12.08 -28.72
C GLY B 41 40.80 -13.46 -29.19
N GLU B 42 40.95 -14.49 -28.35
CA GLU B 42 40.66 -15.87 -28.74
C GLU B 42 39.17 -16.18 -28.65
N VAL B 43 38.73 -17.12 -29.48
CA VAL B 43 37.35 -17.58 -29.46
C VAL B 43 37.08 -18.43 -28.23
N LEU B 44 36.12 -17.98 -27.41
CA LEU B 44 35.69 -18.75 -26.26
C LEU B 44 34.79 -19.91 -26.65
N ALA B 45 33.84 -19.67 -27.55
CA ALA B 45 32.89 -20.69 -27.97
C ALA B 45 32.21 -20.28 -29.25
N THR B 46 31.78 -21.27 -30.03
CA THR B 46 30.82 -21.07 -31.10
C THR B 46 29.42 -21.25 -30.53
N VAL B 47 28.50 -20.35 -30.86
CA VAL B 47 27.18 -20.30 -30.26
C VAL B 47 26.14 -20.30 -31.37
N GLN B 48 25.12 -21.14 -31.24
CA GLN B 48 24.03 -21.19 -32.20
C GLN B 48 23.10 -19.99 -32.04
N ALA B 49 22.56 -19.55 -33.17
CA ALA B 49 21.70 -18.37 -33.24
C ALA B 49 20.26 -18.83 -33.49
N ALA B 50 19.34 -18.35 -32.67
CA ALA B 50 17.95 -18.74 -32.79
C ALA B 50 17.34 -18.11 -34.04
N GLY B 51 16.68 -18.91 -34.85
CA GLY B 51 15.99 -18.43 -36.02
C GLY B 51 14.54 -18.07 -35.74
N ARG B 52 13.84 -17.70 -36.81
CA ARG B 52 12.46 -17.31 -36.66
C ARG B 52 11.60 -18.46 -36.15
N GLU B 53 11.84 -19.67 -36.68
CA GLU B 53 11.09 -20.84 -36.21
C GLU B 53 11.49 -21.24 -34.79
N ASP B 54 12.76 -21.07 -34.42
CA ASP B 54 13.18 -21.37 -33.05
C ASP B 54 12.46 -20.47 -32.06
N VAL B 55 12.30 -19.20 -32.41
CA VAL B 55 11.56 -18.28 -31.55
C VAL B 55 10.13 -18.75 -31.40
N ASP B 56 9.52 -19.22 -32.50
CA ASP B 56 8.14 -19.70 -32.42
C ASP B 56 8.04 -20.91 -31.49
N ARG B 57 9.02 -21.81 -31.56
N ARG B 57 9.02 -21.80 -31.54
CA ARG B 57 9.04 -22.97 -30.68
CA ARG B 57 8.98 -22.97 -30.67
C ARG B 57 9.21 -22.57 -29.23
C ARG B 57 9.24 -22.60 -29.22
N ALA B 58 10.10 -21.61 -28.96
CA ALA B 58 10.33 -21.16 -27.59
C ALA B 58 9.08 -20.54 -26.99
N VAL B 59 8.30 -19.81 -27.80
CA VAL B 59 7.05 -19.24 -27.30
C VAL B 59 6.07 -20.33 -26.94
N LYS B 60 5.93 -21.33 -27.81
CA LYS B 60 5.01 -22.43 -27.52
C LYS B 60 5.46 -23.20 -26.29
N SER B 61 6.78 -23.39 -26.15
CA SER B 61 7.31 -23.96 -24.92
C SER B 61 6.94 -23.10 -23.71
N ALA B 62 7.13 -21.78 -23.83
CA ALA B 62 6.85 -20.88 -22.72
C ALA B 62 5.37 -20.85 -22.36
N GLN B 63 4.48 -20.88 -23.35
CA GLN B 63 3.05 -20.88 -23.07
C GLN B 63 2.65 -22.09 -22.25
N GLN B 64 3.21 -23.25 -22.58
CA GLN B 64 2.90 -24.49 -21.86
C GLN B 64 3.46 -24.44 -20.44
N GLY B 65 4.73 -24.05 -20.30
CA GLY B 65 5.32 -24.02 -18.98
C GLY B 65 4.67 -22.97 -18.09
N GLN B 66 4.31 -21.83 -18.66
CA GLN B 66 3.71 -20.77 -17.88
C GLN B 66 2.44 -21.25 -17.17
N LYS B 67 1.64 -22.06 -17.86
CA LYS B 67 0.40 -22.54 -17.28
C LYS B 67 0.66 -23.42 -16.05
N VAL B 68 1.65 -24.31 -16.16
CA VAL B 68 2.06 -25.12 -15.01
C VAL B 68 2.54 -24.25 -13.85
N TRP B 69 3.42 -23.30 -14.15
CA TRP B 69 4.03 -22.46 -13.14
C TRP B 69 3.00 -21.61 -12.40
N ALA B 70 2.06 -21.02 -13.14
CA ALA B 70 1.07 -20.14 -12.52
C ALA B 70 0.03 -20.89 -11.72
N ALA B 71 -0.17 -22.18 -12.01
CA ALA B 71 -1.15 -22.97 -11.28
C ALA B 71 -0.62 -23.42 -9.92
N MET B 72 0.69 -23.37 -9.70
CA MET B 72 1.25 -23.74 -8.42
C MET B 72 0.86 -22.68 -7.38
N SER B 73 1.00 -23.04 -6.10
CA SER B 73 0.78 -22.06 -5.06
C SER B 73 1.88 -21.01 -5.05
N ALA B 74 1.57 -19.85 -4.47
CA ALA B 74 2.56 -18.79 -4.37
C ALA B 74 3.80 -19.27 -3.62
N MET B 75 3.63 -20.01 -2.54
CA MET B 75 4.78 -20.45 -1.76
C MET B 75 5.55 -21.55 -2.48
N ALA B 76 4.86 -22.40 -3.27
CA ALA B 76 5.56 -23.37 -4.09
C ALA B 76 6.50 -22.67 -5.07
N ARG B 77 6.03 -21.59 -5.71
CA ARG B 77 6.90 -20.83 -6.59
C ARG B 77 8.04 -20.21 -5.80
N SER B 78 7.73 -19.64 -4.63
CA SER B 78 8.76 -19.00 -3.81
CA SER B 78 8.76 -19.00 -3.81
C SER B 78 9.88 -19.99 -3.48
N ARG B 79 9.52 -21.22 -3.12
CA ARG B 79 10.53 -22.22 -2.74
C ARG B 79 11.44 -22.58 -3.92
N ILE B 80 10.88 -22.67 -5.13
CA ILE B 80 11.70 -23.02 -6.29
C ILE B 80 12.71 -21.93 -6.57
N LEU B 81 12.30 -20.66 -6.53
CA LEU B 81 13.26 -19.60 -6.78
C LEU B 81 14.31 -19.52 -5.68
N ARG B 82 13.92 -19.78 -4.43
CA ARG B 82 14.89 -19.81 -3.35
C ARG B 82 15.91 -20.92 -3.54
N LYS B 83 15.50 -22.06 -4.10
CA LYS B 83 16.47 -23.12 -4.40
C LYS B 83 17.46 -22.66 -5.47
N ALA B 84 16.99 -21.90 -6.45
CA ALA B 84 17.88 -21.35 -7.46
C ALA B 84 18.88 -20.38 -6.82
N VAL B 85 18.41 -19.57 -5.88
CA VAL B 85 19.31 -18.71 -5.12
C VAL B 85 20.42 -19.52 -4.47
N ASP B 86 20.04 -20.62 -3.81
CA ASP B 86 21.04 -21.43 -3.12
C ASP B 86 22.11 -21.93 -4.07
N ILE B 87 21.72 -22.36 -5.26
CA ILE B 87 22.71 -22.85 -6.21
C ILE B 87 23.62 -21.71 -6.68
N LEU B 88 23.03 -20.53 -6.94
CA LEU B 88 23.84 -19.40 -7.39
C LEU B 88 24.88 -19.00 -6.35
N ARG B 89 24.49 -19.01 -5.07
CA ARG B 89 25.46 -18.73 -4.01
C ARG B 89 26.59 -19.76 -4.04
N GLU B 90 26.23 -21.04 -4.17
CA GLU B 90 27.22 -22.11 -4.15
C GLU B 90 28.13 -22.05 -5.37
N ARG B 91 27.60 -21.68 -6.52
N ARG B 91 27.59 -21.69 -6.52
CA ARG B 91 28.38 -21.64 -7.75
CA ARG B 91 28.36 -21.63 -7.76
C ARG B 91 28.88 -20.23 -8.09
C ARG B 91 28.84 -20.22 -8.09
N ASN B 92 28.94 -19.35 -7.08
CA ASN B 92 29.29 -17.95 -7.33
C ASN B 92 30.65 -17.81 -8.01
N ASP B 93 31.67 -18.50 -7.50
CA ASP B 93 33.01 -18.30 -8.04
C ASP B 93 33.13 -18.89 -9.45
N GLU B 94 32.51 -20.04 -9.69
CA GLU B 94 32.52 -20.64 -11.02
C GLU B 94 31.84 -19.72 -12.04
N LEU B 95 30.66 -19.20 -11.69
CA LEU B 95 29.96 -18.30 -12.61
C LEU B 95 30.72 -17.00 -12.82
N ALA B 96 31.32 -16.46 -11.75
CA ALA B 96 32.10 -15.22 -11.88
C ALA B 96 33.26 -15.40 -12.84
N ARG B 97 33.95 -16.55 -12.76
CA ARG B 97 35.08 -16.81 -13.66
C ARG B 97 34.62 -16.88 -15.11
N LEU B 98 33.48 -17.51 -15.36
CA LEU B 98 32.95 -17.55 -16.71
C LEU B 98 32.62 -16.14 -17.20
N GLU B 99 32.00 -15.32 -16.34
CA GLU B 99 31.67 -13.94 -16.70
C GLU B 99 32.92 -13.12 -16.98
N THR B 100 33.99 -13.32 -16.21
CA THR B 100 35.23 -12.61 -16.48
C THR B 100 35.79 -12.99 -17.84
N LEU B 101 35.75 -14.28 -18.18
CA LEU B 101 36.23 -14.73 -19.47
C LEU B 101 35.41 -14.13 -20.61
N ASP B 102 34.09 -14.04 -20.43
CA ASP B 102 33.21 -13.61 -21.51
C ASP B 102 33.19 -12.08 -21.66
N THR B 103 33.36 -11.34 -20.57
CA THR B 103 33.20 -9.89 -20.58
C THR B 103 34.50 -9.10 -20.44
N GLY B 104 35.56 -9.71 -19.90
CA GLY B 104 36.77 -8.98 -19.58
C GLY B 104 36.76 -8.25 -18.26
N LYS B 105 35.69 -8.37 -17.49
CA LYS B 105 35.67 -7.68 -16.19
C LYS B 105 36.50 -8.45 -15.18
N PRO B 106 37.27 -7.75 -14.34
CA PRO B 106 38.12 -8.42 -13.36
C PRO B 106 37.32 -9.33 -12.43
N LEU B 107 37.94 -10.45 -12.06
CA LEU B 107 37.30 -11.36 -11.10
C LEU B 107 37.03 -10.67 -9.77
N SER B 108 37.86 -9.70 -9.41
CA SER B 108 37.60 -8.94 -8.18
C SER B 108 36.24 -8.25 -8.22
N GLU B 109 35.70 -7.99 -9.41
CA GLU B 109 34.36 -7.46 -9.58
C GLU B 109 33.32 -8.57 -9.70
N THR B 110 33.53 -9.51 -10.63
CA THR B 110 32.49 -10.49 -10.96
C THR B 110 32.16 -11.40 -9.79
N ALA B 111 33.13 -11.76 -8.97
CA ALA B 111 32.90 -12.65 -7.84
C ALA B 111 32.28 -11.94 -6.64
N ALA B 112 32.28 -10.60 -6.64
CA ALA B 112 31.75 -9.82 -5.54
C ALA B 112 30.41 -9.18 -5.82
N VAL B 113 30.09 -8.91 -7.09
CA VAL B 113 28.94 -8.07 -7.47
C VAL B 113 27.96 -8.81 -8.37
N ASP B 114 28.45 -9.39 -9.47
CA ASP B 114 27.55 -9.79 -10.56
C ASP B 114 26.54 -10.83 -10.10
N ILE B 115 27.01 -11.97 -9.63
CA ILE B 115 26.09 -13.00 -9.17
C ILE B 115 25.52 -12.64 -7.81
N VAL B 116 26.33 -12.04 -6.93
CA VAL B 116 25.87 -11.71 -5.58
C VAL B 116 24.63 -10.84 -5.63
N THR B 117 24.68 -9.75 -6.40
CA THR B 117 23.54 -8.84 -6.45
C THR B 117 22.45 -9.35 -7.41
N GLY B 118 22.83 -10.14 -8.41
CA GLY B 118 21.81 -10.80 -9.21
C GLY B 118 20.99 -11.74 -8.36
N ALA B 119 21.67 -12.55 -7.54
CA ALA B 119 20.98 -13.46 -6.65
C ALA B 119 20.24 -12.73 -5.54
N ASP B 120 20.74 -11.56 -5.12
CA ASP B 120 20.05 -10.77 -4.13
C ASP B 120 18.64 -10.40 -4.60
N VAL B 121 18.51 -10.02 -5.86
CA VAL B 121 17.21 -9.61 -6.40
C VAL B 121 16.29 -10.81 -6.55
N LEU B 122 16.82 -11.95 -6.99
CA LEU B 122 16.01 -13.16 -7.07
C LEU B 122 15.51 -13.56 -5.68
N GLU B 123 16.39 -13.51 -4.69
CA GLU B 123 16.02 -13.83 -3.32
C GLU B 123 14.94 -12.89 -2.81
N TYR B 124 15.10 -11.60 -3.09
CA TYR B 124 14.10 -10.60 -2.72
C TYR B 124 12.72 -10.93 -3.28
N TYR B 125 12.63 -11.16 -4.58
CA TYR B 125 11.31 -11.40 -5.19
C TYR B 125 10.72 -12.74 -4.77
N ALA B 126 11.56 -13.74 -4.53
CA ALA B 126 11.04 -15.03 -4.09
C ALA B 126 10.19 -14.87 -2.83
N GLY B 127 10.64 -14.05 -1.88
CA GLY B 127 9.89 -13.84 -0.67
C GLY B 127 8.64 -12.99 -0.85
N LEU B 128 8.57 -12.19 -1.91
CA LEU B 128 7.43 -11.30 -2.10
C LEU B 128 6.25 -11.96 -2.82
N ILE B 129 6.42 -13.13 -3.40
CA ILE B 129 5.32 -13.73 -4.16
C ILE B 129 4.05 -13.82 -3.32
N PRO B 130 4.09 -14.26 -2.06
CA PRO B 130 2.85 -14.36 -1.27
C PRO B 130 2.19 -13.02 -0.96
N ALA B 131 2.91 -11.91 -1.11
CA ALA B 131 2.38 -10.59 -0.81
C ALA B 131 1.76 -9.91 -2.02
N LEU B 132 1.80 -10.54 -3.19
CA LEU B 132 1.19 -9.98 -4.39
C LEU B 132 -0.32 -10.11 -4.30
N GLU B 133 -1.01 -8.97 -4.13
CA GLU B 133 -2.43 -8.96 -3.81
C GLU B 133 -3.18 -7.98 -4.71
N GLY B 134 -4.43 -8.32 -4.99
CA GLY B 134 -5.37 -7.38 -5.55
C GLY B 134 -6.08 -6.57 -4.48
N SER B 135 -7.17 -5.92 -4.87
CA SER B 135 -7.91 -5.02 -3.99
CA SER B 135 -7.91 -5.02 -3.99
C SER B 135 -9.39 -5.36 -4.03
N GLN B 136 -10.13 -4.80 -3.06
CA GLN B 136 -11.58 -4.89 -2.99
C GLN B 136 -12.13 -3.51 -2.69
N ILE B 137 -13.13 -3.09 -3.45
CA ILE B 137 -13.66 -1.74 -3.33
C ILE B 137 -15.17 -1.83 -3.17
N PRO B 138 -15.75 -1.48 -2.01
CA PRO B 138 -17.21 -1.50 -1.88
C PRO B 138 -17.81 -0.26 -2.53
N LEU B 139 -18.81 -0.47 -3.37
CA LEU B 139 -19.54 0.63 -4.00
C LEU B 139 -20.80 1.00 -3.24
N ARG B 140 -21.53 0.00 -2.76
CA ARG B 140 -22.82 0.17 -2.10
C ARG B 140 -23.14 -1.21 -1.56
N ASP B 141 -24.18 -1.28 -0.74
CA ASP B 141 -24.49 -2.55 -0.11
C ASP B 141 -24.69 -3.66 -1.13
N SER B 142 -25.21 -3.33 -2.32
CA SER B 142 -25.58 -4.34 -3.30
C SER B 142 -24.54 -4.55 -4.39
N SER B 143 -23.35 -3.95 -4.29
CA SER B 143 -22.36 -4.14 -5.33
C SER B 143 -20.97 -3.85 -4.79
N PHE B 144 -19.98 -4.64 -5.23
CA PHE B 144 -18.60 -4.38 -4.89
C PHE B 144 -17.70 -4.75 -6.07
N VAL B 145 -16.47 -4.26 -6.02
CA VAL B 145 -15.44 -4.55 -7.00
C VAL B 145 -14.30 -5.26 -6.30
N TYR B 146 -13.69 -6.25 -6.97
CA TYR B 146 -12.40 -6.76 -6.54
C TYR B 146 -11.49 -6.85 -7.75
N THR B 147 -10.18 -6.78 -7.50
CA THR B 147 -9.23 -6.84 -8.60
C THR B 147 -8.32 -8.04 -8.41
N ARG B 148 -7.87 -8.58 -9.55
CA ARG B 148 -6.84 -9.61 -9.61
C ARG B 148 -5.62 -9.05 -10.31
N ARG B 149 -4.45 -9.46 -9.82
CA ARG B 149 -3.16 -9.17 -10.46
C ARG B 149 -2.75 -10.43 -11.22
N GLU B 150 -3.09 -10.48 -12.51
CA GLU B 150 -2.86 -11.70 -13.29
C GLU B 150 -1.52 -11.66 -14.00
N PRO B 151 -0.92 -12.82 -14.23
CA PRO B 151 0.31 -12.86 -15.05
C PRO B 151 0.05 -12.31 -16.44
N LEU B 152 1.08 -11.67 -17.00
CA LEU B 152 1.02 -11.27 -18.40
C LEU B 152 1.02 -12.47 -19.33
N GLY B 153 1.70 -13.56 -18.95
CA GLY B 153 1.83 -14.72 -19.83
C GLY B 153 3.29 -14.98 -20.18
N VAL B 154 3.64 -14.75 -21.44
CA VAL B 154 5.00 -14.90 -21.94
C VAL B 154 5.58 -13.51 -22.15
N VAL B 155 6.70 -13.22 -21.50
CA VAL B 155 7.37 -11.94 -21.62
C VAL B 155 8.78 -12.22 -22.15
N ALA B 156 9.41 -11.19 -22.69
CA ALA B 156 10.73 -11.33 -23.26
C ALA B 156 11.69 -10.34 -22.63
N GLY B 157 12.90 -10.79 -22.34
CA GLY B 157 13.96 -9.92 -21.86
C GLY B 157 15.11 -9.94 -22.86
N ILE B 158 15.69 -8.77 -23.10
CA ILE B 158 16.81 -8.63 -24.01
C ILE B 158 17.94 -7.99 -23.22
N GLY B 159 19.04 -8.71 -23.07
CA GLY B 159 20.10 -8.29 -22.18
C GLY B 159 21.20 -7.51 -22.88
N ALA B 160 22.07 -6.91 -22.08
CA ALA B 160 23.24 -6.20 -22.57
C ALA B 160 24.49 -6.95 -22.14
N TRP B 161 25.63 -6.51 -22.66
CA TRP B 161 26.85 -7.29 -22.49
C TRP B 161 27.71 -6.87 -21.30
N ASN B 162 27.37 -5.82 -20.56
CA ASN B 162 28.26 -5.37 -19.50
C ASN B 162 28.05 -6.11 -18.18
N TYR B 163 26.81 -6.50 -17.86
CA TYR B 163 26.50 -7.27 -16.65
C TYR B 163 25.58 -8.41 -17.07
N PRO B 164 26.10 -9.38 -17.81
CA PRO B 164 25.20 -10.36 -18.47
C PRO B 164 24.34 -11.16 -17.50
N ILE B 165 24.92 -11.79 -16.49
CA ILE B 165 24.10 -12.64 -15.65
C ILE B 165 23.28 -11.82 -14.66
N GLN B 166 23.79 -10.68 -14.20
CA GLN B 166 22.98 -9.80 -13.34
C GLN B 166 21.72 -9.32 -14.05
N ILE B 167 21.87 -8.89 -15.31
CA ILE B 167 20.71 -8.41 -16.07
C ILE B 167 19.70 -9.53 -16.27
N ALA B 168 20.19 -10.73 -16.59
CA ALA B 168 19.29 -11.87 -16.75
C ALA B 168 18.52 -12.15 -15.46
N LEU B 169 19.19 -12.01 -14.31
CA LEU B 169 18.50 -12.24 -13.04
C LEU B 169 17.56 -11.10 -12.70
N TRP B 170 17.96 -9.85 -12.97
CA TRP B 170 17.10 -8.73 -12.61
C TRP B 170 15.83 -8.71 -13.46
N LYS B 171 15.90 -9.25 -14.68
CA LYS B 171 14.71 -9.34 -15.52
C LYS B 171 13.89 -10.60 -15.23
N SER B 172 14.55 -11.77 -15.10
CA SER B 172 13.80 -13.01 -14.93
C SER B 172 13.16 -13.11 -13.54
N ALA B 173 13.80 -12.56 -12.51
CA ALA B 173 13.27 -12.69 -11.15
C ALA B 173 11.87 -12.12 -11.00
N PRO B 174 11.62 -10.84 -11.29
CA PRO B 174 10.26 -10.34 -11.13
C PRO B 174 9.28 -10.97 -12.09
N ALA B 175 9.71 -11.27 -13.31
CA ALA B 175 8.81 -11.91 -14.30
C ALA B 175 8.36 -13.27 -13.82
N LEU B 176 9.30 -14.11 -13.37
CA LEU B 176 8.95 -15.43 -12.86
C LEU B 176 8.18 -15.34 -11.55
N ALA B 177 8.60 -14.44 -10.64
CA ALA B 177 7.91 -14.34 -9.36
C ALA B 177 6.47 -13.92 -9.54
N ALA B 178 6.17 -13.16 -10.59
CA ALA B 178 4.82 -12.73 -10.88
C ALA B 178 4.01 -13.78 -11.63
N GLY B 179 4.59 -14.95 -11.91
CA GLY B 179 3.87 -16.03 -12.56
C GLY B 179 4.00 -16.11 -14.06
N ASN B 180 4.93 -15.39 -14.67
CA ASN B 180 5.15 -15.43 -16.11
C ASN B 180 6.25 -16.42 -16.46
N ALA B 181 6.27 -16.82 -17.73
CA ALA B 181 7.45 -17.40 -18.35
C ALA B 181 8.23 -16.29 -19.07
N MET B 182 9.55 -16.40 -19.11
CA MET B 182 10.38 -15.44 -19.81
C MET B 182 11.28 -16.13 -20.82
N ILE B 183 11.32 -15.59 -22.03
CA ILE B 183 12.31 -15.94 -23.04
C ILE B 183 13.37 -14.85 -22.99
N PHE B 184 14.62 -15.22 -22.78
CA PHE B 184 15.69 -14.25 -22.56
C PHE B 184 16.69 -14.35 -23.71
N LYS B 185 17.00 -13.22 -24.32
CA LYS B 185 18.02 -13.17 -25.36
C LYS B 185 19.23 -12.41 -24.84
N PRO B 186 20.35 -13.07 -24.55
CA PRO B 186 21.55 -12.35 -24.14
C PRO B 186 22.21 -11.64 -25.33
N SER B 187 23.06 -10.66 -25.01
CA SER B 187 23.86 -10.02 -26.05
C SER B 187 24.75 -11.04 -26.75
N GLU B 188 24.89 -10.89 -28.06
CA GLU B 188 25.78 -11.75 -28.82
C GLU B 188 27.22 -11.65 -28.34
N VAL B 189 27.58 -10.55 -27.67
CA VAL B 189 28.92 -10.38 -27.14
C VAL B 189 29.17 -11.28 -25.94
N THR B 190 28.12 -11.61 -25.18
CA THR B 190 28.26 -12.27 -23.88
C THR B 190 27.11 -13.25 -23.64
N PRO B 191 27.04 -14.33 -24.42
CA PRO B 191 25.90 -15.27 -24.31
C PRO B 191 26.07 -16.38 -23.29
N LEU B 192 27.23 -16.58 -22.68
CA LEU B 192 27.52 -17.85 -22.03
C LEU B 192 26.83 -18.00 -20.67
N THR B 193 26.82 -16.95 -19.83
CA THR B 193 26.28 -17.16 -18.49
C THR B 193 24.76 -17.30 -18.50
N ALA B 194 24.06 -16.72 -19.48
CA ALA B 194 22.61 -16.89 -19.53
C ALA B 194 22.23 -18.34 -19.75
N LEU B 195 23.02 -19.07 -20.52
CA LEU B 195 22.76 -20.50 -20.72
C LEU B 195 22.97 -21.29 -19.44
N LYS B 196 23.99 -20.92 -18.66
CA LYS B 196 24.21 -21.55 -17.36
C LYS B 196 23.05 -21.27 -16.41
N LEU B 197 22.53 -20.05 -16.41
CA LEU B 197 21.41 -19.72 -15.54
C LEU B 197 20.21 -20.61 -15.83
N ALA B 198 19.96 -20.88 -17.11
CA ALA B 198 18.82 -21.72 -17.48
C ALA B 198 18.95 -23.11 -16.85
N GLU B 199 20.16 -23.69 -16.87
CA GLU B 199 20.37 -24.99 -16.24
C GLU B 199 20.12 -24.91 -14.75
N ILE B 200 20.55 -23.82 -14.11
CA ILE B 200 20.38 -23.69 -12.66
C ILE B 200 18.90 -23.63 -12.32
N TYR B 201 18.13 -22.85 -13.08
CA TYR B 201 16.69 -22.79 -12.85
C TYR B 201 16.05 -24.16 -12.95
N ARG B 202 16.41 -24.96 -13.97
CA ARG B 202 15.82 -26.29 -14.11
C ARG B 202 16.20 -27.16 -12.91
N GLU B 203 17.46 -27.09 -12.50
CA GLU B 203 17.95 -27.84 -11.36
C GLU B 203 17.19 -27.47 -10.09
N ALA B 204 16.76 -26.23 -9.97
CA ALA B 204 16.00 -25.79 -8.80
C ALA B 204 14.54 -26.24 -8.84
N GLY B 205 14.07 -26.75 -9.98
CA GLY B 205 12.71 -27.19 -10.12
C GLY B 205 11.81 -26.29 -10.93
N LEU B 206 12.35 -25.28 -11.59
CA LEU B 206 11.51 -24.45 -12.44
C LEU B 206 10.89 -25.30 -13.55
N PRO B 207 9.58 -25.23 -13.77
CA PRO B 207 8.96 -26.06 -14.81
C PRO B 207 9.55 -25.77 -16.19
N ASP B 208 9.61 -26.81 -17.01
CA ASP B 208 10.13 -26.69 -18.37
C ASP B 208 9.37 -25.62 -19.14
N GLY B 209 10.11 -24.76 -19.83
CA GLY B 209 9.54 -23.70 -20.63
C GLY B 209 9.43 -22.35 -19.93
N VAL B 210 9.57 -22.32 -18.61
CA VAL B 210 9.35 -21.06 -17.89
C VAL B 210 10.50 -20.08 -18.11
N PHE B 211 11.72 -20.57 -18.27
CA PHE B 211 12.85 -19.72 -18.64
C PHE B 211 13.58 -20.38 -19.80
N ASN B 212 13.38 -19.84 -21.01
CA ASN B 212 14.06 -20.28 -22.22
C ASN B 212 15.07 -19.22 -22.62
N VAL B 213 16.21 -19.66 -23.17
CA VAL B 213 17.30 -18.77 -23.56
C VAL B 213 17.65 -18.97 -25.03
N LEU B 214 17.62 -17.89 -25.79
CA LEU B 214 17.88 -17.88 -27.23
C LEU B 214 19.05 -16.96 -27.53
N PRO B 215 20.27 -17.48 -27.60
CA PRO B 215 21.37 -16.66 -28.12
C PRO B 215 21.08 -16.29 -29.57
N GLY B 216 21.63 -15.15 -29.99
CA GLY B 216 21.46 -14.73 -31.37
C GLY B 216 21.84 -13.27 -31.55
N ILE B 217 21.58 -12.79 -32.75
CA ILE B 217 21.88 -11.42 -33.15
C ILE B 217 20.66 -10.55 -32.90
N GLY B 218 20.92 -9.28 -32.57
CA GLY B 218 19.82 -8.35 -32.34
C GLY B 218 18.93 -8.20 -33.55
N ALA B 219 19.54 -8.06 -34.72
CA ALA B 219 18.78 -7.83 -35.95
C ALA B 219 17.91 -9.01 -36.33
N GLU B 220 18.19 -10.21 -35.83
CA GLU B 220 17.36 -11.37 -36.13
C GLU B 220 16.66 -11.90 -34.88
N THR B 221 17.39 -12.52 -33.95
CA THR B 221 16.72 -13.11 -32.79
C THR B 221 16.02 -12.03 -31.96
N GLY B 222 16.69 -10.91 -31.72
CA GLY B 222 16.07 -9.86 -30.93
C GLY B 222 14.82 -9.30 -31.59
N GLN B 223 14.90 -9.03 -32.89
CA GLN B 223 13.75 -8.50 -33.62
C GLN B 223 12.61 -9.50 -33.66
N TYR B 224 12.92 -10.80 -33.86
CA TYR B 224 11.85 -11.79 -33.90
C TYR B 224 11.08 -11.83 -32.57
N LEU B 225 11.78 -11.69 -31.45
CA LEU B 225 11.10 -11.63 -30.15
C LEU B 225 10.21 -10.40 -30.03
N THR B 226 10.74 -9.22 -30.37
CA THR B 226 9.96 -8.00 -30.19
C THR B 226 8.73 -7.98 -31.10
N GLU B 227 8.74 -8.76 -32.17
CA GLU B 227 7.66 -8.78 -33.14
C GLU B 227 6.63 -9.88 -32.88
N HIS B 228 6.92 -10.84 -32.01
CA HIS B 228 6.07 -12.01 -31.91
C HIS B 228 4.70 -11.66 -31.31
N PRO B 229 3.61 -12.11 -31.93
CA PRO B 229 2.28 -11.69 -31.47
C PRO B 229 1.89 -12.21 -30.10
N ASP B 230 2.50 -13.30 -29.61
CA ASP B 230 2.06 -13.93 -28.37
C ASP B 230 2.97 -13.59 -27.18
N ILE B 231 3.85 -12.62 -27.34
CA ILE B 231 4.66 -12.09 -26.25
C ILE B 231 4.00 -10.83 -25.72
N ALA B 232 3.76 -10.78 -24.41
CA ALA B 232 2.92 -9.73 -23.84
C ALA B 232 3.72 -8.52 -23.38
N LYS B 233 5.03 -8.67 -23.19
CA LYS B 233 5.84 -7.58 -22.64
C LYS B 233 7.29 -7.79 -23.06
N ILE B 234 7.97 -6.68 -23.32
CA ILE B 234 9.40 -6.69 -23.63
C ILE B 234 10.09 -5.89 -22.53
N SER B 235 11.17 -6.44 -21.98
CA SER B 235 12.06 -5.69 -21.08
C SER B 235 13.43 -5.58 -21.72
N PHE B 236 13.93 -4.36 -21.91
CA PHE B 236 15.09 -4.14 -22.78
C PHE B 236 16.15 -3.35 -22.02
N THR B 237 17.40 -3.79 -22.12
CA THR B 237 18.55 -3.04 -21.62
C THR B 237 19.54 -2.87 -22.77
N GLY B 238 20.00 -1.64 -22.97
CA GLY B 238 20.99 -1.38 -24.01
C GLY B 238 21.10 0.10 -24.27
N GLY B 239 21.44 0.44 -25.52
CA GLY B 239 21.60 1.83 -25.89
C GLY B 239 20.34 2.47 -26.42
N VAL B 240 20.37 3.80 -26.48
CA VAL B 240 19.20 4.54 -26.91
C VAL B 240 18.82 4.18 -28.34
N ALA B 241 19.81 4.06 -29.22
CA ALA B 241 19.52 3.81 -30.63
C ALA B 241 18.73 2.52 -30.83
N SER B 242 19.18 1.44 -30.19
CA SER B 242 18.48 0.16 -30.30
C SER B 242 17.17 0.15 -29.53
N GLY B 243 17.11 0.85 -28.39
CA GLY B 243 15.87 0.93 -27.64
C GLY B 243 14.72 1.52 -28.44
N LYS B 244 15.00 2.57 -29.20
CA LYS B 244 13.96 3.13 -30.07
C LYS B 244 13.48 2.12 -31.11
N LYS B 245 14.41 1.38 -31.72
CA LYS B 245 13.99 0.34 -32.67
C LYS B 245 13.11 -0.70 -31.96
N VAL B 246 13.51 -1.12 -30.77
CA VAL B 246 12.76 -2.12 -30.01
C VAL B 246 11.36 -1.59 -29.71
N MET B 247 11.27 -0.34 -29.27
CA MET B 247 9.97 0.24 -28.94
C MET B 247 9.08 0.25 -30.18
N ALA B 248 9.63 0.66 -31.32
CA ALA B 248 8.85 0.74 -32.55
C ALA B 248 8.30 -0.62 -32.95
N ASN B 249 9.16 -1.64 -32.99
CA ASN B 249 8.71 -2.95 -33.46
C ASN B 249 7.70 -3.56 -32.50
N SER B 250 7.86 -3.31 -31.19
CA SER B 250 6.90 -3.84 -30.23
C SER B 250 5.51 -3.28 -30.48
N ALA B 251 5.43 -2.01 -30.88
CA ALA B 251 4.14 -1.39 -31.13
C ALA B 251 3.54 -1.86 -32.47
N ALA B 252 4.36 -1.90 -33.52
CA ALA B 252 3.87 -2.25 -34.85
C ALA B 252 3.26 -3.64 -34.89
N SER B 253 3.82 -4.58 -34.13
CA SER B 253 3.44 -5.99 -34.24
C SER B 253 2.19 -6.27 -33.41
N SER B 254 2.31 -6.11 -32.10
CA SER B 254 1.24 -6.41 -31.16
C SER B 254 1.50 -5.45 -30.01
N LEU B 255 0.48 -4.69 -29.65
CA LEU B 255 0.62 -3.70 -28.59
C LEU B 255 1.19 -4.41 -27.37
N LYS B 256 2.49 -4.24 -27.13
CA LYS B 256 3.19 -4.85 -26.02
C LYS B 256 3.59 -3.81 -24.99
N GLU B 257 3.55 -4.21 -23.72
CA GLU B 257 4.13 -3.42 -22.64
CA GLU B 257 4.12 -3.37 -22.68
C GLU B 257 5.65 -3.40 -22.78
N VAL B 258 6.27 -2.28 -22.44
CA VAL B 258 7.70 -2.14 -22.63
C VAL B 258 8.37 -1.47 -21.43
N THR B 259 9.46 -2.08 -20.96
CA THR B 259 10.33 -1.50 -19.95
C THR B 259 11.71 -1.33 -20.58
N MET B 260 12.36 -0.20 -20.35
CA MET B 260 13.64 0.06 -21.00
C MET B 260 14.60 0.79 -20.07
N GLU B 261 15.81 0.27 -19.96
N GLU B 261 15.84 0.31 -20.00
CA GLU B 261 16.92 0.95 -19.30
CA GLU B 261 16.91 0.97 -19.27
C GLU B 261 17.97 1.24 -20.38
C GLU B 261 18.03 1.24 -20.28
N LEU B 262 18.25 2.52 -20.62
CA LEU B 262 19.03 2.91 -21.78
C LEU B 262 20.28 3.73 -21.48
N GLY B 263 20.82 3.66 -20.28
CA GLY B 263 22.03 4.42 -20.02
C GLY B 263 21.78 5.92 -19.89
N GLY B 264 22.88 6.66 -19.79
CA GLY B 264 22.76 8.09 -19.54
C GLY B 264 24.09 8.82 -19.57
N LYS B 265 24.04 10.06 -19.12
CA LYS B 265 25.22 10.90 -18.91
C LYS B 265 25.07 11.55 -17.54
N SER B 266 25.28 10.78 -16.49
CA SER B 266 24.81 11.16 -15.16
C SER B 266 25.77 12.15 -14.50
N PRO B 267 25.25 13.17 -13.82
CA PRO B 267 26.12 14.16 -13.19
C PRO B 267 26.47 13.87 -11.73
N LEU B 268 27.72 14.15 -11.37
CA LEU B 268 28.18 14.10 -10.00
C LEU B 268 28.51 15.53 -9.58
N ILE B 269 27.78 16.05 -8.60
CA ILE B 269 27.90 17.44 -8.18
C ILE B 269 28.69 17.49 -6.88
N ILE B 270 29.90 18.04 -6.94
N ILE B 270 29.89 18.03 -6.95
CA ILE B 270 30.74 18.21 -5.77
CA ILE B 270 30.74 18.21 -5.77
C ILE B 270 30.45 19.59 -5.20
C ILE B 270 30.45 19.59 -5.20
N ALA B 271 29.92 19.64 -3.98
CA ALA B 271 29.56 20.88 -3.34
C ALA B 271 30.79 21.61 -2.81
N GLU B 272 30.62 22.91 -2.55
CA GLU B 272 31.73 23.73 -2.09
C GLU B 272 32.21 23.34 -0.69
N ASP B 273 31.39 22.65 0.11
CA ASP B 273 31.78 22.23 1.45
C ASP B 273 32.22 20.76 1.50
N ALA B 274 32.44 20.14 0.35
CA ALA B 274 32.78 18.73 0.31
C ALA B 274 34.25 18.48 0.61
N ASN B 275 34.51 17.38 1.33
CA ASN B 275 35.87 16.86 1.47
C ASN B 275 36.33 16.32 0.12
N LEU B 276 37.46 16.82 -0.37
CA LEU B 276 37.87 16.50 -1.74
C LEU B 276 38.44 15.10 -1.90
N ASP B 277 38.97 14.49 -0.83
CA ASP B 277 39.34 13.08 -0.91
C ASP B 277 38.11 12.19 -1.10
N LEU B 278 37.04 12.47 -0.36
CA LEU B 278 35.79 11.74 -0.55
C LEU B 278 35.23 11.97 -1.95
N ALA B 279 35.23 13.23 -2.41
CA ALA B 279 34.73 13.53 -3.74
C ALA B 279 35.53 12.77 -4.79
N ALA B 280 36.86 12.76 -4.66
CA ALA B 280 37.69 12.07 -5.64
C ALA B 280 37.43 10.56 -5.60
N ASP B 281 37.28 10.00 -4.41
CA ASP B 281 36.99 8.56 -4.29
C ASP B 281 35.65 8.23 -4.93
N ILE B 282 34.63 9.04 -4.68
CA ILE B 282 33.32 8.81 -5.30
C ILE B 282 33.45 8.95 -6.82
N ALA B 283 34.15 9.98 -7.28
CA ALA B 283 34.31 10.19 -8.72
C ALA B 283 35.02 9.00 -9.38
N MET B 284 36.06 8.46 -8.73
CA MET B 284 36.72 7.28 -9.27
C MET B 284 35.76 6.11 -9.41
N MET B 285 35.01 5.80 -8.35
CA MET B 285 34.09 4.68 -8.42
C MET B 285 32.95 4.96 -9.40
N ALA B 286 32.66 6.23 -9.66
CA ALA B 286 31.62 6.60 -10.59
C ALA B 286 32.07 6.59 -12.04
N ASN B 287 33.36 6.37 -12.32
CA ASN B 287 33.86 6.46 -13.68
C ASN B 287 34.65 5.26 -14.15
N PHE B 288 35.32 4.55 -13.26
CA PHE B 288 36.28 3.54 -13.69
C PHE B 288 35.96 2.12 -13.22
N TYR B 289 34.82 1.91 -12.57
CA TYR B 289 34.40 0.55 -12.27
C TYR B 289 33.96 -0.12 -13.56
N SER B 290 34.28 -1.40 -13.69
CA SER B 290 34.00 -2.15 -14.93
C SER B 290 34.56 -1.41 -16.15
N SER B 291 35.70 -0.76 -15.96
CA SER B 291 36.36 -0.02 -17.04
C SER B 291 35.43 0.99 -17.70
N GLY B 292 34.57 1.60 -16.89
CA GLY B 292 33.66 2.64 -17.33
C GLY B 292 32.41 2.19 -18.06
N GLN B 293 32.14 0.90 -18.11
CA GLN B 293 30.99 0.37 -18.86
C GLN B 293 29.79 0.09 -17.96
N VAL B 294 29.35 1.13 -17.28
CA VAL B 294 28.24 1.05 -16.36
C VAL B 294 27.23 2.13 -16.73
N CYS B 295 25.97 1.74 -16.83
CA CYS B 295 24.94 2.66 -17.31
C CYS B 295 24.83 3.87 -16.41
N THR B 296 25.03 3.70 -15.10
CA THR B 296 24.81 4.75 -14.13
C THR B 296 26.03 5.62 -13.88
N ASN B 297 27.12 5.45 -14.62
CA ASN B 297 28.36 6.13 -14.28
C ASN B 297 28.21 7.64 -14.29
N GLY B 298 28.88 8.28 -13.34
CA GLY B 298 28.87 9.73 -13.18
C GLY B 298 29.95 10.38 -14.01
N THR B 299 29.73 10.41 -15.32
CA THR B 299 30.76 10.77 -16.28
C THR B 299 30.89 12.28 -16.49
N ARG B 300 29.95 13.08 -15.97
CA ARG B 300 30.10 14.53 -15.88
C ARG B 300 30.32 14.88 -14.42
N VAL B 301 31.55 15.26 -14.08
CA VAL B 301 31.91 15.57 -12.69
C VAL B 301 32.01 17.10 -12.58
N PHE B 302 31.06 17.69 -11.85
CA PHE B 302 30.98 19.14 -11.66
C PHE B 302 31.71 19.51 -10.37
N VAL B 303 32.74 20.34 -10.50
CA VAL B 303 33.58 20.74 -9.36
C VAL B 303 33.57 22.25 -9.24
N PRO B 304 33.48 22.81 -8.03
CA PRO B 304 33.54 24.27 -7.89
C PRO B 304 34.85 24.80 -8.47
N ALA B 305 34.78 25.94 -9.14
CA ALA B 305 35.97 26.49 -9.79
C ALA B 305 37.11 26.63 -8.79
N LYS B 306 36.80 27.05 -7.56
CA LYS B 306 37.86 27.28 -6.59
C LYS B 306 38.56 26.00 -6.15
N PHE B 307 37.92 24.84 -6.31
CA PHE B 307 38.52 23.57 -5.90
C PHE B 307 39.05 22.75 -7.06
N LYS B 308 38.84 23.21 -8.29
CA LYS B 308 39.04 22.35 -9.45
C LYS B 308 40.48 21.86 -9.53
N ALA B 309 41.45 22.76 -9.37
CA ALA B 309 42.84 22.38 -9.54
C ALA B 309 43.23 21.32 -8.52
N GLU B 310 42.85 21.51 -7.25
CA GLU B 310 43.17 20.52 -6.23
C GLU B 310 42.43 19.20 -6.48
N PHE B 311 41.19 19.27 -6.93
CA PHE B 311 40.45 18.05 -7.27
C PHE B 311 41.14 17.29 -8.40
N GLU B 312 41.62 18.01 -9.41
CA GLU B 312 42.34 17.36 -10.51
C GLU B 312 43.56 16.62 -9.99
N HIS B 313 44.27 17.23 -9.02
CA HIS B 313 45.43 16.59 -8.42
C HIS B 313 45.06 15.27 -7.76
N LYS B 314 43.95 15.26 -7.01
CA LYS B 314 43.56 14.06 -6.27
C LYS B 314 43.08 12.96 -7.21
N ILE B 315 42.39 13.32 -8.29
CA ILE B 315 41.99 12.32 -9.27
C ILE B 315 43.20 11.69 -9.92
N LEU B 316 44.17 12.52 -10.32
CA LEU B 316 45.36 12.00 -10.99
C LEU B 316 46.09 11.02 -10.09
N GLU B 317 46.24 11.35 -8.81
CA GLU B 317 46.88 10.44 -7.87
C GLU B 317 46.17 9.09 -7.82
N ARG B 318 44.84 9.11 -7.77
CA ARG B 318 44.08 7.87 -7.64
C ARG B 318 44.13 7.07 -8.95
N VAL B 319 44.09 7.76 -10.08
CA VAL B 319 44.21 7.08 -11.37
C VAL B 319 45.54 6.37 -11.47
N GLY B 320 46.58 6.98 -10.90
CA GLY B 320 47.89 6.36 -10.91
C GLY B 320 47.95 5.06 -10.15
N ARG B 321 47.00 4.84 -9.23
CA ARG B 321 46.94 3.60 -8.46
C ARG B 321 46.14 2.49 -9.14
N ILE B 322 45.50 2.74 -10.27
CA ILE B 322 44.70 1.72 -10.93
C ILE B 322 45.60 0.59 -11.42
N ARG B 323 45.16 -0.65 -11.17
CA ARG B 323 45.95 -1.86 -11.42
C ARG B 323 45.30 -2.71 -12.51
N ALA B 324 45.76 -2.51 -13.74
CA ALA B 324 45.41 -3.37 -14.86
C ALA B 324 46.35 -4.57 -14.91
N GLY B 325 45.80 -5.73 -15.27
CA GLY B 325 46.61 -6.93 -15.38
C GLY B 325 45.76 -8.17 -15.49
N ASP B 326 46.35 -9.30 -15.09
CA ASP B 326 45.65 -10.58 -15.10
C ASP B 326 44.29 -10.44 -14.42
N LEU B 327 43.23 -10.75 -15.17
CA LEU B 327 41.88 -10.54 -14.69
C LEU B 327 41.48 -11.47 -13.55
N PHE B 328 42.20 -12.57 -13.35
CA PHE B 328 41.93 -13.50 -12.26
C PHE B 328 42.80 -13.24 -11.04
N ALA B 329 43.68 -12.23 -11.10
CA ALA B 329 44.52 -11.87 -9.98
C ALA B 329 43.78 -10.97 -8.99
N ASP B 330 44.03 -11.21 -7.69
CA ASP B 330 43.26 -10.56 -6.65
C ASP B 330 43.38 -9.04 -6.69
N ASP B 331 44.56 -8.53 -7.04
CA ASP B 331 44.78 -7.09 -7.00
C ASP B 331 44.41 -6.36 -8.30
N THR B 332 44.01 -7.07 -9.35
CA THR B 332 43.57 -6.38 -10.56
C THR B 332 42.19 -5.78 -10.32
N ASN B 333 42.06 -4.48 -10.64
CA ASN B 333 40.79 -3.79 -10.49
C ASN B 333 40.42 -2.99 -11.74
N PHE B 334 40.99 -3.35 -12.88
CA PHE B 334 40.71 -2.67 -14.14
C PHE B 334 40.92 -3.68 -15.27
N GLY B 335 39.93 -3.76 -16.16
CA GLY B 335 39.96 -4.71 -17.25
C GLY B 335 39.92 -4.06 -18.61
N PRO B 336 40.04 -4.87 -19.66
CA PRO B 336 39.81 -4.36 -21.02
C PRO B 336 38.33 -4.08 -21.24
N LEU B 337 38.04 -3.42 -22.35
CA LEU B 337 36.65 -3.26 -22.77
C LEU B 337 36.12 -4.59 -23.31
N VAL B 338 34.79 -4.65 -23.45
CA VAL B 338 34.14 -5.91 -23.77
C VAL B 338 34.46 -6.43 -25.17
N SER B 339 34.89 -5.56 -26.08
CA SER B 339 35.13 -5.98 -27.44
C SER B 339 36.00 -4.94 -28.12
N PHE B 340 36.58 -5.33 -29.24
CA PHE B 340 37.46 -4.46 -30.03
C PHE B 340 36.65 -3.44 -30.81
N PRO B 341 35.49 -3.79 -31.38
CA PRO B 341 34.64 -2.75 -31.95
C PRO B 341 34.22 -1.69 -30.94
N HIS B 342 33.92 -2.10 -29.71
CA HIS B 342 33.56 -1.11 -28.70
C HIS B 342 34.75 -0.22 -28.35
N ARG B 343 35.96 -0.77 -28.26
CA ARG B 343 37.12 0.07 -28.01
C ARG B 343 37.29 1.12 -29.11
N GLN B 344 37.11 0.72 -30.35
CA GLN B 344 37.24 1.68 -31.45
C GLN B 344 36.26 2.84 -31.27
N ASN B 345 35.05 2.54 -30.84
CA ASN B 345 34.03 3.60 -30.60
C ASN B 345 34.50 4.51 -29.45
N VAL B 346 35.03 3.92 -28.39
CA VAL B 346 35.51 4.73 -27.27
C VAL B 346 36.66 5.61 -27.72
N LEU B 347 37.56 5.05 -28.54
CA LEU B 347 38.68 5.84 -29.03
C LEU B 347 38.24 6.99 -29.94
N ARG B 348 37.16 6.80 -30.71
CA ARG B 348 36.63 7.92 -31.49
C ARG B 348 36.15 9.05 -30.57
N TYR B 349 35.50 8.70 -29.45
CA TYR B 349 35.07 9.74 -28.53
C TYR B 349 36.25 10.48 -27.93
N ILE B 350 37.30 9.74 -27.56
CA ILE B 350 38.48 10.37 -26.98
C ILE B 350 39.09 11.35 -27.97
N GLU B 351 39.17 10.96 -29.24
CA GLU B 351 39.72 11.85 -30.26
C GLU B 351 38.87 13.11 -30.43
N SER B 352 37.54 12.99 -30.33
CA SER B 352 36.71 14.18 -30.44
C SER B 352 36.97 15.14 -29.28
N GLY B 353 37.19 14.61 -28.08
CA GLY B 353 37.56 15.47 -26.97
C GLY B 353 38.83 16.25 -27.24
N LYS B 354 39.85 15.59 -27.77
CA LYS B 354 41.10 16.27 -28.08
C LYS B 354 40.86 17.34 -29.14
N SER B 355 40.14 17.01 -30.20
CA SER B 355 39.96 17.93 -31.31
C SER B 355 39.01 19.07 -30.98
N GLU B 356 38.16 18.90 -29.96
CA GLU B 356 37.25 19.97 -29.56
C GLU B 356 37.81 20.84 -28.45
N GLY B 357 39.06 20.63 -28.06
CA GLY B 357 39.75 21.52 -27.14
C GLY B 357 39.68 21.14 -25.69
N ALA B 358 39.11 19.99 -25.35
CA ALA B 358 39.17 19.51 -23.98
C ALA B 358 40.63 19.22 -23.65
N ARG B 359 41.02 19.47 -22.41
CA ARG B 359 42.39 19.23 -21.99
C ARG B 359 42.52 17.77 -21.57
N LEU B 360 43.42 17.02 -22.21
CA LEU B 360 43.60 15.62 -21.84
C LEU B 360 44.49 15.65 -20.60
N LEU B 361 43.94 15.21 -19.48
CA LEU B 361 44.66 15.21 -18.22
C LEU B 361 45.45 13.92 -18.03
N CYS B 362 44.93 12.78 -18.49
CA CYS B 362 45.68 11.54 -18.43
C CYS B 362 45.03 10.52 -19.35
N GLY B 363 45.79 9.48 -19.70
CA GLY B 363 45.25 8.40 -20.51
C GLY B 363 45.13 8.86 -21.96
N GLY B 364 44.04 8.46 -22.61
CA GLY B 364 43.77 8.84 -23.97
C GLY B 364 44.24 7.88 -25.05
N ASP B 365 44.76 6.72 -24.68
CA ASP B 365 45.30 5.77 -25.64
C ASP B 365 45.00 4.36 -25.16
N VAL B 366 45.27 3.39 -26.05
CA VAL B 366 45.23 1.99 -25.67
C VAL B 366 46.42 1.66 -24.77
N LEU B 367 46.26 0.59 -23.99
CA LEU B 367 47.38 0.04 -23.22
C LEU B 367 48.23 -0.85 -24.13
N LYS B 368 49.54 -0.84 -23.89
CA LYS B 368 50.52 -1.52 -24.72
C LYS B 368 51.46 -2.38 -23.89
N GLY B 369 52.05 -3.38 -24.52
CA GLY B 369 53.00 -4.25 -23.86
C GLY B 369 52.53 -5.67 -23.75
N GLU B 370 53.42 -6.51 -23.22
CA GLU B 370 53.09 -7.90 -22.99
C GLU B 370 51.86 -7.97 -22.09
N GLY B 371 50.90 -8.81 -22.47
CA GLY B 371 49.67 -8.94 -21.71
C GLY B 371 48.58 -7.95 -22.05
N PHE B 372 48.85 -6.96 -22.91
CA PHE B 372 47.87 -5.99 -23.36
C PHE B 372 47.64 -5.92 -24.85
N ASP B 373 48.65 -6.26 -25.68
CA ASP B 373 48.51 -6.05 -27.12
C ASP B 373 47.35 -6.84 -27.69
N ASN B 374 47.00 -7.97 -27.09
CA ASN B 374 45.95 -8.83 -27.59
C ASN B 374 44.61 -8.61 -26.92
N GLY B 375 44.51 -7.64 -26.01
CA GLY B 375 43.26 -7.35 -25.35
C GLY B 375 42.74 -5.97 -25.72
N ALA B 376 41.46 -5.73 -25.52
CA ALA B 376 40.82 -4.48 -25.95
C ALA B 376 40.94 -3.39 -24.87
N TRP B 377 42.17 -3.07 -24.51
CA TRP B 377 42.44 -2.17 -23.39
C TRP B 377 42.44 -0.71 -23.82
N VAL B 378 41.80 0.13 -23.00
CA VAL B 378 41.89 1.58 -23.07
C VAL B 378 42.35 2.08 -21.71
N ALA B 379 43.32 2.98 -21.70
CA ALA B 379 43.83 3.55 -20.46
C ALA B 379 42.75 4.38 -19.76
N PRO B 380 42.73 4.39 -18.43
CA PRO B 380 41.83 5.33 -17.72
C PRO B 380 42.12 6.77 -18.15
N THR B 381 41.08 7.46 -18.58
CA THR B 381 41.21 8.74 -19.28
C THR B 381 40.40 9.79 -18.55
N VAL B 382 41.02 10.95 -18.33
CA VAL B 382 40.36 12.09 -17.72
C VAL B 382 40.56 13.32 -18.57
N PHE B 383 39.46 13.98 -18.92
CA PHE B 383 39.45 15.29 -19.54
C PHE B 383 39.02 16.35 -18.53
N THR B 384 39.59 17.55 -18.62
CA THR B 384 39.16 18.66 -17.80
C THR B 384 39.05 19.89 -18.69
N ASP B 385 38.65 21.01 -18.08
CA ASP B 385 38.31 22.21 -18.83
C ASP B 385 37.22 21.93 -19.86
N CYS B 386 36.29 21.06 -19.51
CA CYS B 386 35.24 20.69 -20.45
C CYS B 386 34.10 21.72 -20.44
N THR B 387 33.37 21.76 -21.56
CA THR B 387 32.23 22.65 -21.74
C THR B 387 31.04 21.85 -22.23
N ASP B 388 29.85 22.41 -22.01
CA ASP B 388 28.62 21.64 -22.16
C ASP B 388 28.33 21.24 -23.60
N ASP B 389 28.91 21.92 -24.59
CA ASP B 389 28.63 21.61 -25.99
C ASP B 389 29.56 20.55 -26.56
N MET B 390 30.57 20.10 -25.81
CA MET B 390 31.49 19.09 -26.32
C MET B 390 30.78 17.74 -26.47
N THR B 391 31.20 16.99 -27.49
CA THR B 391 30.64 15.67 -27.73
C THR B 391 30.83 14.74 -26.54
N ILE B 392 32.03 14.73 -25.97
CA ILE B 392 32.31 13.84 -24.84
C ILE B 392 31.50 14.21 -23.60
N VAL B 393 31.00 15.44 -23.54
CA VAL B 393 30.16 15.85 -22.44
C VAL B 393 28.70 15.50 -22.72
N ARG B 394 28.29 15.51 -23.98
CA ARG B 394 26.86 15.30 -24.30
C ARG B 394 26.49 13.84 -24.60
N GLU B 395 27.43 12.99 -25.00
CA GLU B 395 27.09 11.64 -25.43
C GLU B 395 27.67 10.59 -24.48
N GLU B 396 26.92 9.52 -24.30
CA GLU B 396 27.42 8.41 -23.49
C GLU B 396 28.54 7.70 -24.23
N ILE B 397 29.66 7.52 -23.53
CA ILE B 397 30.84 6.89 -24.10
C ILE B 397 30.92 5.41 -23.74
N PHE B 398 30.53 5.07 -22.51
CA PHE B 398 30.59 3.68 -22.04
C PHE B 398 32.03 3.18 -22.09
N GLY B 399 32.96 4.05 -21.74
CA GLY B 399 34.33 3.66 -21.51
C GLY B 399 34.91 4.46 -20.37
N PRO B 400 36.20 4.26 -20.10
CA PRO B 400 36.83 4.88 -18.92
C PRO B 400 37.25 6.31 -19.22
N VAL B 401 36.24 7.19 -19.32
CA VAL B 401 36.43 8.58 -19.72
C VAL B 401 35.64 9.53 -18.84
N MET B 402 36.34 10.20 -17.91
CA MET B 402 35.73 11.17 -17.00
C MET B 402 35.85 12.58 -17.60
N SER B 403 34.76 13.35 -17.50
CA SER B 403 34.76 14.76 -17.91
C SER B 403 34.55 15.65 -16.69
N ILE B 404 35.52 16.53 -16.42
CA ILE B 404 35.46 17.43 -15.27
C ILE B 404 35.04 18.82 -15.76
N LEU B 405 33.98 19.37 -15.15
CA LEU B 405 33.43 20.66 -15.52
C LEU B 405 33.41 21.58 -14.31
N SER B 406 33.97 22.77 -14.47
CA SER B 406 33.91 23.78 -13.41
CA SER B 406 33.91 23.77 -13.40
C SER B 406 32.56 24.48 -13.41
N TYR B 407 32.14 24.92 -12.22
CA TYR B 407 30.93 25.70 -12.03
C TYR B 407 31.14 26.72 -10.92
N ASP B 408 30.26 27.72 -10.91
CA ASP B 408 30.35 28.84 -9.96
C ASP B 408 29.30 28.81 -8.87
N ASP B 409 28.05 28.46 -9.15
CA ASP B 409 26.99 28.58 -8.15
C ASP B 409 26.02 27.42 -8.27
N GLU B 410 25.22 27.23 -7.21
CA GLU B 410 24.38 26.05 -7.10
C GLU B 410 23.28 26.06 -8.16
N ALA B 411 22.64 27.21 -8.38
CA ALA B 411 21.59 27.28 -9.38
C ALA B 411 22.12 26.94 -10.77
N GLU B 412 23.34 27.38 -11.08
CA GLU B 412 23.94 27.07 -12.38
C GLU B 412 24.15 25.58 -12.54
N VAL B 413 24.74 24.95 -11.53
CA VAL B 413 25.11 23.54 -11.70
C VAL B 413 23.87 22.67 -11.81
N ILE B 414 22.79 23.02 -11.10
CA ILE B 414 21.54 22.27 -11.22
C ILE B 414 21.00 22.40 -12.63
N ARG B 415 20.97 23.63 -13.14
CA ARG B 415 20.52 23.88 -14.50
C ARG B 415 21.35 23.07 -15.50
N ARG B 416 22.66 23.06 -15.33
CA ARG B 416 23.54 22.36 -16.26
C ARG B 416 23.46 20.85 -16.10
N ALA B 417 23.31 20.37 -14.86
CA ALA B 417 23.14 18.93 -14.66
C ALA B 417 21.89 18.42 -15.37
N ASN B 418 20.82 19.21 -15.35
CA ASN B 418 19.54 18.81 -15.95
C ASN B 418 19.42 19.11 -17.45
N ALA B 419 20.35 19.86 -18.04
CA ALA B 419 20.23 20.24 -19.44
C ALA B 419 20.77 19.10 -20.31
N THR B 420 19.99 18.02 -20.35
CA THR B 420 20.38 16.83 -21.10
C THR B 420 19.14 15.99 -21.40
N GLU B 421 19.22 15.19 -22.46
CA GLU B 421 18.09 14.30 -22.80
C GLU B 421 18.18 13.03 -21.95
N TYR B 422 19.32 12.80 -21.30
CA TYR B 422 19.43 11.65 -20.42
C TYR B 422 18.87 11.98 -19.02
N GLY B 423 18.54 10.93 -18.26
CA GLY B 423 18.02 11.09 -16.92
C GLY B 423 18.24 9.92 -15.99
N LEU B 424 19.31 9.16 -16.12
CA LEU B 424 19.37 7.88 -15.43
C LEU B 424 19.74 8.07 -13.95
N ALA B 425 20.91 8.62 -13.68
CA ALA B 425 21.38 8.74 -12.31
C ALA B 425 21.93 10.15 -12.06
N ALA B 426 22.24 10.41 -10.79
CA ALA B 426 22.85 11.65 -10.36
C ALA B 426 23.35 11.47 -8.93
N GLY B 427 24.23 12.37 -8.50
CA GLY B 427 24.67 12.34 -7.12
C GLY B 427 25.21 13.67 -6.66
N VAL B 428 25.26 13.82 -5.35
CA VAL B 428 25.81 15.02 -4.73
C VAL B 428 26.74 14.61 -3.59
N VAL B 429 27.81 15.37 -3.42
CA VAL B 429 28.76 15.15 -2.34
C VAL B 429 28.71 16.41 -1.48
N THR B 430 28.22 16.28 -0.26
CA THR B 430 28.10 17.39 0.67
C THR B 430 27.80 16.89 2.08
N PRO B 431 28.40 17.50 3.11
CA PRO B 431 28.04 17.15 4.49
C PRO B 431 26.82 17.89 5.01
N ASP B 432 26.29 18.86 4.26
CA ASP B 432 25.24 19.74 4.74
C ASP B 432 23.88 19.11 4.49
N LEU B 433 23.05 19.07 5.54
CA LEU B 433 21.73 18.46 5.45
C LEU B 433 20.89 19.13 4.37
N ASN B 434 20.75 20.45 4.46
CA ASN B 434 19.85 21.16 3.54
C ASN B 434 20.35 21.10 2.12
N ARG B 435 21.65 21.29 1.91
CA ARG B 435 22.20 21.25 0.56
C ARG B 435 21.97 19.90 -0.10
N ALA B 436 22.18 18.81 0.65
CA ALA B 436 22.09 17.49 0.05
C ALA B 436 20.67 17.21 -0.45
N HIS B 437 19.66 17.39 0.41
CA HIS B 437 18.29 17.10 0.00
C HIS B 437 17.79 18.12 -1.02
N ARG B 438 18.14 19.39 -0.81
CA ARG B 438 17.66 20.45 -1.68
C ARG B 438 18.13 20.23 -3.11
N ILE B 439 19.40 19.90 -3.29
CA ILE B 439 19.93 19.72 -4.63
C ILE B 439 19.34 18.47 -5.28
N ILE B 440 19.31 17.36 -4.53
CA ILE B 440 18.84 16.10 -5.10
C ILE B 440 17.40 16.23 -5.58
N HIS B 441 16.55 16.92 -4.80
CA HIS B 441 15.15 17.04 -5.17
C HIS B 441 14.96 17.79 -6.48
N GLN B 442 15.93 18.60 -6.91
CA GLN B 442 15.81 19.34 -8.16
C GLN B 442 16.42 18.63 -9.36
N LEU B 443 17.13 17.52 -9.17
CA LEU B 443 17.79 16.85 -10.28
C LEU B 443 16.81 15.93 -10.98
N GLU B 444 16.86 15.94 -12.32
CA GLU B 444 15.91 15.16 -13.13
C GLU B 444 16.52 13.80 -13.48
N ALA B 445 16.54 12.93 -12.47
CA ALA B 445 17.10 11.60 -12.61
C ALA B 445 16.39 10.64 -11.66
N GLY B 446 16.34 9.36 -12.06
CA GLY B 446 15.62 8.37 -11.29
C GLY B 446 16.40 7.72 -10.17
N ILE B 447 17.72 7.82 -10.22
CA ILE B 447 18.63 7.17 -9.27
C ILE B 447 19.59 8.22 -8.73
N CYS B 448 19.47 8.54 -7.44
CA CYS B 448 20.25 9.63 -6.86
C CYS B 448 21.00 9.14 -5.63
N TRP B 449 22.29 9.45 -5.57
CA TRP B 449 23.17 9.03 -4.48
C TRP B 449 23.71 10.26 -3.76
N ILE B 450 23.64 10.22 -2.42
CA ILE B 450 24.19 11.28 -1.58
C ILE B 450 25.41 10.70 -0.87
N ASN B 451 26.58 11.29 -1.16
CA ASN B 451 27.84 10.89 -0.53
C ASN B 451 28.17 9.42 -0.80
N SER B 452 27.82 8.95 -1.99
CA SER B 452 28.13 7.59 -2.41
CA SER B 452 28.13 7.59 -2.41
C SER B 452 27.87 7.49 -3.91
N TRP B 453 28.10 6.30 -4.46
CA TRP B 453 27.77 6.01 -5.84
C TRP B 453 27.68 4.52 -6.04
N GLY B 454 26.70 4.08 -6.84
CA GLY B 454 26.70 2.76 -7.44
C GLY B 454 25.85 1.71 -6.73
N GLU B 455 25.55 1.89 -5.45
CA GLU B 455 24.81 0.85 -4.74
C GLU B 455 23.36 0.80 -5.22
N SER B 456 22.88 -0.41 -5.52
CA SER B 456 21.54 -0.60 -6.09
C SER B 456 20.81 -1.71 -5.34
N PRO B 457 20.33 -1.41 -4.13
CA PRO B 457 19.67 -2.44 -3.33
C PRO B 457 18.44 -3.01 -4.03
N ALA B 458 18.18 -4.31 -3.78
CA ALA B 458 17.04 -4.96 -4.40
C ALA B 458 15.72 -4.25 -4.12
N GLU B 459 15.62 -3.59 -2.96
CA GLU B 459 14.41 -2.90 -2.55
C GLU B 459 14.18 -1.60 -3.32
N MET B 460 15.21 -1.08 -3.99
CA MET B 460 15.20 0.27 -4.50
C MET B 460 14.84 0.30 -5.98
N PRO B 461 13.69 0.87 -6.37
CA PRO B 461 13.39 0.97 -7.81
C PRO B 461 14.42 1.85 -8.52
N VAL B 462 14.85 1.39 -9.70
CA VAL B 462 15.87 2.07 -10.49
C VAL B 462 15.43 2.14 -11.94
N GLY B 463 15.62 3.31 -12.55
CA GLY B 463 15.29 3.52 -13.95
C GLY B 463 15.45 4.97 -14.28
N GLY B 464 15.23 5.30 -15.55
CA GLY B 464 15.57 6.61 -16.07
C GLY B 464 14.41 7.57 -16.24
N TYR B 465 14.73 8.85 -16.07
CA TYR B 465 13.91 9.92 -16.59
C TYR B 465 14.19 10.11 -18.07
N LYS B 466 13.28 10.82 -18.75
CA LYS B 466 13.51 11.36 -20.10
C LYS B 466 13.98 10.24 -21.03
N HIS B 467 15.05 10.42 -21.79
CA HIS B 467 15.43 9.43 -22.80
C HIS B 467 16.22 8.26 -22.21
N SER B 468 16.39 8.20 -20.90
CA SER B 468 17.19 7.13 -20.30
C SER B 468 16.37 5.88 -19.97
N GLY B 469 15.05 5.91 -20.07
CA GLY B 469 14.31 4.67 -19.97
C GLY B 469 12.82 4.86 -19.83
N ILE B 470 12.13 3.72 -19.84
CA ILE B 470 10.72 3.59 -19.53
C ILE B 470 10.57 2.59 -18.40
N GLY B 471 9.81 2.95 -17.38
CA GLY B 471 9.57 2.01 -16.30
C GLY B 471 10.76 1.87 -15.37
N ARG B 472 10.66 0.85 -14.52
CA ARG B 472 11.63 0.67 -13.46
C ARG B 472 11.94 -0.81 -13.31
N GLU B 473 13.06 -1.08 -12.65
CA GLU B 473 13.46 -2.39 -12.20
C GLU B 473 13.70 -2.38 -10.69
N ASN B 474 13.59 -3.56 -10.08
CA ASN B 474 13.74 -3.77 -8.64
C ASN B 474 12.62 -3.09 -7.86
N GLY B 475 12.53 -3.35 -6.56
CA GLY B 475 11.46 -2.81 -5.74
C GLY B 475 10.15 -3.57 -5.92
N VAL B 476 9.21 -3.31 -5.00
CA VAL B 476 7.92 -3.99 -5.04
CA VAL B 476 7.93 -4.01 -5.05
C VAL B 476 7.17 -3.63 -6.31
N MET B 477 7.29 -2.38 -6.75
CA MET B 477 6.54 -1.94 -7.92
C MET B 477 6.88 -2.76 -9.17
N THR B 478 8.12 -3.27 -9.30
CA THR B 478 8.45 -4.01 -10.52
C THR B 478 7.81 -5.39 -10.53
N LEU B 479 7.62 -6.00 -9.36
CA LEU B 479 6.84 -7.23 -9.28
C LEU B 479 5.43 -6.97 -9.79
N GLN B 480 4.82 -5.86 -9.36
CA GLN B 480 3.48 -5.50 -9.78
C GLN B 480 3.43 -5.21 -11.28
N SER B 481 4.49 -4.63 -11.84
CA SER B 481 4.55 -4.30 -13.25
C SER B 481 4.62 -5.53 -14.15
N TYR B 482 4.91 -6.70 -13.60
CA TYR B 482 4.83 -7.94 -14.37
C TYR B 482 3.51 -8.66 -14.19
N THR B 483 2.51 -7.99 -13.61
CA THR B 483 1.14 -8.47 -13.62
C THR B 483 0.27 -7.46 -14.37
N GLN B 484 -0.92 -7.89 -14.74
CA GLN B 484 -1.92 -6.99 -15.30
C GLN B 484 -3.16 -7.07 -14.43
N VAL B 485 -3.80 -5.92 -14.25
CA VAL B 485 -4.94 -5.80 -13.35
C VAL B 485 -6.22 -6.16 -14.09
N LYS B 486 -7.01 -7.04 -13.50
CA LYS B 486 -8.37 -7.32 -13.92
C LYS B 486 -9.31 -6.79 -12.85
N SER B 487 -10.21 -5.89 -13.24
CA SER B 487 -11.23 -5.37 -12.34
C SER B 487 -12.54 -6.13 -12.57
N ILE B 488 -13.15 -6.58 -11.47
CA ILE B 488 -14.35 -7.40 -11.49
C ILE B 488 -15.40 -6.77 -10.60
N GLN B 489 -16.54 -6.38 -11.19
CA GLN B 489 -17.67 -5.86 -10.45
C GLN B 489 -18.73 -6.94 -10.26
N VAL B 490 -19.11 -7.17 -9.01
CA VAL B 490 -20.22 -8.04 -8.66
C VAL B 490 -21.43 -7.16 -8.40
N GLU B 491 -22.44 -7.25 -9.26
CA GLU B 491 -23.69 -6.52 -9.09
C GLU B 491 -24.75 -7.49 -8.58
N MET B 492 -25.11 -7.33 -7.31
CA MET B 492 -26.11 -8.13 -6.62
C MET B 492 -27.51 -7.51 -6.64
N GLY B 493 -27.63 -6.25 -7.04
CA GLY B 493 -28.90 -5.60 -7.15
C GLY B 493 -29.53 -5.82 -8.51
N PRO B 494 -30.76 -5.34 -8.70
CA PRO B 494 -31.43 -5.55 -9.99
C PRO B 494 -30.85 -4.60 -11.02
N PHE B 495 -30.48 -5.14 -12.18
CA PHE B 495 -29.94 -4.31 -13.23
C PHE B 495 -31.07 -3.56 -13.91
N GLN B 496 -30.87 -2.26 -14.13
CA GLN B 496 -31.89 -1.41 -14.74
C GLN B 496 -31.43 -1.05 -16.14
N SER B 497 -32.24 -1.38 -17.13
CA SER B 497 -32.02 -0.97 -18.52
C SER B 497 -32.89 0.21 -18.89
N ILE B 498 -32.34 1.12 -19.70
CA ILE B 498 -33.11 2.26 -20.20
C ILE B 498 -33.82 1.94 -21.51
N PHE B 499 -33.64 0.73 -22.04
CA PHE B 499 -34.34 0.28 -23.23
C PHE B 499 -35.52 -0.63 -22.89
N ARG C 12 8.49 -40.89 31.77
CA ARG C 12 8.63 -39.47 31.97
C ARG C 12 9.73 -38.85 31.13
N MET C 13 9.88 -37.55 31.29
CA MET C 13 10.99 -36.77 30.77
C MET C 13 11.73 -36.14 31.94
N ALA C 14 13.00 -35.82 31.71
CA ALA C 14 13.78 -35.04 32.65
C ALA C 14 13.03 -33.75 33.00
N GLU C 15 13.30 -33.21 34.18
CA GLU C 15 12.64 -31.97 34.58
C GLU C 15 12.97 -30.90 33.53
N GLN C 16 11.94 -30.19 33.10
CA GLN C 16 12.06 -29.21 32.03
C GLN C 16 12.40 -27.85 32.62
N GLN C 17 13.40 -27.20 32.03
CA GLN C 17 13.93 -25.94 32.55
C GLN C 17 13.43 -24.76 31.71
N LEU C 18 13.75 -23.56 32.18
CA LEU C 18 13.50 -22.37 31.39
C LEU C 18 14.51 -22.31 30.24
N TYR C 19 14.18 -21.53 29.21
CA TYR C 19 15.08 -21.28 28.10
C TYR C 19 15.32 -19.78 28.03
N ILE C 20 16.52 -19.33 28.41
CA ILE C 20 16.86 -17.91 28.46
C ILE C 20 18.22 -17.71 27.81
N HIS C 21 18.29 -16.84 26.81
CA HIS C 21 19.53 -16.47 26.15
C HIS C 21 20.24 -17.67 25.52
N GLY C 22 19.50 -18.44 24.73
CA GLY C 22 20.10 -19.47 23.91
C GLY C 22 20.56 -20.69 24.67
N LYS C 23 20.05 -20.89 25.88
CA LYS C 23 20.38 -22.07 26.65
C LYS C 23 19.29 -22.34 27.67
N PHE C 24 19.23 -23.59 28.10
CA PHE C 24 18.37 -23.99 29.20
C PHE C 24 19.01 -23.57 30.50
N VAL C 25 18.20 -23.02 31.40
CA VAL C 25 18.68 -22.53 32.68
C VAL C 25 17.63 -22.84 33.73
N ALA C 26 18.10 -23.15 34.94
CA ALA C 26 17.19 -23.46 36.02
C ALA C 26 16.41 -22.24 36.47
N ALA C 27 15.16 -22.46 36.83
CA ALA C 27 14.39 -21.39 37.45
C ALA C 27 14.93 -21.15 38.86
N THR C 28 14.81 -19.90 39.31
CA THR C 28 15.14 -19.51 40.67
C THR C 28 13.91 -19.47 41.57
N SER C 29 12.73 -19.83 41.05
CA SER C 29 11.50 -19.72 41.83
C SER C 29 11.34 -20.78 42.89
N GLY C 30 11.99 -21.93 42.75
CA GLY C 30 11.71 -23.05 43.61
C GLY C 30 10.39 -23.75 43.36
N LYS C 31 9.72 -23.47 42.24
CA LYS C 31 8.39 -23.96 41.96
C LYS C 31 8.38 -24.82 40.70
N THR C 32 7.54 -25.85 40.68
CA THR C 32 7.36 -26.66 39.48
C THR C 32 5.88 -26.97 39.30
N PHE C 33 5.55 -27.52 38.13
CA PHE C 33 4.21 -28.06 37.87
C PHE C 33 4.37 -29.28 36.97
N GLU C 34 3.28 -30.05 36.84
CA GLU C 34 3.24 -31.24 36.00
C GLU C 34 2.29 -31.09 34.82
N THR C 35 2.71 -31.58 33.66
CA THR C 35 1.84 -31.73 32.50
C THR C 35 1.49 -33.21 32.31
N ILE C 36 0.22 -33.47 32.05
CA ILE C 36 -0.35 -34.81 32.01
C ILE C 36 -0.59 -35.22 30.57
N ASN C 37 -0.47 -36.53 30.33
CA ASN C 37 -0.89 -37.08 29.04
C ASN C 37 -2.39 -37.34 29.15
N PRO C 38 -3.22 -36.58 28.44
CA PRO C 38 -4.68 -36.72 28.66
C PRO C 38 -5.25 -38.02 28.12
N ALA C 39 -4.49 -38.81 27.36
CA ALA C 39 -4.96 -40.12 26.93
C ALA C 39 -4.77 -41.19 28.00
N THR C 40 -3.89 -40.95 28.97
CA THR C 40 -3.58 -41.94 29.99
C THR C 40 -3.68 -41.41 31.41
N GLY C 41 -3.66 -40.09 31.62
CA GLY C 41 -3.58 -39.58 32.95
C GLY C 41 -2.19 -39.61 33.56
N GLU C 42 -1.20 -40.12 32.84
CA GLU C 42 0.14 -40.20 33.39
C GLU C 42 0.88 -38.88 33.24
N VAL C 43 1.82 -38.65 34.14
CA VAL C 43 2.65 -37.44 34.11
C VAL C 43 3.63 -37.53 32.95
N LEU C 44 3.55 -36.56 32.03
CA LEU C 44 4.55 -36.48 30.97
C LEU C 44 5.88 -35.91 31.46
N ALA C 45 5.84 -34.83 32.24
CA ALA C 45 7.05 -34.18 32.71
C ALA C 45 6.76 -33.25 33.88
N THR C 46 7.77 -33.09 34.74
CA THR C 46 7.81 -32.01 35.73
C THR C 46 8.47 -30.80 35.10
N VAL C 47 7.87 -29.62 35.29
CA VAL C 47 8.28 -28.41 34.60
C VAL C 47 8.52 -27.29 35.61
N GLN C 48 9.64 -26.60 35.46
CA GLN C 48 9.97 -25.47 36.33
C GLN C 48 9.17 -24.24 35.92
N ALA C 49 8.81 -23.43 36.91
CA ALA C 49 7.98 -22.25 36.72
C ALA C 49 8.83 -20.99 36.92
N ALA C 50 8.77 -20.07 35.95
CA ALA C 50 9.58 -18.87 36.02
C ALA C 50 9.03 -17.92 37.08
N GLY C 51 9.91 -17.44 37.98
CA GLY C 51 9.52 -16.45 38.96
C GLY C 51 9.75 -15.03 38.48
N ARG C 52 9.50 -14.08 39.39
CA ARG C 52 9.62 -12.67 39.05
C ARG C 52 11.06 -12.32 38.67
N GLU C 53 12.05 -12.88 39.37
CA GLU C 53 13.43 -12.61 39.01
C GLU C 53 13.78 -13.27 37.68
N ASP C 54 13.22 -14.45 37.43
CA ASP C 54 13.45 -15.13 36.15
C ASP C 54 12.89 -14.33 34.99
N VAL C 55 11.72 -13.73 35.17
CA VAL C 55 11.15 -12.89 34.13
C VAL C 55 12.05 -11.70 33.84
N ASP C 56 12.56 -11.05 34.89
CA ASP C 56 13.43 -9.89 34.69
C ASP C 56 14.72 -10.28 33.98
N ARG C 57 15.27 -11.45 34.33
CA ARG C 57 16.43 -11.96 33.60
C ARG C 57 16.12 -12.07 32.12
N ALA C 58 14.97 -12.68 31.80
CA ALA C 58 14.60 -12.93 30.41
C ALA C 58 14.42 -11.62 29.64
N VAL C 59 13.87 -10.59 30.29
CA VAL C 59 13.70 -9.29 29.62
C VAL C 59 15.06 -8.68 29.29
N LYS C 60 15.99 -8.70 30.25
CA LYS C 60 17.32 -8.15 29.98
C LYS C 60 18.05 -8.97 28.91
N SER C 61 17.88 -10.29 28.93
CA SER C 61 18.42 -11.10 27.84
C SER C 61 17.81 -10.69 26.49
N ALA C 62 16.49 -10.50 26.46
CA ALA C 62 15.81 -10.14 25.22
C ALA C 62 16.27 -8.76 24.72
N GLN C 63 16.45 -7.82 25.63
CA GLN C 63 16.88 -6.49 25.20
C GLN C 63 18.24 -6.56 24.51
N GLN C 64 19.15 -7.38 25.05
CA GLN C 64 20.48 -7.53 24.46
C GLN C 64 20.39 -8.22 23.10
N GLY C 65 19.64 -9.31 23.00
CA GLY C 65 19.54 -10.02 21.74
C GLY C 65 18.82 -9.22 20.67
N GLN C 66 17.80 -8.47 21.07
CA GLN C 66 17.03 -7.67 20.11
C GLN C 66 17.92 -6.67 19.39
N LYS C 67 18.87 -6.07 20.11
CA LYS C 67 19.73 -5.07 19.50
C LYS C 67 20.59 -5.68 18.40
N VAL C 68 21.15 -6.86 18.68
CA VAL C 68 21.92 -7.62 17.68
C VAL C 68 21.05 -7.96 16.47
N TRP C 69 19.86 -8.50 16.75
CA TRP C 69 18.95 -8.95 15.69
C TRP C 69 18.52 -7.80 14.81
N ALA C 70 18.21 -6.65 15.41
CA ALA C 70 17.73 -5.53 14.62
C ALA C 70 18.86 -4.89 13.82
N ALA C 71 20.11 -5.06 14.25
CA ALA C 71 21.23 -4.46 13.55
C ALA C 71 21.62 -5.25 12.30
N MET C 72 21.17 -6.50 12.20
CA MET C 72 21.43 -7.29 11.01
C MET C 72 20.63 -6.72 9.84
N SER C 73 21.01 -7.12 8.65
CA SER C 73 20.24 -6.72 7.48
C SER C 73 18.91 -7.49 7.46
N ALA C 74 17.95 -6.92 6.73
CA ALA C 74 16.65 -7.56 6.62
C ALA C 74 16.78 -8.96 6.03
N MET C 75 17.62 -9.12 5.01
CA MET C 75 17.74 -10.42 4.36
C MET C 75 18.47 -11.42 5.25
N ALA C 76 19.40 -10.94 6.08
CA ALA C 76 20.04 -11.81 7.06
C ALA C 76 19.01 -12.38 8.05
N ARG C 77 18.07 -11.54 8.53
CA ARG C 77 17.00 -12.04 9.39
C ARG C 77 16.11 -13.03 8.64
N SER C 78 15.83 -12.72 7.38
CA SER C 78 15.00 -13.61 6.57
CA SER C 78 14.99 -13.62 6.58
C SER C 78 15.63 -14.99 6.44
N ARG C 79 16.94 -15.05 6.21
CA ARG C 79 17.59 -16.34 6.02
C ARG C 79 17.54 -17.19 7.28
N ILE C 80 17.72 -16.56 8.44
CA ILE C 80 17.70 -17.29 9.71
C ILE C 80 16.32 -17.88 9.96
N LEU C 81 15.27 -17.09 9.74
CA LEU C 81 13.92 -17.62 9.93
C LEU C 81 13.63 -18.73 8.93
N ARG C 82 14.16 -18.61 7.71
CA ARG C 82 13.98 -19.66 6.71
C ARG C 82 14.68 -20.96 7.13
N LYS C 83 15.84 -20.87 7.79
CA LYS C 83 16.47 -22.09 8.28
C LYS C 83 15.61 -22.75 9.36
N ALA C 84 14.95 -21.95 10.20
CA ALA C 84 14.07 -22.54 11.20
C ALA C 84 12.90 -23.25 10.54
N VAL C 85 12.36 -22.68 9.45
CA VAL C 85 11.34 -23.37 8.68
C VAL C 85 11.84 -24.73 8.22
N ASP C 86 13.04 -24.77 7.64
CA ASP C 86 13.60 -26.03 7.14
C ASP C 86 13.71 -27.07 8.24
N ILE C 87 14.14 -26.65 9.43
CA ILE C 87 14.25 -27.59 10.54
C ILE C 87 12.87 -28.09 10.95
N LEU C 88 11.88 -27.18 11.01
CA LEU C 88 10.54 -27.59 11.39
C LEU C 88 9.98 -28.62 10.41
N ARG C 89 10.21 -28.44 9.10
CA ARG C 89 9.79 -29.44 8.13
C ARG C 89 10.46 -30.78 8.39
N GLU C 90 11.77 -30.76 8.66
CA GLU C 90 12.50 -32.00 8.90
C GLU C 90 12.01 -32.72 10.16
N ARG C 91 11.73 -31.97 11.22
N ARG C 91 11.75 -31.97 11.24
CA ARG C 91 11.36 -32.55 12.51
CA ARG C 91 11.37 -32.54 12.52
C ARG C 91 9.86 -32.56 12.71
C ARG C 91 9.86 -32.58 12.72
N ASN C 92 9.08 -32.44 11.64
CA ASN C 92 7.63 -32.38 11.75
C ASN C 92 7.07 -33.57 12.51
N ASP C 93 7.51 -34.79 12.16
CA ASP C 93 6.89 -35.97 12.73
C ASP C 93 7.29 -36.12 14.20
N GLU C 94 8.55 -35.85 14.53
CA GLU C 94 8.96 -35.91 15.93
C GLU C 94 8.16 -34.90 16.76
N LEU C 95 8.05 -33.66 16.26
CA LEU C 95 7.32 -32.63 16.98
C LEU C 95 5.83 -32.94 17.08
N ALA C 96 5.26 -33.52 16.01
CA ALA C 96 3.83 -33.84 16.05
C ALA C 96 3.50 -34.88 17.12
N ARG C 97 4.34 -35.90 17.26
CA ARG C 97 4.13 -36.92 18.28
C ARG C 97 4.20 -36.33 19.68
N LEU C 98 5.17 -35.44 19.91
CA LEU C 98 5.23 -34.77 21.22
C LEU C 98 3.99 -33.95 21.45
N GLU C 99 3.50 -33.24 20.44
CA GLU C 99 2.28 -32.46 20.58
C GLU C 99 1.09 -33.38 20.89
N THR C 100 1.03 -34.53 20.24
CA THR C 100 -0.04 -35.50 20.48
C THR C 100 -0.01 -36.00 21.93
N LEU C 101 1.19 -36.29 22.44
CA LEU C 101 1.32 -36.75 23.82
C LEU C 101 0.84 -35.68 24.80
N ASP C 102 1.18 -34.42 24.53
CA ASP C 102 0.89 -33.33 25.46
C ASP C 102 -0.56 -32.85 25.40
N THR C 103 -1.19 -32.93 24.22
CA THR C 103 -2.51 -32.34 24.02
C THR C 103 -3.63 -33.37 23.85
N GLY C 104 -3.31 -34.61 23.50
CA GLY C 104 -4.34 -35.57 23.18
C GLY C 104 -4.90 -35.47 21.78
N LYS C 105 -4.41 -34.56 20.96
CA LYS C 105 -4.94 -34.51 19.60
C LYS C 105 -4.34 -35.64 18.78
N PRO C 106 -5.13 -36.29 17.93
CA PRO C 106 -4.59 -37.41 17.14
C PRO C 106 -3.41 -36.99 16.29
N LEU C 107 -2.48 -37.94 16.11
CA LEU C 107 -1.33 -37.72 15.24
C LEU C 107 -1.76 -37.43 13.80
N SER C 108 -2.92 -37.95 13.38
CA SER C 108 -3.43 -37.67 12.06
C SER C 108 -3.69 -36.19 11.85
N GLU C 109 -3.94 -35.45 12.93
CA GLU C 109 -4.05 -34.00 12.91
C GLU C 109 -2.72 -33.29 13.10
N THR C 110 -1.99 -33.65 14.16
CA THR C 110 -0.80 -32.90 14.53
C THR C 110 0.28 -33.00 13.47
N ALA C 111 0.39 -34.14 12.79
CA ALA C 111 1.41 -34.33 11.77
C ALA C 111 1.06 -33.63 10.46
N ALA C 112 -0.19 -33.23 10.28
CA ALA C 112 -0.65 -32.59 9.06
C ALA C 112 -0.90 -31.09 9.20
N VAL C 113 -1.17 -30.59 10.41
CA VAL C 113 -1.66 -29.23 10.61
C VAL C 113 -0.75 -28.41 11.51
N ASP C 114 -0.46 -28.91 12.72
CA ASP C 114 0.08 -28.04 13.76
C ASP C 114 1.42 -27.42 13.36
N ILE C 115 2.42 -28.25 13.07
CA ILE C 115 3.70 -27.69 12.67
C ILE C 115 3.64 -27.18 11.23
N VAL C 116 2.91 -27.88 10.36
CA VAL C 116 2.84 -27.47 8.96
C VAL C 116 2.35 -26.03 8.83
N THR C 117 1.22 -25.71 9.47
CA THR C 117 0.67 -24.37 9.31
C THR C 117 1.41 -23.35 10.18
N GLY C 118 1.98 -23.79 11.30
CA GLY C 118 2.86 -22.90 12.04
C GLY C 118 4.08 -22.52 11.23
N ALA C 119 4.72 -23.50 10.59
CA ALA C 119 5.86 -23.21 9.76
C ALA C 119 5.46 -22.43 8.52
N ASP C 120 4.24 -22.66 8.00
CA ASP C 120 3.77 -21.87 6.88
C ASP C 120 3.79 -20.39 7.20
N VAL C 121 3.37 -20.02 8.41
CA VAL C 121 3.32 -18.60 8.77
C VAL C 121 4.72 -18.04 8.97
N LEU C 122 5.61 -18.82 9.59
CA LEU C 122 7.00 -18.38 9.71
C LEU C 122 7.63 -18.17 8.35
N GLU C 123 7.42 -19.10 7.43
CA GLU C 123 7.98 -18.99 6.09
C GLU C 123 7.45 -17.75 5.39
N TYR C 124 6.13 -17.51 5.49
CA TYR C 124 5.51 -16.31 4.93
C TYR C 124 6.17 -15.03 5.43
N TYR C 125 6.31 -14.88 6.75
CA TYR C 125 6.85 -13.64 7.28
C TYR C 125 8.33 -13.49 6.97
N ALA C 126 9.08 -14.60 6.91
CA ALA C 126 10.49 -14.50 6.55
C ALA C 126 10.67 -13.80 5.21
N GLY C 127 9.83 -14.12 4.24
CA GLY C 127 9.94 -13.51 2.93
C GLY C 127 9.49 -12.05 2.89
N LEU C 128 8.66 -11.62 3.84
CA LEU C 128 8.16 -10.25 3.82
C LEU C 128 9.07 -9.24 4.53
N ILE C 129 10.08 -9.68 5.26
CA ILE C 129 10.91 -8.74 6.01
C ILE C 129 11.48 -7.66 5.10
N PRO C 130 12.02 -7.98 3.91
CA PRO C 130 12.59 -6.92 3.07
C PRO C 130 11.57 -5.93 2.53
N ALA C 131 10.28 -6.27 2.56
CA ALA C 131 9.22 -5.41 2.04
C ALA C 131 8.65 -4.47 3.08
N LEU C 132 9.13 -4.57 4.31
CA LEU C 132 8.70 -3.67 5.39
C LEU C 132 9.30 -2.30 5.15
N GLU C 133 8.45 -1.33 4.82
CA GLU C 133 8.89 -0.01 4.39
C GLU C 133 8.14 1.07 5.15
N GLY C 134 8.82 2.20 5.35
CA GLY C 134 8.19 3.42 5.77
C GLY C 134 7.66 4.19 4.59
N SER C 135 7.39 5.47 4.83
CA SER C 135 6.77 6.35 3.85
CA SER C 135 6.79 6.33 3.83
C SER C 135 7.55 7.65 3.76
N GLN C 136 7.31 8.39 2.69
CA GLN C 136 7.90 9.71 2.51
C GLN C 136 6.80 10.62 2.01
N ILE C 137 6.66 11.78 2.65
CA ILE C 137 5.58 12.71 2.32
C ILE C 137 6.14 14.09 2.04
N PRO C 138 6.09 14.60 0.81
CA PRO C 138 6.56 15.98 0.57
C PRO C 138 5.52 16.97 1.09
N LEU C 139 5.97 17.93 1.87
CA LEU C 139 5.09 18.98 2.38
C LEU C 139 5.13 20.23 1.53
N ARG C 140 6.34 20.61 1.10
CA ARG C 140 6.64 21.80 0.33
C ARG C 140 8.08 21.65 -0.13
N ASP C 141 8.52 22.56 -1.00
CA ASP C 141 9.88 22.46 -1.52
C ASP C 141 10.91 22.40 -0.40
N SER C 142 10.67 23.09 0.71
CA SER C 142 11.65 23.22 1.78
C SER C 142 11.42 22.27 2.95
N SER C 143 10.50 21.31 2.85
CA SER C 143 10.28 20.39 3.96
C SER C 143 9.62 19.10 3.50
N PHE C 144 10.04 17.98 4.09
CA PHE C 144 9.39 16.71 3.83
C PHE C 144 9.41 15.84 5.09
N VAL C 145 8.54 14.84 5.09
CA VAL C 145 8.42 13.87 6.17
C VAL C 145 8.76 12.51 5.62
N TYR C 146 9.46 11.70 6.41
CA TYR C 146 9.57 10.27 6.14
C TYR C 146 9.32 9.51 7.44
N THR C 147 8.85 8.28 7.30
CA THR C 147 8.56 7.46 8.47
C THR C 147 9.43 6.21 8.48
N ARG C 148 9.72 5.74 9.69
CA ARG C 148 10.38 4.47 9.92
C ARG C 148 9.43 3.54 10.67
N ARG C 149 9.45 2.26 10.32
CA ARG C 149 8.74 1.23 11.05
C ARG C 149 9.74 0.55 11.98
N GLU C 150 9.83 1.05 13.19
CA GLU C 150 10.86 0.58 14.11
C GLU C 150 10.34 -0.57 14.97
N PRO C 151 11.22 -1.46 15.42
CA PRO C 151 10.79 -2.50 16.36
C PRO C 151 10.22 -1.92 17.64
N LEU C 152 9.23 -2.63 18.19
CA LEU C 152 8.76 -2.33 19.53
C LEU C 152 9.82 -2.56 20.58
N GLY C 153 10.70 -3.54 20.36
CA GLY C 153 11.71 -3.91 21.33
C GLY C 153 11.51 -5.32 21.85
N VAL C 154 11.11 -5.43 23.11
CA VAL C 154 10.78 -6.72 23.72
C VAL C 154 9.26 -6.84 23.81
N VAL C 155 8.72 -7.90 23.23
CA VAL C 155 7.29 -8.17 23.30
C VAL C 155 7.11 -9.53 23.97
N ALA C 156 5.91 -9.77 24.47
CA ALA C 156 5.59 -11.01 25.15
C ALA C 156 4.39 -11.70 24.51
N GLY C 157 4.48 -13.02 24.42
CA GLY C 157 3.37 -13.83 23.94
C GLY C 157 2.92 -14.80 25.02
N ILE C 158 1.60 -14.94 25.15
CA ILE C 158 1.01 -15.87 26.11
C ILE C 158 0.12 -16.81 25.31
N GLY C 159 0.48 -18.09 25.28
CA GLY C 159 -0.17 -19.07 24.44
C GLY C 159 -1.28 -19.84 25.15
N ALA C 160 -2.05 -20.58 24.34
CA ALA C 160 -3.11 -21.44 24.83
C ALA C 160 -2.75 -22.89 24.54
N TRP C 161 -3.55 -23.80 25.07
CA TRP C 161 -3.20 -25.22 25.07
C TRP C 161 -3.77 -26.05 23.92
N ASN C 162 -4.60 -25.49 23.05
CA ASN C 162 -5.22 -26.33 22.03
C ASN C 162 -4.31 -26.52 20.81
N TYR C 163 -3.52 -25.51 20.44
CA TYR C 163 -2.58 -25.59 19.33
C TYR C 163 -1.24 -25.02 19.80
N PRO C 164 -0.55 -25.72 20.70
CA PRO C 164 0.59 -25.09 21.39
C PRO C 164 1.70 -24.58 20.49
N ILE C 165 2.24 -25.43 19.61
CA ILE C 165 3.36 -24.96 18.81
C ILE C 165 2.88 -24.06 17.67
N GLN C 166 1.68 -24.29 17.12
CA GLN C 166 1.16 -23.40 16.09
C GLN C 166 1.00 -21.99 16.65
N ILE C 167 0.45 -21.86 17.86
CA ILE C 167 0.28 -20.54 18.47
C ILE C 167 1.65 -19.90 18.73
N ALA C 168 2.61 -20.68 19.22
CA ALA C 168 3.95 -20.14 19.45
C ALA C 168 4.55 -19.61 18.15
N LEU C 169 4.32 -20.31 17.04
CA LEU C 169 4.87 -19.86 15.76
C LEU C 169 4.10 -18.66 15.22
N TRP C 170 2.77 -18.62 15.41
CA TRP C 170 1.98 -17.51 14.87
C TRP C 170 2.25 -16.19 15.60
N LYS C 171 2.63 -16.26 16.88
CA LYS C 171 3.00 -15.05 17.61
C LYS C 171 4.46 -14.66 17.39
N SER C 172 5.37 -15.63 17.42
CA SER C 172 6.79 -15.31 17.33
C SER C 172 7.20 -14.90 15.92
N ALA C 173 6.58 -15.47 14.88
CA ALA C 173 6.99 -15.19 13.51
C ALA C 173 6.86 -13.71 13.15
N PRO C 174 5.70 -13.08 13.25
CA PRO C 174 5.64 -11.64 12.92
C PRO C 174 6.47 -10.79 13.87
N ALA C 175 6.53 -11.19 15.14
CA ALA C 175 7.31 -10.44 16.13
C ALA C 175 8.80 -10.45 15.79
N LEU C 176 9.35 -11.63 15.53
CA LEU C 176 10.75 -11.73 15.14
C LEU C 176 11.01 -11.09 13.79
N ALA C 177 10.10 -11.29 12.83
CA ALA C 177 10.31 -10.75 11.50
C ALA C 177 10.33 -9.22 11.50
N ALA C 178 9.62 -8.60 12.44
CA ALA C 178 9.59 -7.15 12.61
C ALA C 178 10.80 -6.61 13.39
N GLY C 179 11.72 -7.47 13.82
CA GLY C 179 12.92 -7.04 14.50
C GLY C 179 12.87 -7.02 16.01
N ASN C 180 11.84 -7.60 16.61
CA ASN C 180 11.69 -7.69 18.06
C ASN C 180 12.24 -9.00 18.62
N ALA C 181 12.50 -8.98 19.93
CA ALA C 181 12.62 -10.20 20.72
C ALA C 181 11.28 -10.50 21.36
N MET C 182 10.95 -11.78 21.48
CA MET C 182 9.73 -12.21 22.14
C MET C 182 10.05 -13.13 23.32
N ILE C 183 9.42 -12.86 24.45
CA ILE C 183 9.38 -13.79 25.58
C ILE C 183 8.04 -14.50 25.51
N PHE C 184 8.06 -15.82 25.45
CA PHE C 184 6.86 -16.61 25.24
C PHE C 184 6.57 -17.48 26.46
N LYS C 185 5.35 -17.40 26.96
CA LYS C 185 4.87 -18.26 28.05
C LYS C 185 3.84 -19.24 27.53
N PRO C 186 4.15 -20.52 27.36
CA PRO C 186 3.11 -21.48 26.98
C PRO C 186 2.16 -21.75 28.15
N SER C 187 0.99 -22.29 27.81
CA SER C 187 0.05 -22.75 28.83
C SER C 187 0.69 -23.84 29.69
N GLU C 188 0.42 -23.81 31.01
CA GLU C 188 0.92 -24.88 31.86
C GLU C 188 0.40 -26.26 31.46
N VAL C 189 -0.74 -26.31 30.76
CA VAL C 189 -1.29 -27.58 30.31
C VAL C 189 -0.41 -28.21 29.23
N THR C 190 0.30 -27.39 28.44
CA THR C 190 0.99 -27.87 27.24
C THR C 190 2.27 -27.06 27.05
N PRO C 191 3.24 -27.22 27.95
CA PRO C 191 4.46 -26.39 27.88
C PRO C 191 5.59 -26.94 27.00
N LEU C 192 5.48 -28.17 26.49
CA LEU C 192 6.66 -28.88 26.01
C LEU C 192 7.14 -28.44 24.64
N THR C 193 6.24 -28.26 23.67
CA THR C 193 6.71 -28.00 22.31
C THR C 193 7.32 -26.61 22.18
N ALA C 194 6.92 -25.66 23.02
CA ALA C 194 7.51 -24.33 23.01
C ALA C 194 9.00 -24.38 23.36
N LEU C 195 9.37 -25.26 24.28
CA LEU C 195 10.78 -25.42 24.62
C LEU C 195 11.55 -26.00 23.45
N LYS C 196 10.95 -26.95 22.72
CA LYS C 196 11.59 -27.47 21.52
C LYS C 196 11.74 -26.38 20.46
N LEU C 197 10.73 -25.53 20.31
CA LEU C 197 10.79 -24.47 19.31
C LEU C 197 11.96 -23.54 19.60
N ALA C 198 12.19 -23.23 20.88
CA ALA C 198 13.29 -22.36 21.26
C ALA C 198 14.63 -22.94 20.82
N GLU C 199 14.82 -24.26 21.00
CA GLU C 199 16.06 -24.89 20.56
C GLU C 199 16.22 -24.80 19.04
N ILE C 200 15.12 -24.99 18.30
CA ILE C 200 15.16 -24.96 16.85
C ILE C 200 15.56 -23.58 16.35
N TYR C 201 14.98 -22.53 16.97
CA TYR C 201 15.35 -21.17 16.59
C TYR C 201 16.84 -20.94 16.78
N ARG C 202 17.40 -21.37 17.93
CA ARG C 202 18.82 -21.15 18.15
C ARG C 202 19.65 -21.92 17.13
N GLU C 203 19.24 -23.16 16.84
CA GLU C 203 19.93 -23.97 15.84
C GLU C 203 19.94 -23.28 14.49
N ALA C 204 18.88 -22.53 14.17
CA ALA C 204 18.82 -21.81 12.91
C ALA C 204 19.70 -20.57 12.90
N GLY C 205 20.23 -20.16 14.05
CA GLY C 205 21.06 -18.98 14.12
C GLY C 205 20.41 -17.76 14.71
N LEU C 206 19.21 -17.90 15.29
CA LEU C 206 18.59 -16.77 15.96
C LEU C 206 19.50 -16.31 17.10
N PRO C 207 19.78 -15.01 17.21
CA PRO C 207 20.66 -14.56 18.28
C PRO C 207 20.12 -14.90 19.66
N ASP C 208 21.04 -15.16 20.59
CA ASP C 208 20.67 -15.45 21.96
C ASP C 208 19.80 -14.32 22.51
N GLY C 209 18.70 -14.70 23.15
CA GLY C 209 17.80 -13.75 23.78
C GLY C 209 16.62 -13.32 22.94
N VAL C 210 16.65 -13.58 21.63
CA VAL C 210 15.58 -13.09 20.77
C VAL C 210 14.29 -13.90 20.97
N PHE C 211 14.39 -15.19 21.31
CA PHE C 211 13.21 -15.98 21.67
C PHE C 211 13.50 -16.76 22.96
N ASN C 212 12.95 -16.26 24.06
CA ASN C 212 13.03 -16.91 25.36
C ASN C 212 11.68 -17.54 25.71
N VAL C 213 11.72 -18.66 26.41
CA VAL C 213 10.50 -19.38 26.78
C VAL C 213 10.49 -19.53 28.29
N LEU C 214 9.44 -19.02 28.93
CA LEU C 214 9.25 -19.09 30.38
C LEU C 214 7.99 -19.89 30.67
N PRO C 215 8.08 -21.20 30.86
CA PRO C 215 6.92 -21.93 31.39
C PRO C 215 6.54 -21.44 32.77
N GLY C 216 5.26 -21.58 33.09
CA GLY C 216 4.77 -21.17 34.39
C GLY C 216 3.26 -21.13 34.41
N ILE C 217 2.75 -20.65 35.53
CA ILE C 217 1.31 -20.53 35.77
C ILE C 217 0.83 -19.15 35.35
N GLY C 218 -0.42 -19.08 34.89
CA GLY C 218 -0.97 -17.80 34.48
C GLY C 218 -0.99 -16.80 35.64
N ALA C 219 -1.39 -17.26 36.83
CA ALA C 219 -1.50 -16.36 37.96
C ALA C 219 -0.16 -15.82 38.43
N GLU C 220 0.96 -16.47 38.10
CA GLU C 220 2.27 -15.97 38.51
C GLU C 220 3.14 -15.56 37.32
N THR C 221 3.60 -16.51 36.51
CA THR C 221 4.50 -16.15 35.41
C THR C 221 3.82 -15.23 34.41
N GLY C 222 2.59 -15.56 34.03
CA GLY C 222 1.89 -14.72 33.07
C GLY C 222 1.68 -13.30 33.59
N GLN C 223 1.30 -13.19 34.87
CA GLN C 223 1.10 -11.88 35.47
C GLN C 223 2.41 -11.09 35.52
N TYR C 224 3.53 -11.74 35.84
CA TYR C 224 4.80 -11.01 35.93
C TYR C 224 5.18 -10.41 34.57
N LEU C 225 4.92 -11.15 33.49
CA LEU C 225 5.18 -10.62 32.15
C LEU C 225 4.31 -9.39 31.87
N THR C 226 3.01 -9.48 32.16
CA THR C 226 2.13 -8.37 31.84
C THR C 226 2.47 -7.12 32.66
N GLU C 227 3.13 -7.30 33.81
CA GLU C 227 3.46 -6.18 34.68
C GLU C 227 4.84 -5.59 34.45
N HIS C 228 5.70 -6.26 33.68
CA HIS C 228 7.08 -5.81 33.59
C HIS C 228 7.15 -4.49 32.84
N PRO C 229 7.84 -3.48 33.37
CA PRO C 229 7.81 -2.15 32.74
C PRO C 229 8.49 -2.09 31.39
N ASP C 230 9.39 -3.02 31.05
CA ASP C 230 10.18 -2.93 29.82
C ASP C 230 9.65 -3.80 28.68
N ILE C 231 8.45 -4.35 28.80
CA ILE C 231 7.79 -5.09 27.73
C ILE C 231 6.80 -4.17 27.04
N ALA C 232 6.93 -4.05 25.72
CA ALA C 232 6.21 -3.04 24.95
C ALA C 232 4.87 -3.51 24.40
N LYS C 233 4.64 -4.82 24.33
CA LYS C 233 3.42 -5.36 23.75
C LYS C 233 3.17 -6.75 24.32
N ILE C 234 1.89 -7.06 24.54
CA ILE C 234 1.45 -8.38 24.94
C ILE C 234 0.54 -8.91 23.84
N SER C 235 0.78 -10.14 23.41
CA SER C 235 -0.14 -10.82 22.51
C SER C 235 -0.66 -12.05 23.25
N PHE C 236 -1.99 -12.17 23.36
CA PHE C 236 -2.61 -13.14 24.23
C PHE C 236 -3.63 -13.96 23.46
N THR C 237 -3.60 -15.28 23.69
CA THR C 237 -4.63 -16.19 23.18
C THR C 237 -5.19 -16.94 24.38
N GLY C 238 -6.51 -16.97 24.50
CA GLY C 238 -7.13 -17.68 25.61
C GLY C 238 -8.60 -17.35 25.73
N GLY C 239 -9.11 -17.43 26.97
CA GLY C 239 -10.50 -17.17 27.23
C GLY C 239 -10.79 -15.71 27.57
N VAL C 240 -12.08 -15.36 27.49
CA VAL C 240 -12.49 -13.99 27.76
C VAL C 240 -12.11 -13.56 29.17
N ALA C 241 -12.34 -14.43 30.15
CA ALA C 241 -12.09 -14.05 31.53
C ALA C 241 -10.62 -13.69 31.74
N SER C 242 -9.72 -14.54 31.26
CA SER C 242 -8.30 -14.24 31.43
C SER C 242 -7.84 -13.08 30.56
N GLY C 243 -8.44 -12.92 29.37
CA GLY C 243 -8.09 -11.77 28.54
C GLY C 243 -8.33 -10.45 29.22
N LYS C 244 -9.46 -10.33 29.92
CA LYS C 244 -9.76 -9.10 30.66
C LYS C 244 -8.75 -8.86 31.78
N LYS C 245 -8.38 -9.90 32.52
CA LYS C 245 -7.37 -9.73 33.54
C LYS C 245 -6.07 -9.25 32.92
N VAL C 246 -5.67 -9.87 31.79
CA VAL C 246 -4.43 -9.53 31.12
C VAL C 246 -4.46 -8.08 30.66
N MET C 247 -5.57 -7.67 30.03
CA MET C 247 -5.69 -6.30 29.55
C MET C 247 -5.57 -5.30 30.68
N ALA C 248 -6.25 -5.55 31.80
CA ALA C 248 -6.19 -4.61 32.92
C ALA C 248 -4.76 -4.46 33.44
N ASN C 249 -4.07 -5.59 33.69
CA ASN C 249 -2.73 -5.53 34.28
C ASN C 249 -1.73 -4.90 33.32
N SER C 250 -1.87 -5.15 32.01
CA SER C 250 -0.96 -4.54 31.05
C SER C 250 -1.08 -3.02 31.09
N ALA C 251 -2.27 -2.51 31.33
CA ALA C 251 -2.52 -1.07 31.40
C ALA C 251 -1.99 -0.49 32.71
N ALA C 252 -2.31 -1.17 33.83
CA ALA C 252 -1.98 -0.67 35.16
C ALA C 252 -0.48 -0.46 35.35
N SER C 253 0.34 -1.35 34.80
CA SER C 253 1.78 -1.37 35.07
C SER C 253 2.51 -0.43 34.12
N SER C 254 2.43 -0.69 32.82
CA SER C 254 3.14 0.10 31.82
C SER C 254 2.25 0.03 30.60
N LEU C 255 1.87 1.18 30.05
CA LEU C 255 0.91 1.20 28.93
C LEU C 255 1.41 0.33 27.76
N LYS C 256 0.87 -0.86 27.60
CA LYS C 256 1.41 -1.74 26.54
C LYS C 256 0.39 -1.98 25.42
N GLU C 257 0.83 -1.97 24.17
CA GLU C 257 0.01 -2.40 23.05
C GLU C 257 -0.42 -3.83 23.34
N VAL C 258 -1.62 -4.20 22.89
CA VAL C 258 -2.18 -5.50 23.22
C VAL C 258 -2.90 -6.09 22.03
N THR C 259 -2.64 -7.38 21.76
CA THR C 259 -3.40 -8.19 20.81
C THR C 259 -4.01 -9.36 21.57
N MET C 260 -5.26 -9.68 21.26
CA MET C 260 -5.96 -10.79 21.91
C MET C 260 -6.85 -11.53 20.91
N GLU C 261 -6.75 -12.85 20.92
N GLU C 261 -6.80 -12.86 20.98
CA GLU C 261 -7.75 -13.72 20.31
CA GLU C 261 -7.74 -13.74 20.28
C GLU C 261 -8.40 -14.51 21.43
C GLU C 261 -8.41 -14.59 21.35
N LEU C 262 -9.72 -14.37 21.57
CA LEU C 262 -10.41 -14.89 22.74
C LEU C 262 -11.51 -15.91 22.45
N GLY C 263 -11.52 -16.53 21.28
CA GLY C 263 -12.56 -17.52 21.02
C GLY C 263 -13.90 -16.87 20.78
N GLY C 264 -14.93 -17.71 20.64
CA GLY C 264 -16.22 -17.19 20.22
C GLY C 264 -17.31 -18.24 20.21
N LYS C 265 -18.44 -17.88 19.63
CA LYS C 265 -19.57 -18.78 19.39
C LYS C 265 -20.03 -18.59 17.96
N SER C 266 -19.29 -19.13 17.05
CA SER C 266 -19.40 -18.75 15.66
C SER C 266 -20.59 -19.43 15.00
N PRO C 267 -21.36 -18.70 14.18
CA PRO C 267 -22.53 -19.30 13.51
C PRO C 267 -22.20 -19.84 12.13
N LEU C 268 -22.78 -21.00 11.81
CA LEU C 268 -22.71 -21.58 10.48
C LEU C 268 -24.13 -21.53 9.92
N ILE C 269 -24.33 -20.79 8.83
CA ILE C 269 -25.66 -20.58 8.29
C ILE C 269 -25.85 -21.45 7.06
N ILE C 270 -26.80 -22.37 7.14
N ILE C 270 -26.79 -22.38 7.15
CA ILE C 270 -27.17 -23.22 6.01
CA ILE C 270 -27.18 -23.22 6.02
C ILE C 270 -28.31 -22.55 5.27
C ILE C 270 -28.29 -22.51 5.28
N ALA C 271 -28.06 -22.16 4.02
CA ALA C 271 -29.10 -21.49 3.27
C ALA C 271 -30.15 -22.48 2.80
N GLU C 272 -31.31 -21.95 2.41
CA GLU C 272 -32.43 -22.76 1.95
C GLU C 272 -32.15 -23.49 0.65
N ASP C 273 -31.14 -23.08 -0.12
CA ASP C 273 -30.78 -23.77 -1.35
C ASP C 273 -29.50 -24.60 -1.22
N ALA C 274 -29.04 -24.84 0.00
CA ALA C 274 -27.81 -25.60 0.22
C ALA C 274 -28.00 -27.09 -0.02
N ASN C 275 -26.98 -27.73 -0.58
CA ASN C 275 -26.89 -29.18 -0.57
C ASN C 275 -26.63 -29.66 0.86
N LEU C 276 -27.49 -30.54 1.38
CA LEU C 276 -27.38 -30.88 2.79
C LEU C 276 -26.22 -31.83 3.10
N ASP C 277 -25.75 -32.60 2.12
CA ASP C 277 -24.52 -33.38 2.34
C ASP C 277 -23.32 -32.47 2.51
N LEU C 278 -23.20 -31.45 1.67
CA LEU C 278 -22.11 -30.49 1.83
C LEU C 278 -22.26 -29.76 3.17
N ALA C 279 -23.47 -29.33 3.50
CA ALA C 279 -23.72 -28.62 4.75
C ALA C 279 -23.35 -29.47 5.96
N ALA C 280 -23.72 -30.76 5.93
CA ALA C 280 -23.40 -31.63 7.05
C ALA C 280 -21.89 -31.83 7.17
N ASP C 281 -21.20 -31.97 6.03
CA ASP C 281 -19.75 -32.13 6.05
C ASP C 281 -19.06 -30.90 6.65
N ILE C 282 -19.52 -29.71 6.26
CA ILE C 282 -18.95 -28.49 6.80
C ILE C 282 -19.23 -28.39 8.29
N ALA C 283 -20.46 -28.71 8.69
CA ALA C 283 -20.82 -28.66 10.11
C ALA C 283 -19.96 -29.60 10.93
N MET C 284 -19.69 -30.81 10.42
CA MET C 284 -18.83 -31.75 11.13
C MET C 284 -17.43 -31.18 11.35
N MET C 285 -16.81 -30.68 10.27
CA MET C 285 -15.47 -30.13 10.38
C MET C 285 -15.45 -28.87 11.22
N ALA C 286 -16.57 -28.17 11.32
CA ALA C 286 -16.64 -26.97 12.13
C ALA C 286 -16.88 -27.26 13.59
N ASN C 287 -17.10 -28.53 13.96
CA ASN C 287 -17.43 -28.84 15.34
C ASN C 287 -16.57 -29.92 16.00
N PHE C 288 -16.03 -30.86 15.22
CA PHE C 288 -15.42 -32.04 15.84
C PHE C 288 -13.95 -32.24 15.51
N TYR C 289 -13.33 -31.32 14.77
CA TYR C 289 -11.88 -31.36 14.60
C TYR C 289 -11.23 -30.95 15.92
N SER C 290 -10.12 -31.61 16.25
CA SER C 290 -9.43 -31.38 17.53
C SER C 290 -10.38 -31.53 18.70
N SER C 291 -11.31 -32.47 18.57
CA SER C 291 -12.32 -32.75 19.60
C SER C 291 -13.07 -31.50 20.02
N GLY C 292 -13.31 -30.60 19.07
CA GLY C 292 -14.08 -29.41 19.35
C GLY C 292 -13.31 -28.31 20.06
N GLN C 293 -11.99 -28.44 20.18
CA GLN C 293 -11.17 -27.47 20.93
C GLN C 293 -10.50 -26.49 19.98
N VAL C 294 -11.33 -25.79 19.20
CA VAL C 294 -10.88 -24.84 18.20
C VAL C 294 -11.65 -23.54 18.39
N CYS C 295 -10.93 -22.42 18.44
CA CYS C 295 -11.56 -21.14 18.75
C CYS C 295 -12.60 -20.76 17.71
N THR C 296 -12.38 -21.11 16.44
CA THR C 296 -13.22 -20.68 15.33
C THR C 296 -14.39 -21.62 15.06
N ASN C 297 -14.61 -22.62 15.90
CA ASN C 297 -15.63 -23.63 15.59
C ASN C 297 -17.02 -23.04 15.43
N GLY C 298 -17.75 -23.60 14.46
CA GLY C 298 -19.11 -23.17 14.14
C GLY C 298 -20.14 -23.91 14.97
N THR C 299 -20.22 -23.55 16.24
CA THR C 299 -20.98 -24.29 17.23
C THR C 299 -22.45 -23.93 17.28
N ARG C 300 -22.89 -22.88 16.60
CA ARG C 300 -24.30 -22.60 16.36
C ARG C 300 -24.59 -22.87 14.89
N VAL C 301 -25.29 -23.97 14.61
CA VAL C 301 -25.60 -24.37 13.24
C VAL C 301 -27.06 -24.02 12.96
N PHE C 302 -27.24 -23.03 12.09
CA PHE C 302 -28.57 -22.56 11.72
C PHE C 302 -29.04 -23.30 10.48
N VAL C 303 -30.15 -24.01 10.60
CA VAL C 303 -30.69 -24.84 9.54
C VAL C 303 -32.13 -24.44 9.23
N PRO C 304 -32.51 -24.35 7.95
CA PRO C 304 -33.90 -24.01 7.64
C PRO C 304 -34.84 -25.04 8.24
N ALA C 305 -35.99 -24.57 8.74
CA ALA C 305 -36.95 -25.48 9.35
C ALA C 305 -37.33 -26.62 8.41
N LYS C 306 -37.45 -26.31 7.12
CA LYS C 306 -37.86 -27.32 6.15
C LYS C 306 -36.81 -28.41 5.96
N PHE C 307 -35.55 -28.15 6.33
CA PHE C 307 -34.46 -29.10 6.14
C PHE C 307 -34.04 -29.78 7.44
N LYS C 308 -34.55 -29.33 8.58
CA LYS C 308 -33.99 -29.74 9.87
C LYS C 308 -33.92 -31.26 10.01
N ALA C 309 -35.05 -31.95 9.82
CA ALA C 309 -35.06 -33.40 10.08
C ALA C 309 -34.06 -34.11 9.18
N GLU C 310 -34.04 -33.76 7.90
CA GLU C 310 -33.10 -34.41 6.98
C GLU C 310 -31.65 -34.08 7.37
N PHE C 311 -31.40 -32.84 7.78
CA PHE C 311 -30.06 -32.46 8.23
C PHE C 311 -29.65 -33.25 9.48
N GLU C 312 -30.55 -33.41 10.44
CA GLU C 312 -30.20 -34.15 11.64
C GLU C 312 -29.79 -35.58 11.31
N HIS C 313 -30.54 -36.24 10.43
CA HIS C 313 -30.17 -37.59 10.00
C HIS C 313 -28.76 -37.59 9.42
N LYS C 314 -28.45 -36.60 8.58
CA LYS C 314 -27.15 -36.57 7.94
C LYS C 314 -26.04 -36.40 8.97
N ILE C 315 -26.29 -35.60 10.02
CA ILE C 315 -25.28 -35.43 11.07
C ILE C 315 -25.04 -36.74 11.83
N LEU C 316 -26.11 -37.43 12.21
CA LEU C 316 -25.96 -38.72 12.89
C LEU C 316 -25.19 -39.70 12.04
N GLU C 317 -25.45 -39.68 10.73
CA GLU C 317 -24.72 -40.59 9.88
C GLU C 317 -23.22 -40.36 9.99
N ARG C 318 -22.80 -39.10 9.92
CA ARG C 318 -21.39 -38.76 9.99
C ARG C 318 -20.80 -38.90 11.39
N VAL C 319 -21.58 -38.57 12.43
CA VAL C 319 -21.06 -38.77 13.78
C VAL C 319 -20.74 -40.23 14.01
N GLY C 320 -21.52 -41.13 13.41
CA GLY C 320 -21.23 -42.56 13.47
C GLY C 320 -19.93 -42.95 12.81
N ARG C 321 -19.37 -42.09 11.97
CA ARG C 321 -18.11 -42.42 11.28
C ARG C 321 -16.91 -41.89 12.07
N ILE C 322 -17.16 -41.17 13.17
CA ILE C 322 -16.05 -40.69 14.00
C ILE C 322 -15.35 -41.88 14.62
N ARG C 323 -14.03 -41.89 14.52
CA ARG C 323 -13.20 -43.01 14.95
C ARG C 323 -12.26 -42.54 16.07
N ALA C 324 -12.70 -42.78 17.29
CA ALA C 324 -11.91 -42.59 18.49
C ALA C 324 -11.07 -43.82 18.75
N GLY C 325 -9.83 -43.61 19.20
CA GLY C 325 -8.97 -44.74 19.50
C GLY C 325 -7.54 -44.31 19.72
N ASP C 326 -6.63 -45.26 19.50
CA ASP C 326 -5.19 -45.02 19.64
C ASP C 326 -4.80 -43.76 18.88
N LEU C 327 -4.22 -42.80 19.61
CA LEU C 327 -3.94 -41.50 19.02
C LEU C 327 -2.83 -41.54 17.97
N PHE C 328 -2.02 -42.59 17.96
CA PHE C 328 -0.96 -42.77 16.97
C PHE C 328 -1.39 -43.66 15.81
N ALA C 329 -2.63 -44.12 15.80
CA ALA C 329 -3.16 -44.95 14.72
C ALA C 329 -3.59 -44.08 13.53
N ASP C 330 -3.34 -44.59 12.33
CA ASP C 330 -3.56 -43.81 11.12
C ASP C 330 -5.03 -43.40 10.99
N ASP C 331 -5.94 -44.29 11.35
CA ASP C 331 -7.36 -44.07 11.13
C ASP C 331 -8.06 -43.35 12.28
N THR C 332 -7.37 -43.07 13.38
CA THR C 332 -7.99 -42.32 14.46
C THR C 332 -8.12 -40.86 14.06
N ASN C 333 -9.33 -40.31 14.23
CA ASN C 333 -9.60 -38.92 13.86
C ASN C 333 -10.31 -38.16 14.98
N PHE C 334 -10.23 -38.64 16.21
CA PHE C 334 -10.90 -38.01 17.34
C PHE C 334 -10.13 -38.36 18.60
N GLY C 335 -9.85 -37.36 19.43
CA GLY C 335 -9.08 -37.56 20.63
C GLY C 335 -9.80 -37.20 21.91
N PRO C 336 -9.17 -37.46 23.05
CA PRO C 336 -9.68 -36.95 24.33
C PRO C 336 -9.48 -35.45 24.38
N LEU C 337 -10.11 -34.83 25.36
CA LEU C 337 -9.85 -33.42 25.62
C LEU C 337 -8.46 -33.21 26.22
N VAL C 338 -8.02 -31.96 26.27
CA VAL C 338 -6.65 -31.65 26.65
C VAL C 338 -6.36 -31.98 28.11
N SER C 339 -7.38 -32.02 28.97
CA SER C 339 -7.14 -32.24 30.38
C SER C 339 -8.44 -32.73 31.02
N PHE C 340 -8.30 -33.31 32.20
CA PHE C 340 -9.47 -33.81 32.93
C PHE C 340 -10.27 -32.68 33.55
N PRO C 341 -9.64 -31.63 34.11
CA PRO C 341 -10.44 -30.47 34.52
C PRO C 341 -11.24 -29.86 33.37
N HIS C 342 -10.66 -29.79 32.17
CA HIS C 342 -11.42 -29.25 31.04
C HIS C 342 -12.60 -30.14 30.71
N ARG C 343 -12.42 -31.46 30.78
CA ARG C 343 -13.54 -32.36 30.54
C ARG C 343 -14.67 -32.10 31.52
N GLN C 344 -14.34 -31.87 32.80
CA GLN C 344 -15.40 -31.60 33.77
C GLN C 344 -16.21 -30.37 33.36
N ASN C 345 -15.55 -29.35 32.83
CA ASN C 345 -16.26 -28.15 32.40
C ASN C 345 -17.17 -28.45 31.21
N VAL C 346 -16.68 -29.23 30.25
CA VAL C 346 -17.50 -29.59 29.09
C VAL C 346 -18.71 -30.40 29.54
N LEU C 347 -18.52 -31.31 30.51
CA LEU C 347 -19.65 -32.11 31.00
C LEU C 347 -20.68 -31.24 31.70
N ARG C 348 -20.24 -30.20 32.42
CA ARG C 348 -21.19 -29.28 33.05
C ARG C 348 -22.03 -28.56 32.01
N TYR C 349 -21.41 -28.17 30.89
CA TYR C 349 -22.17 -27.54 29.82
C TYR C 349 -23.18 -28.52 29.23
N ILE C 350 -22.77 -29.76 29.01
CA ILE C 350 -23.68 -30.76 28.47
C ILE C 350 -24.88 -30.93 29.39
N GLU C 351 -24.65 -31.02 30.70
CA GLU C 351 -25.75 -31.18 31.64
C GLU C 351 -26.67 -29.97 31.66
N SER C 352 -26.13 -28.76 31.51
CA SER C 352 -26.99 -27.58 31.45
C SER C 352 -27.86 -27.65 30.20
N GLY C 353 -27.32 -28.17 29.10
CA GLY C 353 -28.13 -28.35 27.90
C GLY C 353 -29.31 -29.26 28.16
N LYS C 354 -29.07 -30.38 28.83
CA LYS C 354 -30.15 -31.29 29.16
C LYS C 354 -31.16 -30.61 30.08
N SER C 355 -30.67 -29.92 31.11
CA SER C 355 -31.57 -29.35 32.11
C SER C 355 -32.38 -28.18 31.57
N GLU C 356 -31.93 -27.54 30.50
CA GLU C 356 -32.68 -26.47 29.85
C GLU C 356 -33.56 -26.98 28.72
N GLY C 357 -33.58 -28.29 28.50
CA GLY C 357 -34.49 -28.90 27.56
C GLY C 357 -34.00 -29.05 26.14
N ALA C 358 -32.73 -28.74 25.86
CA ALA C 358 -32.19 -29.03 24.53
C ALA C 358 -32.29 -30.52 24.26
N ARG C 359 -32.63 -30.88 23.02
CA ARG C 359 -32.83 -32.30 22.71
C ARG C 359 -31.49 -32.92 22.35
N LEU C 360 -31.07 -33.94 23.11
CA LEU C 360 -29.80 -34.61 22.86
C LEU C 360 -29.99 -35.60 21.72
N LEU C 361 -29.30 -35.35 20.59
CA LEU C 361 -29.37 -36.21 19.43
C LEU C 361 -28.35 -37.34 19.44
N CYS C 362 -27.16 -37.10 19.99
CA CYS C 362 -26.18 -38.17 20.14
C CYS C 362 -25.16 -37.73 21.17
N GLY C 363 -24.44 -38.71 21.70
CA GLY C 363 -23.37 -38.39 22.64
C GLY C 363 -23.93 -38.00 24.00
N GLY C 364 -23.29 -37.00 24.61
CA GLY C 364 -23.73 -36.48 25.89
C GLY C 364 -23.10 -37.12 27.10
N ASP C 365 -22.11 -37.99 26.93
CA ASP C 365 -21.49 -38.69 28.04
C ASP C 365 -20.01 -38.89 27.74
N VAL C 366 -19.28 -39.36 28.75
CA VAL C 366 -17.89 -39.78 28.54
C VAL C 366 -17.85 -41.09 27.78
N LEU C 367 -16.72 -41.32 27.12
CA LEU C 367 -16.46 -42.62 26.52
C LEU C 367 -15.96 -43.62 27.55
N LYS C 368 -16.36 -44.88 27.34
CA LYS C 368 -16.11 -46.00 28.22
C LYS C 368 -15.59 -47.22 27.51
N GLY C 369 -14.88 -48.03 28.29
CA GLY C 369 -14.27 -49.27 27.88
C GLY C 369 -12.76 -49.20 27.98
N GLU C 370 -12.14 -50.33 27.70
CA GLU C 370 -10.68 -50.42 27.72
C GLU C 370 -10.10 -49.40 26.76
N GLY C 371 -9.09 -48.65 27.20
CA GLY C 371 -8.48 -47.63 26.38
C GLY C 371 -9.13 -46.26 26.46
N PHE C 372 -10.26 -46.14 27.15
CA PHE C 372 -10.95 -44.88 27.33
C PHE C 372 -11.11 -44.48 28.78
N ASP C 373 -11.17 -45.45 29.70
CA ASP C 373 -11.47 -45.15 31.10
C ASP C 373 -10.41 -44.24 31.70
N ASN C 374 -9.18 -44.30 31.18
CA ASN C 374 -8.08 -43.52 31.74
C ASN C 374 -7.80 -42.24 30.96
N GLY C 375 -8.61 -41.93 29.96
CA GLY C 375 -8.43 -40.71 29.19
C GLY C 375 -9.57 -39.72 29.37
N ALA C 376 -9.32 -38.46 29.01
CA ALA C 376 -10.28 -37.38 29.24
C ALA C 376 -11.24 -37.28 28.05
N TRP C 377 -11.89 -38.40 27.77
CA TRP C 377 -12.74 -38.53 26.59
C TRP C 377 -14.15 -38.03 26.85
N VAL C 378 -14.67 -37.27 25.87
CA VAL C 378 -16.07 -36.91 25.79
C VAL C 378 -16.62 -37.34 24.44
N ALA C 379 -17.78 -38.00 24.45
CA ALA C 379 -18.35 -38.46 23.19
C ALA C 379 -18.76 -37.28 22.32
N PRO C 380 -18.66 -37.41 21.00
CA PRO C 380 -19.21 -36.37 20.12
C PRO C 380 -20.68 -36.14 20.41
N THR C 381 -21.04 -34.88 20.66
CA THR C 381 -22.35 -34.54 21.22
C THR C 381 -23.05 -33.54 20.30
N VAL C 382 -24.31 -33.82 20.00
CA VAL C 382 -25.14 -32.93 19.20
C VAL C 382 -26.44 -32.66 19.95
N PHE C 383 -26.75 -31.40 20.16
CA PHE C 383 -28.05 -30.96 20.65
C PHE C 383 -28.81 -30.34 19.50
N THR C 384 -30.11 -30.55 19.48
CA THR C 384 -30.98 -29.88 18.52
C THR C 384 -32.19 -29.31 19.24
N ASP C 385 -33.07 -28.65 18.48
CA ASP C 385 -34.17 -27.87 19.05
C ASP C 385 -33.63 -26.82 20.02
N CYS C 386 -32.45 -26.27 19.73
CA CYS C 386 -31.83 -25.28 20.59
C CYS C 386 -32.42 -23.90 20.35
N THR C 387 -32.30 -23.05 21.37
CA THR C 387 -32.83 -21.70 21.29
C THR C 387 -31.80 -20.70 21.76
N ASP C 388 -32.02 -19.44 21.38
CA ASP C 388 -30.96 -18.44 21.47
C ASP C 388 -30.60 -18.11 22.92
N ASP C 389 -31.45 -18.44 23.89
CA ASP C 389 -31.23 -18.11 25.29
CA ASP C 389 -31.18 -18.09 25.27
C ASP C 389 -30.53 -19.23 26.07
N MET C 390 -30.37 -20.41 25.48
CA MET C 390 -29.77 -21.53 26.18
C MET C 390 -28.30 -21.26 26.49
N THR C 391 -27.86 -21.79 27.63
CA THR C 391 -26.46 -21.63 28.02
C THR C 391 -25.51 -22.23 26.99
N ILE C 392 -25.82 -23.43 26.49
CA ILE C 392 -24.95 -24.04 25.51
C ILE C 392 -24.91 -23.30 24.19
N VAL C 393 -25.91 -22.47 23.89
CA VAL C 393 -25.90 -21.66 22.69
C VAL C 393 -25.19 -20.34 22.90
N ARG C 394 -25.26 -19.79 24.10
CA ARG C 394 -24.71 -18.49 24.45
C ARG C 394 -23.24 -18.51 24.83
N GLU C 395 -22.73 -19.61 25.36
CA GLU C 395 -21.39 -19.62 25.94
C GLU C 395 -20.50 -20.58 25.18
N GLU C 396 -19.23 -20.20 25.05
CA GLU C 396 -18.26 -21.08 24.40
C GLU C 396 -17.98 -22.28 25.30
N ILE C 397 -18.11 -23.46 24.72
CA ILE C 397 -17.91 -24.71 25.46
C ILE C 397 -16.49 -25.24 25.25
N PHE C 398 -15.96 -25.08 24.05
CA PHE C 398 -14.62 -25.56 23.70
C PHE C 398 -14.53 -27.05 23.89
N GLY C 399 -15.60 -27.74 23.53
CA GLY C 399 -15.60 -29.17 23.40
C GLY C 399 -16.43 -29.62 22.24
N PRO C 400 -16.60 -30.93 22.10
CA PRO C 400 -17.29 -31.47 20.91
C PRO C 400 -18.80 -31.46 21.10
N VAL C 401 -19.38 -30.25 21.04
CA VAL C 401 -20.79 -30.04 21.29
C VAL C 401 -21.38 -29.10 20.26
N MET C 402 -22.14 -29.66 19.31
CA MET C 402 -22.80 -28.91 18.27
C MET C 402 -24.22 -28.55 18.71
N SER C 403 -24.62 -27.30 18.47
CA SER C 403 -25.99 -26.84 18.68
C SER C 403 -26.67 -26.51 17.35
N ILE C 404 -27.78 -27.19 17.07
CA ILE C 404 -28.55 -27.00 15.84
C ILE C 404 -29.78 -26.17 16.13
N LEU C 405 -29.95 -25.07 15.40
CA LEU C 405 -31.04 -24.12 15.58
C LEU C 405 -31.82 -23.96 14.29
N SER C 406 -33.15 -24.02 14.36
CA SER C 406 -34.01 -23.82 13.21
CA SER C 406 -33.98 -23.82 13.19
C SER C 406 -34.28 -22.33 13.00
N TYR C 407 -34.49 -21.96 11.74
CA TYR C 407 -34.82 -20.58 11.40
C TYR C 407 -35.74 -20.59 10.18
N ASP C 408 -36.44 -19.47 9.99
CA ASP C 408 -37.44 -19.34 8.94
C ASP C 408 -37.04 -18.45 7.77
N ASP C 409 -36.35 -17.33 7.99
CA ASP C 409 -36.09 -16.39 6.90
C ASP C 409 -34.72 -15.74 7.06
N GLU C 410 -34.26 -15.13 5.96
CA GLU C 410 -32.88 -14.64 5.91
C GLU C 410 -32.64 -13.48 6.87
N ALA C 411 -33.56 -12.52 6.92
CA ALA C 411 -33.36 -11.39 7.83
C ALA C 411 -33.30 -11.86 9.28
N GLU C 412 -34.12 -12.84 9.65
CA GLU C 412 -34.11 -13.38 11.01
C GLU C 412 -32.77 -14.00 11.35
N VAL C 413 -32.24 -14.83 10.45
CA VAL C 413 -31.06 -15.60 10.79
C VAL C 413 -29.85 -14.69 10.92
N ILE C 414 -29.81 -13.61 10.13
CA ILE C 414 -28.73 -12.63 10.28
C ILE C 414 -28.80 -11.99 11.66
N ARG C 415 -29.99 -11.59 12.09
CA ARG C 415 -30.12 -10.98 13.40
C ARG C 415 -29.63 -11.92 14.49
N ARG C 416 -30.02 -13.19 14.41
CA ARG C 416 -29.72 -14.13 15.48
C ARG C 416 -28.24 -14.49 15.50
N ALA C 417 -27.63 -14.62 14.32
CA ALA C 417 -26.20 -14.90 14.25
C ALA C 417 -25.39 -13.79 14.91
N ASN C 418 -25.82 -12.54 14.73
CA ASN C 418 -25.09 -11.39 15.22
C ASN C 418 -25.41 -11.01 16.67
N ALA C 419 -26.46 -11.57 17.26
CA ALA C 419 -26.89 -11.20 18.61
C ALA C 419 -26.08 -11.96 19.64
N THR C 420 -24.80 -11.59 19.75
CA THR C 420 -23.86 -12.23 20.65
C THR C 420 -22.74 -11.24 20.91
N GLU C 421 -22.11 -11.37 22.09
CA GLU C 421 -20.93 -10.58 22.40
C GLU C 421 -19.69 -11.10 21.66
N TYR C 422 -19.75 -12.31 21.14
CA TYR C 422 -18.62 -12.85 20.40
C TYR C 422 -18.69 -12.41 18.94
N GLY C 423 -17.55 -12.50 18.27
CA GLY C 423 -17.46 -12.07 16.90
C GLY C 423 -16.37 -12.72 16.09
N LEU C 424 -15.99 -13.96 16.38
CA LEU C 424 -14.75 -14.46 15.81
C LEU C 424 -14.92 -14.92 14.37
N ALA C 425 -15.79 -15.91 14.14
CA ALA C 425 -15.93 -16.47 12.82
C ALA C 425 -17.40 -16.61 12.46
N ALA C 426 -17.64 -16.97 11.19
CA ALA C 426 -18.98 -17.22 10.67
C ALA C 426 -18.83 -17.92 9.32
N GLY C 427 -19.92 -18.53 8.88
CA GLY C 427 -19.94 -19.11 7.56
C GLY C 427 -21.34 -19.24 7.00
N VAL C 428 -21.41 -19.38 5.69
CA VAL C 428 -22.67 -19.60 4.99
C VAL C 428 -22.45 -20.70 3.95
N VAL C 429 -23.46 -21.55 3.77
CA VAL C 429 -23.47 -22.60 2.78
C VAL C 429 -24.59 -22.27 1.80
N THR C 430 -24.22 -21.95 0.55
CA THR C 430 -25.18 -21.62 -0.48
C THR C 430 -24.50 -21.61 -1.84
N PRO C 431 -25.17 -22.11 -2.89
CA PRO C 431 -24.60 -22.00 -4.23
C PRO C 431 -24.92 -20.69 -4.92
N ASP C 432 -25.71 -19.81 -4.29
CA ASP C 432 -26.19 -18.59 -4.93
C ASP C 432 -25.20 -17.45 -4.75
N LEU C 433 -24.83 -16.81 -5.86
CA LEU C 433 -23.85 -15.73 -5.83
C LEU C 433 -24.28 -14.59 -4.91
N ASN C 434 -25.49 -14.05 -5.15
CA ASN C 434 -25.95 -12.90 -4.38
C ASN C 434 -26.15 -13.25 -2.92
N ARG C 435 -26.74 -14.41 -2.64
CA ARG C 435 -27.00 -14.79 -1.26
C ARG C 435 -25.71 -14.91 -0.45
N ALA C 436 -24.68 -15.53 -1.05
CA ALA C 436 -23.44 -15.78 -0.33
C ALA C 436 -22.77 -14.48 0.11
N HIS C 437 -22.58 -13.55 -0.83
CA HIS C 437 -21.92 -12.29 -0.49
C HIS C 437 -22.83 -11.42 0.37
N ARG C 438 -24.13 -11.41 0.05
CA ARG C 438 -25.06 -10.56 0.77
C ARG C 438 -25.11 -10.91 2.25
N ILE C 439 -25.19 -12.20 2.57
CA ILE C 439 -25.25 -12.60 3.97
C ILE C 439 -23.94 -12.32 4.67
N ILE C 440 -22.82 -12.72 4.05
CA ILE C 440 -21.52 -12.58 4.72
C ILE C 440 -21.26 -11.12 5.05
N HIS C 441 -21.63 -10.21 4.15
CA HIS C 441 -21.35 -8.80 4.40
C HIS C 441 -22.11 -8.26 5.59
N GLN C 442 -23.21 -8.90 5.99
CA GLN C 442 -23.97 -8.42 7.15
C GLN C 442 -23.56 -9.09 8.46
N LEU C 443 -22.70 -10.10 8.42
CA LEU C 443 -22.35 -10.83 9.63
C LEU C 443 -21.22 -10.12 10.36
N GLU C 444 -21.34 -10.03 11.68
CA GLU C 444 -20.39 -9.29 12.51
C GLU C 444 -19.31 -10.24 13.03
N ALA C 445 -18.42 -10.63 12.11
CA ALA C 445 -17.32 -11.54 12.42
C ALA C 445 -16.13 -11.21 11.53
N GLY C 446 -14.93 -11.49 12.04
CA GLY C 446 -13.69 -11.18 11.35
C GLY C 446 -13.23 -12.24 10.37
N ILE C 447 -13.74 -13.47 10.51
CA ILE C 447 -13.32 -14.62 9.71
C ILE C 447 -14.56 -15.25 9.12
N CYS C 448 -14.73 -15.18 7.80
CA CYS C 448 -15.94 -15.66 7.15
C CYS C 448 -15.60 -16.64 6.05
N TRP C 449 -16.29 -17.78 6.05
CA TRP C 449 -16.05 -18.87 5.11
C TRP C 449 -17.33 -19.10 4.30
N ILE C 450 -17.18 -19.16 2.98
CA ILE C 450 -18.30 -19.46 2.09
C ILE C 450 -18.09 -20.85 1.53
N ASN C 451 -19.03 -21.75 1.85
CA ASN C 451 -19.05 -23.13 1.38
C ASN C 451 -17.79 -23.88 1.82
N SER C 452 -17.33 -23.62 3.03
CA SER C 452 -16.15 -24.30 3.58
CA SER C 452 -16.16 -24.31 3.58
C SER C 452 -16.04 -23.92 5.05
N TRP C 453 -14.96 -24.37 5.69
CA TRP C 453 -14.71 -24.00 7.08
C TRP C 453 -13.26 -24.30 7.43
N GLY C 454 -12.65 -23.41 8.19
CA GLY C 454 -11.45 -23.69 8.94
C GLY C 454 -10.13 -23.29 8.29
N GLU C 455 -10.09 -23.09 6.98
CA GLU C 455 -8.81 -22.78 6.36
C GLU C 455 -8.37 -21.37 6.74
N SER C 456 -7.11 -21.23 7.17
CA SER C 456 -6.59 -19.97 7.68
C SER C 456 -5.24 -19.70 7.02
N PRO C 457 -5.24 -19.28 5.76
CA PRO C 457 -3.97 -19.06 5.04
C PRO C 457 -3.11 -18.01 5.73
N ALA C 458 -1.79 -18.17 5.61
CA ALA C 458 -0.87 -17.21 6.19
C ALA C 458 -1.15 -15.78 5.72
N GLU C 459 -1.65 -15.64 4.49
CA GLU C 459 -1.90 -14.31 3.93
C GLU C 459 -3.11 -13.62 4.54
N MET C 460 -3.99 -14.35 5.22
CA MET C 460 -5.31 -13.87 5.59
C MET C 460 -5.34 -13.38 7.03
N PRO C 461 -5.53 -12.08 7.29
CA PRO C 461 -5.66 -11.62 8.68
C PRO C 461 -6.86 -12.26 9.35
N VAL C 462 -6.66 -12.69 10.59
CA VAL C 462 -7.70 -13.36 11.38
C VAL C 462 -7.75 -12.80 12.79
N GLY C 463 -8.96 -12.59 13.28
CA GLY C 463 -9.19 -12.08 14.62
C GLY C 463 -10.65 -11.76 14.80
N GLY C 464 -11.01 -11.36 16.01
CA GLY C 464 -12.40 -11.25 16.39
C GLY C 464 -12.96 -9.83 16.42
N TYR C 465 -14.26 -9.76 16.13
CA TYR C 465 -15.06 -8.59 16.48
C TYR C 465 -15.48 -8.66 17.94
N LYS C 466 -15.91 -7.51 18.46
CA LYS C 466 -16.58 -7.40 19.76
C LYS C 466 -15.73 -8.09 20.83
N HIS C 467 -16.29 -8.95 21.67
CA HIS C 467 -15.53 -9.52 22.77
C HIS C 467 -14.66 -10.69 22.36
N SER C 468 -14.60 -11.02 21.07
CA SER C 468 -13.79 -12.14 20.64
C SER C 468 -12.34 -11.76 20.36
N GLY C 469 -12.00 -10.48 20.38
CA GLY C 469 -10.58 -10.17 20.31
C GLY C 469 -10.30 -8.71 20.05
N ILE C 470 -9.01 -8.39 20.15
N ILE C 470 -9.01 -8.39 20.15
CA ILE C 470 -8.46 -7.09 19.80
CA ILE C 470 -8.45 -7.10 19.81
C ILE C 470 -7.31 -7.33 18.85
C ILE C 470 -7.31 -7.34 18.85
N GLY C 471 -7.32 -6.65 17.70
CA GLY C 471 -6.25 -6.81 16.74
C GLY C 471 -6.38 -8.07 15.90
N ARG C 472 -5.31 -8.37 15.16
CA ARG C 472 -5.34 -9.45 14.19
C ARG C 472 -4.02 -10.21 14.22
N GLU C 473 -4.05 -11.42 13.67
CA GLU C 473 -2.87 -12.22 13.40
C GLU C 473 -2.83 -12.60 11.92
N ASN C 474 -1.63 -12.92 11.44
CA ASN C 474 -1.41 -13.28 10.03
C ASN C 474 -1.69 -12.12 9.09
N GLY C 475 -1.31 -12.26 7.83
CA GLY C 475 -1.41 -11.19 6.87
C GLY C 475 -0.30 -10.17 7.03
N VAL C 476 -0.18 -9.30 6.03
CA VAL C 476 0.87 -8.28 6.05
CA VAL C 476 0.88 -8.29 6.06
C VAL C 476 0.66 -7.34 7.22
N MET C 477 -0.59 -6.98 7.51
CA MET C 477 -0.87 -6.02 8.57
C MET C 477 -0.33 -6.45 9.92
N THR C 478 -0.22 -7.75 10.19
CA THR C 478 0.28 -8.15 11.50
C THR C 478 1.79 -7.96 11.61
N LEU C 479 2.51 -8.08 10.50
CA LEU C 479 3.92 -7.69 10.51
C LEU C 479 4.05 -6.23 10.89
N GLN C 480 3.23 -5.36 10.29
CA GLN C 480 3.28 -3.94 10.61
C GLN C 480 2.85 -3.66 12.04
N SER C 481 1.92 -4.45 12.58
CA SER C 481 1.47 -4.24 13.95
C SER C 481 2.53 -4.58 14.98
N TYR C 482 3.60 -5.27 14.58
CA TYR C 482 4.73 -5.49 15.46
C TYR C 482 5.85 -4.49 15.25
N THR C 483 5.58 -3.40 14.52
CA THR C 483 6.46 -2.26 14.47
C THR C 483 5.71 -1.07 15.05
N GLN C 484 6.44 0.00 15.34
CA GLN C 484 5.83 1.26 15.73
C GLN C 484 6.34 2.33 14.78
N VAL C 485 5.48 3.27 14.43
CA VAL C 485 5.80 4.31 13.47
C VAL C 485 6.50 5.47 14.15
N LYS C 486 7.64 5.87 13.59
CA LYS C 486 8.31 7.12 13.92
C LYS C 486 8.20 8.05 12.72
N SER C 487 7.61 9.21 12.92
CA SER C 487 7.54 10.26 11.90
C SER C 487 8.65 11.28 12.09
N ILE C 488 9.35 11.61 11.00
CA ILE C 488 10.50 12.50 11.01
C ILE C 488 10.28 13.60 9.98
N GLN C 489 10.23 14.85 10.45
CA GLN C 489 10.12 16.02 9.56
C GLN C 489 11.49 16.64 9.40
N VAL C 490 11.92 16.79 8.15
CA VAL C 490 13.14 17.51 7.82
C VAL C 490 12.71 18.91 7.39
N GLU C 491 13.07 19.91 8.17
CA GLU C 491 12.78 21.30 7.86
C GLU C 491 14.05 21.95 7.34
N MET C 492 14.08 22.24 6.03
CA MET C 492 15.22 22.86 5.39
C MET C 492 15.09 24.38 5.30
N GLY C 493 13.93 24.92 5.60
CA GLY C 493 13.72 26.35 5.56
C GLY C 493 14.01 27.00 6.89
N PRO C 494 13.95 28.32 6.94
CA PRO C 494 14.24 29.03 8.19
C PRO C 494 13.08 28.87 9.17
N PHE C 495 13.40 28.54 10.41
CA PHE C 495 12.38 28.34 11.42
C PHE C 495 11.89 29.68 11.95
N GLN C 496 10.58 29.82 12.08
CA GLN C 496 9.96 31.06 12.51
C GLN C 496 9.46 30.86 13.94
N SER C 497 9.95 31.68 14.85
CA SER C 497 9.45 31.76 16.22
C SER C 497 8.56 32.99 16.35
N ILE C 498 7.49 32.87 17.13
CA ILE C 498 6.64 34.03 17.36
C ILE C 498 7.08 34.84 18.57
N PHE C 499 8.16 34.42 19.24
CA PHE C 499 8.73 35.16 20.35
C PHE C 499 9.96 35.95 19.89
N ARG D 12 -23.54 30.50 -37.33
CA ARG D 12 -23.38 29.39 -36.39
C ARG D 12 -22.85 29.91 -35.07
N MET D 13 -21.96 29.13 -34.44
CA MET D 13 -21.18 29.64 -33.33
C MET D 13 -19.98 30.42 -33.86
N ALA D 14 -19.44 31.31 -33.01
CA ALA D 14 -18.19 31.97 -33.32
C ALA D 14 -17.14 30.92 -33.70
N GLU D 15 -16.16 31.30 -34.53
CA GLU D 15 -15.10 30.34 -34.80
C GLU D 15 -14.36 30.08 -33.50
N GLN D 16 -14.07 28.82 -33.25
CA GLN D 16 -13.34 28.40 -32.06
C GLN D 16 -11.82 28.46 -32.17
N GLN D 17 -11.17 29.03 -31.14
CA GLN D 17 -9.74 29.28 -31.13
C GLN D 17 -9.03 28.21 -30.31
N LEU D 18 -7.69 28.24 -30.31
CA LEU D 18 -6.92 27.41 -29.40
C LEU D 18 -6.98 28.00 -27.99
N TYR D 19 -6.69 27.18 -26.99
CA TYR D 19 -6.61 27.65 -25.60
C TYR D 19 -5.19 27.41 -25.09
N ILE D 20 -4.41 28.47 -24.92
CA ILE D 20 -3.02 28.36 -24.48
C ILE D 20 -2.76 29.41 -23.40
N HIS D 21 -2.28 28.96 -22.25
CA HIS D 21 -1.88 29.85 -21.15
C HIS D 21 -3.04 30.73 -20.68
N GLY D 22 -4.18 30.10 -20.41
CA GLY D 22 -5.26 30.79 -19.76
C GLY D 22 -6.06 31.75 -20.60
N LYS D 23 -5.99 31.64 -21.93
CA LYS D 23 -6.80 32.49 -22.79
C LYS D 23 -6.97 31.79 -24.13
N PHE D 24 -8.00 32.19 -24.86
CA PHE D 24 -8.15 31.75 -26.25
C PHE D 24 -7.19 32.55 -27.12
N VAL D 25 -6.57 31.86 -28.07
CA VAL D 25 -5.57 32.48 -28.90
C VAL D 25 -5.67 31.93 -30.31
N ALA D 26 -5.38 32.78 -31.29
CA ALA D 26 -5.44 32.38 -32.68
C ALA D 26 -4.34 31.36 -32.95
N ALA D 27 -4.65 30.37 -33.76
CA ALA D 27 -3.64 29.44 -34.23
C ALA D 27 -2.67 30.14 -35.17
N THR D 28 -1.43 29.65 -35.18
CA THR D 28 -0.42 30.14 -36.10
C THR D 28 -0.34 29.27 -37.34
N SER D 29 -1.17 28.24 -37.44
CA SER D 29 -1.09 27.34 -38.57
C SER D 29 -1.70 27.93 -39.84
N GLY D 30 -2.61 28.90 -39.70
CA GLY D 30 -3.38 29.36 -40.84
C GLY D 30 -4.41 28.37 -41.33
N LYS D 31 -4.70 27.34 -40.52
CA LYS D 31 -5.53 26.21 -40.92
C LYS D 31 -6.76 26.13 -40.03
N THR D 32 -7.87 25.67 -40.62
CA THR D 32 -9.10 25.44 -39.87
C THR D 32 -9.74 24.13 -40.29
N PHE D 33 -10.74 23.69 -39.52
CA PHE D 33 -11.59 22.57 -39.89
C PHE D 33 -13.00 22.84 -39.37
N GLU D 34 -13.95 22.04 -39.85
CA GLU D 34 -15.36 22.16 -39.48
C GLU D 34 -15.81 20.96 -38.67
N THR D 35 -16.60 21.20 -37.62
CA THR D 35 -17.32 20.15 -36.91
C THR D 35 -18.80 20.23 -37.27
N ILE D 36 -19.40 19.07 -37.52
CA ILE D 36 -20.76 18.95 -38.02
C ILE D 36 -21.70 18.52 -36.89
N ASN D 37 -22.95 18.98 -36.99
CA ASN D 37 -24.01 18.45 -36.13
C ASN D 37 -24.52 17.21 -36.84
N PRO D 38 -24.27 16.01 -36.30
CA PRO D 38 -24.63 14.80 -37.04
C PRO D 38 -26.12 14.55 -37.13
N ALA D 39 -26.94 15.30 -36.38
CA ALA D 39 -28.39 15.19 -36.53
C ALA D 39 -28.94 16.00 -37.69
N THR D 40 -28.21 17.01 -38.17
CA THR D 40 -28.70 17.90 -39.21
C THR D 40 -27.76 18.01 -40.40
N GLY D 41 -26.50 17.65 -40.26
CA GLY D 41 -25.52 17.86 -41.30
C GLY D 41 -25.00 19.26 -41.39
N GLU D 42 -25.50 20.17 -40.55
CA GLU D 42 -25.08 21.56 -40.59
C GLU D 42 -23.77 21.77 -39.84
N VAL D 43 -23.01 22.78 -40.28
CA VAL D 43 -21.77 23.15 -39.60
C VAL D 43 -22.08 23.79 -38.26
N LEU D 44 -21.61 23.17 -37.18
CA LEU D 44 -21.77 23.75 -35.86
C LEU D 44 -20.81 24.91 -35.60
N ALA D 45 -19.55 24.76 -36.01
CA ALA D 45 -18.55 25.79 -35.79
C ALA D 45 -17.36 25.50 -36.69
N THR D 46 -16.65 26.57 -37.06
CA THR D 46 -15.33 26.47 -37.66
C THR D 46 -14.27 26.60 -36.56
N VAL D 47 -13.29 25.70 -36.58
CA VAL D 47 -12.32 25.57 -35.50
C VAL D 47 -10.90 25.64 -36.04
N GLN D 48 -10.04 26.40 -35.34
CA GLN D 48 -8.64 26.51 -35.73
C GLN D 48 -7.85 25.26 -35.34
N ALA D 49 -6.86 24.93 -36.16
CA ALA D 49 -6.06 23.72 -36.01
C ALA D 49 -4.64 24.07 -35.58
N ALA D 50 -4.17 23.45 -34.50
CA ALA D 50 -2.85 23.78 -33.98
C ALA D 50 -1.76 23.20 -34.87
N GLY D 51 -0.81 24.05 -35.27
CA GLY D 51 0.35 23.62 -36.02
C GLY D 51 1.51 23.27 -35.11
N ARG D 52 2.65 23.00 -35.74
CA ARG D 52 3.84 22.60 -34.99
C ARG D 52 4.29 23.70 -34.04
N GLU D 53 4.21 24.96 -34.48
CA GLU D 53 4.56 26.08 -33.63
C GLU D 53 3.57 26.25 -32.49
N ASP D 54 2.28 25.99 -32.75
CA ASP D 54 1.29 26.03 -31.68
C ASP D 54 1.59 25.00 -30.61
N VAL D 55 2.00 23.80 -31.02
CA VAL D 55 2.38 22.78 -30.04
C VAL D 55 3.57 23.24 -29.22
N ASP D 56 4.59 23.81 -29.87
CA ASP D 56 5.75 24.26 -29.10
C ASP D 56 5.37 25.35 -28.12
N ARG D 57 4.46 26.25 -28.52
CA ARG D 57 3.97 27.28 -27.61
C ARG D 57 3.19 26.68 -26.44
N ALA D 58 2.39 25.65 -26.71
CA ALA D 58 1.65 25.01 -25.64
C ALA D 58 2.58 24.31 -24.66
N VAL D 59 3.67 23.72 -25.15
CA VAL D 59 4.62 23.06 -24.26
C VAL D 59 5.33 24.07 -23.38
N LYS D 60 5.80 25.18 -23.94
CA LYS D 60 6.46 26.17 -23.10
C LYS D 60 5.49 26.77 -22.09
N SER D 61 4.24 27.01 -22.50
CA SER D 61 3.25 27.46 -21.54
C SER D 61 3.05 26.40 -20.45
N ALA D 62 2.93 25.14 -20.86
CA ALA D 62 2.72 24.06 -19.89
C ALA D 62 3.90 23.92 -18.95
N GLN D 63 5.13 24.07 -19.47
CA GLN D 63 6.31 23.98 -18.61
C GLN D 63 6.27 25.07 -17.54
N GLN D 64 5.87 26.28 -17.92
CA GLN D 64 5.76 27.37 -16.96
C GLN D 64 4.65 27.12 -15.95
N GLY D 65 3.47 26.72 -16.42
CA GLY D 65 2.36 26.49 -15.50
C GLY D 65 2.62 25.31 -14.57
N GLN D 66 3.25 24.25 -15.08
CA GLN D 66 3.49 23.07 -14.26
C GLN D 66 4.33 23.42 -13.04
N LYS D 67 5.32 24.30 -13.21
CA LYS D 67 6.19 24.68 -12.10
C LYS D 67 5.41 25.39 -11.00
N VAL D 68 4.51 26.30 -11.38
CA VAL D 68 3.66 26.96 -10.39
C VAL D 68 2.77 25.92 -9.70
N TRP D 69 2.15 25.05 -10.50
CA TRP D 69 1.19 24.07 -9.98
C TRP D 69 1.85 23.09 -9.01
N ALA D 70 3.06 22.61 -9.34
CA ALA D 70 3.73 21.63 -8.50
C ALA D 70 4.28 22.24 -7.22
N ALA D 71 4.51 23.56 -7.21
CA ALA D 71 5.03 24.24 -6.03
C ALA D 71 3.94 24.49 -5.00
N MET D 72 2.68 24.42 -5.39
CA MET D 72 1.60 24.58 -4.43
C MET D 72 1.58 23.37 -3.50
N SER D 73 0.91 23.53 -2.36
CA SER D 73 0.71 22.39 -1.47
C SER D 73 -0.26 21.40 -2.12
N ALA D 74 -0.20 20.16 -1.66
CA ALA D 74 -1.13 19.15 -2.19
C ALA D 74 -2.57 19.56 -1.94
N MET D 75 -2.88 20.12 -0.77
CA MET D 75 -4.26 20.49 -0.49
C MET D 75 -4.67 21.71 -1.32
N ALA D 76 -3.72 22.61 -1.61
CA ALA D 76 -4.02 23.72 -2.51
C ALA D 76 -4.45 23.20 -3.87
N ARG D 77 -3.73 22.20 -4.40
CA ARG D 77 -4.16 21.59 -5.67
C ARG D 77 -5.53 20.93 -5.54
N SER D 78 -5.74 20.19 -4.44
CA SER D 78 -7.02 19.51 -4.25
CA SER D 78 -7.02 19.51 -4.25
C SER D 78 -8.18 20.50 -4.31
N ARG D 79 -8.06 21.63 -3.61
CA ARG D 79 -9.16 22.59 -3.54
C ARG D 79 -9.50 23.16 -4.91
N ILE D 80 -8.48 23.45 -5.71
CA ILE D 80 -8.74 24.02 -7.03
C ILE D 80 -9.51 23.02 -7.89
N LEU D 81 -9.08 21.76 -7.88
CA LEU D 81 -9.79 20.75 -8.69
C LEU D 81 -11.21 20.54 -8.18
N ARG D 82 -11.41 20.58 -6.87
CA ARG D 82 -12.76 20.49 -6.31
C ARG D 82 -13.62 21.69 -6.72
N LYS D 83 -13.02 22.87 -6.85
CA LYS D 83 -13.77 24.03 -7.33
C LYS D 83 -14.21 23.80 -8.78
N ALA D 84 -13.36 23.17 -9.60
CA ALA D 84 -13.75 22.83 -10.96
C ALA D 84 -14.91 21.83 -10.97
N VAL D 85 -14.89 20.85 -10.08
CA VAL D 85 -16.02 19.93 -9.94
C VAL D 85 -17.31 20.68 -9.68
N ASP D 86 -17.29 21.60 -8.72
CA ASP D 86 -18.50 22.36 -8.39
C ASP D 86 -19.03 23.10 -9.61
N ILE D 87 -18.14 23.68 -10.41
CA ILE D 87 -18.60 24.38 -11.60
C ILE D 87 -19.22 23.41 -12.59
N LEU D 88 -18.61 22.23 -12.76
CA LEU D 88 -19.16 21.25 -13.68
C LEU D 88 -20.55 20.76 -13.27
N ARG D 89 -20.76 20.52 -11.98
CA ARG D 89 -22.10 20.14 -11.53
C ARG D 89 -23.11 21.23 -11.84
N GLU D 90 -22.74 22.47 -11.57
CA GLU D 90 -23.64 23.61 -11.77
C GLU D 90 -23.98 23.78 -13.25
N ARG D 91 -23.03 23.51 -14.13
N ARG D 91 -23.03 23.53 -14.13
CA ARG D 91 -23.18 23.72 -15.57
CA ARG D 91 -23.22 23.74 -15.56
C ARG D 91 -23.48 22.43 -16.31
C ARG D 91 -23.44 22.42 -16.31
N ASN D 92 -23.97 21.41 -15.61
CA ASN D 92 -24.16 20.09 -16.20
C ASN D 92 -25.04 20.15 -17.45
N ASP D 93 -26.20 20.82 -17.35
CA ASP D 93 -27.17 20.78 -18.44
C ASP D 93 -26.67 21.58 -19.65
N GLU D 94 -26.04 22.73 -19.40
CA GLU D 94 -25.48 23.54 -20.47
C GLU D 94 -24.42 22.77 -21.24
N LEU D 95 -23.50 22.15 -20.51
CA LEU D 95 -22.45 21.36 -21.15
C LEU D 95 -23.01 20.15 -21.87
N ALA D 96 -24.05 19.52 -21.29
CA ALA D 96 -24.64 18.35 -21.93
C ALA D 96 -25.29 18.68 -23.27
N ARG D 97 -25.98 19.81 -23.37
CA ARG D 97 -26.56 20.21 -24.66
C ARG D 97 -25.50 20.44 -25.71
N LEU D 98 -24.39 21.06 -25.32
CA LEU D 98 -23.30 21.25 -26.29
C LEU D 98 -22.78 19.90 -26.75
N GLU D 99 -22.61 18.95 -25.81
CA GLU D 99 -22.15 17.62 -26.17
C GLU D 99 -23.13 16.92 -27.10
N THR D 100 -24.43 17.10 -26.85
CA THR D 100 -25.45 16.52 -27.73
C THR D 100 -25.36 17.09 -29.15
N LEU D 101 -25.15 18.40 -29.28
CA LEU D 101 -25.03 18.99 -30.61
C LEU D 101 -23.83 18.42 -31.35
N ASP D 102 -22.71 18.22 -30.64
CA ASP D 102 -21.46 17.85 -31.28
C ASP D 102 -21.37 16.36 -31.57
N THR D 103 -22.01 15.51 -30.76
CA THR D 103 -21.84 14.07 -30.87
C THR D 103 -23.08 13.35 -31.41
N GLY D 104 -24.26 13.96 -31.30
CA GLY D 104 -25.47 13.26 -31.65
C GLY D 104 -25.99 12.36 -30.56
N LYS D 105 -25.33 12.31 -29.42
CA LYS D 105 -25.85 11.46 -28.35
C LYS D 105 -27.05 12.12 -27.70
N PRO D 106 -28.09 11.36 -27.36
CA PRO D 106 -29.29 11.97 -26.80
C PRO D 106 -28.97 12.72 -25.51
N LEU D 107 -29.71 13.81 -25.30
CA LEU D 107 -29.54 14.58 -24.08
C LEU D 107 -29.84 13.77 -22.83
N SER D 108 -30.72 12.77 -22.94
CA SER D 108 -31.00 11.88 -21.81
C SER D 108 -29.76 11.13 -21.34
N GLU D 109 -28.79 10.93 -22.23
CA GLU D 109 -27.50 10.35 -21.88
C GLU D 109 -26.52 11.41 -21.41
N THR D 110 -26.32 12.46 -22.21
CA THR D 110 -25.25 13.41 -21.95
C THR D 110 -25.47 14.15 -20.63
N ALA D 111 -26.71 14.44 -20.28
CA ALA D 111 -26.96 15.15 -19.03
C ALA D 111 -26.90 14.24 -17.81
N ALA D 112 -26.91 12.92 -18.02
CA ALA D 112 -26.89 11.94 -16.94
C ALA D 112 -25.54 11.26 -16.75
N VAL D 113 -24.71 11.17 -17.78
CA VAL D 113 -23.50 10.35 -17.75
C VAL D 113 -22.25 11.16 -18.06
N ASP D 114 -22.24 11.90 -19.17
CA ASP D 114 -20.98 12.42 -19.70
C ASP D 114 -20.30 13.36 -18.69
N ILE D 115 -20.97 14.44 -18.30
CA ILE D 115 -20.37 15.33 -17.31
C ILE D 115 -20.40 14.73 -15.91
N VAL D 116 -21.46 13.99 -15.57
CA VAL D 116 -21.57 13.45 -14.22
C VAL D 116 -20.37 12.57 -13.89
N THR D 117 -20.03 11.63 -14.78
CA THR D 117 -18.96 10.68 -14.49
C THR D 117 -17.58 11.27 -14.73
N GLY D 118 -17.47 12.24 -15.65
CA GLY D 118 -16.22 12.95 -15.77
C GLY D 118 -15.89 13.70 -14.50
N ALA D 119 -16.87 14.43 -13.95
CA ALA D 119 -16.65 15.14 -12.71
C ALA D 119 -16.43 14.18 -11.53
N ASP D 120 -17.07 13.01 -11.55
CA ASP D 120 -16.85 12.02 -10.50
C ASP D 120 -15.37 11.64 -10.42
N VAL D 121 -14.71 11.50 -11.56
CA VAL D 121 -13.30 11.06 -11.56
C VAL D 121 -12.41 12.20 -11.10
N LEU D 122 -12.70 13.42 -11.55
CA LEU D 122 -11.97 14.59 -11.07
C LEU D 122 -12.13 14.75 -9.57
N GLU D 123 -13.36 14.58 -9.08
CA GLU D 123 -13.61 14.70 -7.64
C GLU D 123 -12.84 13.64 -6.88
N TYR D 124 -12.85 12.41 -7.40
CA TYR D 124 -12.08 11.32 -6.78
C TYR D 124 -10.60 11.66 -6.66
N TYR D 125 -9.97 12.07 -7.76
CA TYR D 125 -8.53 12.31 -7.70
C TYR D 125 -8.19 13.55 -6.86
N ALA D 126 -9.07 14.55 -6.85
CA ALA D 126 -8.83 15.72 -6.02
C ALA D 126 -8.58 15.30 -4.57
N GLY D 127 -9.39 14.38 -4.06
CA GLY D 127 -9.25 13.92 -2.69
C GLY D 127 -8.04 13.04 -2.44
N LEU D 128 -7.50 12.42 -3.49
CA LEU D 128 -6.35 11.53 -3.32
C LEU D 128 -4.99 12.24 -3.38
N ILE D 129 -4.94 13.50 -3.82
CA ILE D 129 -3.64 14.17 -3.94
C ILE D 129 -2.87 14.10 -2.63
N PRO D 130 -3.45 14.41 -1.47
CA PRO D 130 -2.64 14.39 -0.23
C PRO D 130 -2.16 13.00 0.16
N ALA D 131 -2.72 11.93 -0.41
CA ALA D 131 -2.30 10.58 -0.06
C ALA D 131 -1.19 10.05 -0.97
N LEU D 132 -0.77 10.81 -1.97
CA LEU D 132 0.31 10.39 -2.86
C LEU D 132 1.64 10.48 -2.10
N GLU D 133 2.19 9.32 -1.80
CA GLU D 133 3.38 9.31 -0.95
C GLU D 133 4.46 8.37 -1.48
N GLY D 134 5.70 8.73 -1.25
CA GLY D 134 6.83 7.87 -1.53
C GLY D 134 7.06 6.88 -0.41
N SER D 135 8.25 6.28 -0.44
CA SER D 135 8.57 5.23 0.52
CA SER D 135 8.59 5.20 0.48
C SER D 135 9.91 5.52 1.17
N GLN D 136 10.20 4.78 2.24
CA GLN D 136 11.49 4.82 2.91
C GLN D 136 11.92 3.40 3.24
N ILE D 137 13.15 3.08 2.89
CA ILE D 137 13.66 1.72 3.06
C ILE D 137 14.96 1.77 3.85
N PRO D 138 15.02 1.24 5.07
CA PRO D 138 16.30 1.20 5.79
C PRO D 138 17.17 0.07 5.24
N LEU D 139 18.43 0.39 4.96
CA LEU D 139 19.41 -0.59 4.51
C LEU D 139 20.28 -1.12 5.61
N ARG D 140 20.70 -0.25 6.53
CA ARG D 140 21.60 -0.60 7.62
C ARG D 140 21.62 0.64 8.50
N ASP D 141 22.26 0.52 9.66
CA ASP D 141 22.26 1.65 10.57
C ASP D 141 22.79 2.91 9.90
N SER D 142 23.75 2.77 8.98
CA SER D 142 24.42 3.91 8.38
C SER D 142 23.88 4.35 7.01
N SER D 143 22.78 3.76 6.53
CA SER D 143 22.27 4.18 5.23
C SER D 143 20.80 3.84 5.08
N PHE D 144 20.07 4.72 4.40
CA PHE D 144 18.69 4.40 4.07
C PHE D 144 18.34 4.99 2.71
N VAL D 145 17.24 4.49 2.15
CA VAL D 145 16.68 4.94 0.89
C VAL D 145 15.32 5.55 1.17
N TYR D 146 15.00 6.64 0.47
CA TYR D 146 13.63 7.12 0.37
C TYR D 146 13.32 7.45 -1.08
N THR D 147 12.04 7.39 -1.43
CA THR D 147 11.59 7.65 -2.79
C THR D 147 10.67 8.85 -2.81
N ARG D 148 10.70 9.58 -3.92
CA ARG D 148 9.74 10.63 -4.21
C ARG D 148 8.91 10.22 -5.42
N ARG D 149 7.62 10.56 -5.41
CA ARG D 149 6.76 10.39 -6.58
C ARG D 149 6.65 11.77 -7.24
N GLU D 150 7.54 12.04 -8.18
CA GLU D 150 7.64 13.35 -8.80
C GLU D 150 6.77 13.45 -10.05
N PRO D 151 6.30 14.65 -10.38
CA PRO D 151 5.57 14.84 -11.64
C PRO D 151 6.42 14.48 -12.84
N LEU D 152 5.75 13.96 -13.88
CA LEU D 152 6.40 13.76 -15.18
C LEU D 152 6.79 15.09 -15.83
N GLY D 153 6.01 16.14 -15.60
CA GLY D 153 6.22 17.42 -16.24
C GLY D 153 5.03 17.78 -17.11
N VAL D 154 5.25 17.77 -18.42
CA VAL D 154 4.21 18.05 -19.40
C VAL D 154 3.81 16.73 -20.04
N VAL D 155 2.53 16.39 -19.97
CA VAL D 155 2.00 15.19 -20.60
C VAL D 155 0.95 15.64 -21.60
N ALA D 156 0.65 14.76 -22.54
CA ALA D 156 -0.33 15.03 -23.58
C ALA D 156 -1.41 13.97 -23.57
N GLY D 157 -2.64 14.40 -23.77
CA GLY D 157 -3.77 13.51 -23.92
C GLY D 157 -4.40 13.70 -25.28
N ILE D 158 -4.78 12.58 -25.90
CA ILE D 158 -5.43 12.60 -27.21
C ILE D 158 -6.76 11.88 -27.02
N GLY D 159 -7.85 12.62 -27.21
CA GLY D 159 -9.18 12.14 -26.92
C GLY D 159 -9.87 11.57 -28.13
N ALA D 160 -10.99 10.91 -27.88
CA ALA D 160 -11.82 10.34 -28.93
C ALA D 160 -13.15 11.09 -28.99
N TRP D 161 -13.93 10.78 -30.02
CA TRP D 161 -15.13 11.56 -30.28
C TRP D 161 -16.40 11.01 -29.65
N ASN D 162 -16.37 9.85 -29.00
CA ASN D 162 -17.62 9.28 -28.53
C ASN D 162 -18.03 9.84 -27.16
N TYR D 163 -17.07 10.14 -26.30
CA TYR D 163 -17.31 10.74 -24.98
C TYR D 163 -16.35 11.91 -24.79
N PRO D 164 -16.55 13.01 -25.53
CA PRO D 164 -15.47 14.03 -25.59
C PRO D 164 -15.11 14.62 -24.23
N ILE D 165 -16.09 15.11 -23.48
CA ILE D 165 -15.75 15.78 -22.23
C ILE D 165 -15.41 14.77 -21.13
N GLN D 166 -16.01 13.58 -21.12
CA GLN D 166 -15.63 12.56 -20.15
C GLN D 166 -14.16 12.15 -20.32
N ILE D 167 -13.76 11.89 -21.57
CA ILE D 167 -12.38 11.49 -21.84
C ILE D 167 -11.42 12.61 -21.44
N ALA D 168 -11.79 13.86 -21.74
CA ALA D 168 -10.94 14.97 -21.35
C ALA D 168 -10.77 15.01 -19.83
N LEU D 169 -11.83 14.70 -19.08
CA LEU D 169 -11.74 14.71 -17.63
C LEU D 169 -11.00 13.49 -17.09
N TRP D 170 -11.22 12.31 -17.68
CA TRP D 170 -10.55 11.12 -17.19
C TRP D 170 -9.04 11.15 -17.43
N LYS D 171 -8.59 11.85 -18.47
CA LYS D 171 -7.16 11.99 -18.69
C LYS D 171 -6.58 13.14 -17.87
N SER D 172 -7.26 14.29 -17.84
CA SER D 172 -6.68 15.46 -17.19
C SER D 172 -6.72 15.33 -15.68
N ALA D 173 -7.73 14.65 -15.13
CA ALA D 173 -7.87 14.59 -13.66
C ALA D 173 -6.66 13.93 -13.00
N PRO D 174 -6.26 12.71 -13.35
CA PRO D 174 -5.07 12.14 -12.71
C PRO D 174 -3.80 12.88 -13.06
N ALA D 175 -3.69 13.38 -14.30
CA ALA D 175 -2.50 14.10 -14.71
C ALA D 175 -2.31 15.36 -13.88
N LEU D 176 -3.38 16.15 -13.74
CA LEU D 176 -3.30 17.38 -12.95
C LEU D 176 -3.13 17.05 -11.48
N ALA D 177 -3.85 16.03 -11.01
CA ALA D 177 -3.79 15.68 -9.60
C ALA D 177 -2.38 15.24 -9.21
N ALA D 178 -1.64 14.64 -10.14
CA ALA D 178 -0.26 14.23 -9.89
C ALA D 178 0.74 15.37 -10.03
N GLY D 179 0.30 16.58 -10.32
CA GLY D 179 1.21 17.70 -10.41
C GLY D 179 1.73 18.00 -11.79
N ASN D 180 1.16 17.41 -12.83
CA ASN D 180 1.59 17.67 -14.19
C ASN D 180 0.72 18.76 -14.83
N ALA D 181 1.23 19.32 -15.93
CA ALA D 181 0.41 20.04 -16.88
C ALA D 181 0.03 19.09 -18.01
N MET D 182 -1.17 19.26 -18.57
CA MET D 182 -1.61 18.44 -19.69
C MET D 182 -1.98 19.31 -20.88
N ILE D 183 -1.49 18.94 -22.05
CA ILE D 183 -1.95 19.49 -23.32
C ILE D 183 -2.94 18.47 -23.90
N PHE D 184 -4.18 18.89 -24.17
CA PHE D 184 -5.20 17.93 -24.57
C PHE D 184 -5.64 18.23 -25.99
N LYS D 185 -5.65 17.21 -26.84
CA LYS D 185 -6.14 17.34 -28.21
C LYS D 185 -7.44 16.56 -28.36
N PRO D 186 -8.58 17.21 -28.47
CA PRO D 186 -9.82 16.48 -28.74
C PRO D 186 -9.85 16.00 -30.19
N SER D 187 -10.71 15.03 -30.44
CA SER D 187 -10.94 14.62 -31.81
C SER D 187 -11.48 15.83 -32.59
N GLU D 188 -11.03 15.95 -33.83
CA GLU D 188 -11.56 17.00 -34.72
C GLU D 188 -13.06 16.87 -34.92
N VAL D 189 -13.62 15.69 -34.71
CA VAL D 189 -15.05 15.48 -34.87
C VAL D 189 -15.84 16.16 -33.76
N THR D 190 -15.27 16.30 -32.57
CA THR D 190 -15.99 16.75 -31.38
C THR D 190 -15.08 17.61 -30.50
N PRO D 191 -14.71 18.79 -30.98
CA PRO D 191 -13.75 19.63 -30.26
C PRO D 191 -14.32 20.58 -29.21
N LEU D 192 -15.64 20.75 -29.12
CA LEU D 192 -16.18 21.92 -28.46
C LEU D 192 -16.15 21.84 -26.94
N THR D 193 -16.49 20.69 -26.35
CA THR D 193 -16.60 20.66 -24.90
C THR D 193 -15.24 20.75 -24.21
N ALA D 194 -14.18 20.28 -24.88
CA ALA D 194 -12.84 20.40 -24.32
C ALA D 194 -12.44 21.85 -24.13
N LEU D 195 -12.84 22.72 -25.05
CA LEU D 195 -12.55 24.14 -24.91
C LEU D 195 -13.34 24.75 -23.76
N LYS D 196 -14.59 24.32 -23.57
CA LYS D 196 -15.35 24.78 -22.41
C LYS D 196 -14.68 24.33 -21.12
N LEU D 197 -14.16 23.11 -21.09
CA LEU D 197 -13.50 22.63 -19.89
C LEU D 197 -12.28 23.50 -19.56
N ALA D 198 -11.53 23.90 -20.58
CA ALA D 198 -10.37 24.75 -20.34
C ALA D 198 -10.77 26.03 -19.64
N GLU D 199 -11.89 26.62 -20.05
CA GLU D 199 -12.37 27.84 -19.39
C GLU D 199 -12.71 27.56 -17.93
N ILE D 200 -13.36 26.43 -17.67
CA ILE D 200 -13.79 26.09 -16.32
C ILE D 200 -12.60 25.86 -15.40
N TYR D 201 -11.57 25.17 -15.88
CA TYR D 201 -10.39 24.97 -15.05
C TYR D 201 -9.77 26.30 -14.63
N ARG D 202 -9.63 27.23 -15.58
CA ARG D 202 -9.06 28.54 -15.24
C ARG D 202 -9.95 29.25 -14.24
N GLU D 203 -11.28 29.19 -14.43
CA GLU D 203 -12.20 29.81 -13.49
C GLU D 203 -12.06 29.26 -12.08
N ALA D 204 -11.73 27.96 -11.96
CA ALA D 204 -11.54 27.34 -10.66
C ALA D 204 -10.22 27.72 -9.99
N GLY D 205 -9.33 28.37 -10.72
CA GLY D 205 -8.03 28.76 -10.18
C GLY D 205 -6.86 27.94 -10.65
N LEU D 206 -7.04 27.09 -11.63
CA LEU D 206 -5.92 26.35 -12.19
C LEU D 206 -4.90 27.32 -12.79
N PRO D 207 -3.62 27.20 -12.48
CA PRO D 207 -2.64 28.13 -13.03
C PRO D 207 -2.60 28.07 -14.56
N ASP D 208 -2.34 29.23 -15.17
CA ASP D 208 -2.22 29.31 -16.61
C ASP D 208 -1.19 28.32 -17.14
N GLY D 209 -1.57 27.60 -18.19
CA GLY D 209 -0.72 26.63 -18.86
C GLY D 209 -0.88 25.20 -18.38
N VAL D 210 -1.53 24.99 -17.24
CA VAL D 210 -1.61 23.63 -16.69
C VAL D 210 -2.55 22.75 -17.50
N PHE D 211 -3.59 23.33 -18.11
CA PHE D 211 -4.45 22.58 -19.03
C PHE D 211 -4.62 23.43 -20.28
N ASN D 212 -3.91 23.08 -21.34
CA ASN D 212 -4.04 23.74 -22.62
C ASN D 212 -4.79 22.80 -23.56
N VAL D 213 -5.59 23.37 -24.45
CA VAL D 213 -6.41 22.59 -25.38
C VAL D 213 -6.04 23.01 -26.79
N LEU D 214 -5.63 22.03 -27.61
CA LEU D 214 -5.22 22.24 -28.98
C LEU D 214 -6.13 21.43 -29.90
N PRO D 215 -7.23 22.02 -30.40
CA PRO D 215 -7.98 21.38 -31.49
C PRO D 215 -7.09 21.21 -32.71
N GLY D 216 -7.40 20.21 -33.51
CA GLY D 216 -6.67 19.98 -34.73
C GLY D 216 -6.95 18.60 -35.29
N ILE D 217 -6.20 18.27 -36.33
CA ILE D 217 -6.33 16.99 -37.01
C ILE D 217 -5.34 16.00 -36.41
N GLY D 218 -5.73 14.72 -36.43
CA GLY D 218 -4.85 13.68 -35.90
C GLY D 218 -3.53 13.61 -36.63
N ALA D 219 -3.59 13.69 -37.97
CA ALA D 219 -2.40 13.56 -38.78
C ALA D 219 -1.40 14.69 -38.59
N GLU D 220 -1.84 15.85 -38.08
CA GLU D 220 -0.93 16.96 -37.84
C GLU D 220 -0.78 17.28 -36.36
N THR D 221 -1.83 17.81 -35.70
CA THR D 221 -1.66 18.20 -34.32
C THR D 221 -1.34 16.99 -33.45
N GLY D 222 -2.06 15.89 -33.64
CA GLY D 222 -1.77 14.71 -32.84
C GLY D 222 -0.38 14.18 -33.06
N GLN D 223 0.07 14.13 -34.31
CA GLN D 223 1.43 13.68 -34.59
C GLN D 223 2.45 14.64 -34.00
N TYR D 224 2.22 15.96 -34.10
CA TYR D 224 3.19 16.90 -33.54
C TYR D 224 3.33 16.73 -32.03
N LEU D 225 2.22 16.44 -31.34
CA LEU D 225 2.29 16.18 -29.90
C LEU D 225 3.15 14.95 -29.62
N THR D 226 2.93 13.87 -30.35
CA THR D 226 3.67 12.64 -30.10
C THR D 226 5.17 12.81 -30.40
N GLU D 227 5.52 13.78 -31.24
CA GLU D 227 6.91 14.00 -31.63
C GLU D 227 7.66 15.01 -30.78
N HIS D 228 6.96 15.79 -29.95
CA HIS D 228 7.66 16.88 -29.27
C HIS D 228 8.64 16.32 -28.25
N PRO D 229 9.89 16.79 -28.23
CA PRO D 229 10.89 16.17 -27.33
C PRO D 229 10.66 16.42 -25.84
N ASP D 230 9.88 17.45 -25.46
CA ASP D 230 9.71 17.82 -24.06
C ASP D 230 8.39 17.35 -23.46
N ILE D 231 7.67 16.47 -24.15
CA ILE D 231 6.46 15.84 -23.63
C ILE D 231 6.86 14.47 -23.09
N ALA D 232 6.51 14.19 -21.84
CA ALA D 232 6.99 13.02 -21.13
C ALA D 232 6.08 11.81 -21.23
N LYS D 233 4.81 11.99 -21.59
CA LYS D 233 3.87 10.88 -21.63
C LYS D 233 2.75 11.27 -22.58
N ILE D 234 2.24 10.27 -23.30
CA ILE D 234 1.08 10.40 -24.17
C ILE D 234 0.00 9.48 -23.64
N SER D 235 -1.22 9.98 -23.52
CA SER D 235 -2.37 9.14 -23.23
C SER D 235 -3.36 9.20 -24.39
N PHE D 236 -3.70 8.04 -24.94
CA PHE D 236 -4.41 7.94 -26.21
C PHE D 236 -5.65 7.07 -26.04
N THR D 237 -6.78 7.54 -26.57
CA THR D 237 -7.99 6.74 -26.69
C THR D 237 -8.43 6.75 -28.15
N GLY D 238 -8.70 5.57 -28.71
CA GLY D 238 -9.14 5.48 -30.10
C GLY D 238 -9.04 4.06 -30.62
N GLY D 239 -8.81 3.95 -31.93
CA GLY D 239 -8.74 2.64 -32.57
C GLY D 239 -7.32 2.08 -32.60
N VAL D 240 -7.23 0.77 -32.86
CA VAL D 240 -5.94 0.10 -32.89
C VAL D 240 -5.04 0.68 -33.98
N ALA D 241 -5.61 0.95 -35.16
CA ALA D 241 -4.79 1.43 -36.26
C ALA D 241 -4.09 2.74 -35.90
N SER D 242 -4.84 3.70 -35.34
CA SER D 242 -4.21 4.96 -34.96
C SER D 242 -3.30 4.78 -33.75
N GLY D 243 -3.67 3.87 -32.85
CA GLY D 243 -2.85 3.60 -31.70
C GLY D 243 -1.45 3.12 -32.02
N LYS D 244 -1.31 2.27 -33.04
CA LYS D 244 0.02 1.82 -33.46
C LYS D 244 0.87 2.96 -34.00
N LYS D 245 0.28 3.85 -34.80
CA LYS D 245 1.04 5.01 -35.27
C LYS D 245 1.53 5.87 -34.11
N VAL D 246 0.67 6.10 -33.12
CA VAL D 246 1.03 6.93 -31.97
C VAL D 246 2.22 6.34 -31.22
N MET D 247 2.21 5.04 -31.00
CA MET D 247 3.31 4.45 -30.20
C MET D 247 4.61 4.53 -31.03
N ALA D 248 4.54 4.25 -32.32
CA ALA D 248 5.74 4.29 -33.16
C ALA D 248 6.35 5.68 -33.18
N ASN D 249 5.52 6.71 -33.41
CA ASN D 249 6.05 8.07 -33.50
C ASN D 249 6.58 8.52 -32.14
N SER D 250 5.90 8.15 -31.05
CA SER D 250 6.37 8.54 -29.72
C SER D 250 7.74 7.93 -29.42
N ALA D 251 7.97 6.71 -29.89
CA ALA D 251 9.25 6.03 -29.65
C ALA D 251 10.37 6.67 -30.46
N ALA D 252 10.09 6.97 -31.74
CA ALA D 252 11.08 7.52 -32.66
C ALA D 252 11.62 8.86 -32.20
N SER D 253 10.75 9.68 -31.61
CA SER D 253 11.02 11.09 -31.31
C SER D 253 11.67 11.21 -29.94
N SER D 254 10.95 10.82 -28.90
CA SER D 254 11.43 10.98 -27.54
C SER D 254 10.81 9.82 -26.78
N LEU D 255 11.66 9.06 -26.11
CA LEU D 255 11.23 7.88 -25.39
C LEU D 255 10.13 8.35 -24.45
N LYS D 256 8.87 8.20 -24.83
CA LYS D 256 7.75 8.61 -24.00
C LYS D 256 7.06 7.40 -23.39
N GLU D 257 6.69 7.53 -22.12
CA GLU D 257 5.68 6.67 -21.53
C GLU D 257 4.39 6.84 -22.34
N VAL D 258 3.71 5.72 -22.64
CA VAL D 258 2.49 5.77 -23.43
C VAL D 258 1.41 4.91 -22.81
N THR D 259 0.22 5.49 -22.64
CA THR D 259 -0.98 4.79 -22.21
C THR D 259 -2.01 4.83 -23.33
N MET D 260 -2.70 3.71 -23.54
CA MET D 260 -3.62 3.55 -24.66
C MET D 260 -4.83 2.72 -24.27
N GLU D 261 -6.01 3.22 -24.62
N GLU D 261 -6.01 3.20 -24.65
CA GLU D 261 -7.26 2.45 -24.55
CA GLU D 261 -7.26 2.44 -24.53
C GLU D 261 -7.79 2.38 -25.97
C GLU D 261 -7.85 2.37 -25.94
N LEU D 262 -7.89 1.17 -26.52
CA LEU D 262 -8.14 1.01 -27.96
C LEU D 262 -9.42 0.26 -28.32
N GLY D 263 -10.40 0.20 -27.44
CA GLY D 263 -11.61 -0.48 -27.87
C GLY D 263 -11.43 -2.01 -27.91
N GLY D 264 -12.46 -2.67 -28.40
CA GLY D 264 -12.44 -4.12 -28.32
C GLY D 264 -13.59 -4.78 -29.04
N LYS D 265 -13.71 -6.08 -28.79
CA LYS D 265 -14.78 -6.93 -29.26
C LYS D 265 -15.21 -7.78 -28.07
N SER D 266 -15.77 -7.12 -27.06
CA SER D 266 -15.87 -7.72 -25.74
C SER D 266 -16.97 -8.78 -25.75
N PRO D 267 -16.75 -9.91 -25.09
CA PRO D 267 -17.78 -10.96 -25.08
C PRO D 267 -18.72 -10.85 -23.89
N LEU D 268 -19.99 -11.13 -24.16
CA LEU D 268 -21.01 -11.26 -23.12
C LEU D 268 -21.46 -12.72 -23.09
N ILE D 269 -21.23 -13.39 -21.98
CA ILE D 269 -21.51 -14.82 -21.86
C ILE D 269 -22.78 -14.97 -21.05
N ILE D 270 -23.81 -15.55 -21.66
N ILE D 270 -23.81 -15.56 -21.67
CA ILE D 270 -25.06 -15.85 -20.96
CA ILE D 270 -25.06 -15.87 -20.98
C ILE D 270 -25.01 -17.33 -20.57
C ILE D 270 -24.98 -17.33 -20.56
N ALA D 271 -25.03 -17.57 -19.25
CA ALA D 271 -24.95 -18.93 -18.75
C ALA D 271 -26.28 -19.63 -18.92
N GLU D 272 -26.23 -20.95 -18.84
CA GLU D 272 -27.41 -21.84 -18.97
C GLU D 272 -28.43 -21.63 -17.88
N ASP D 273 -28.05 -21.07 -16.73
CA ASP D 273 -29.01 -20.84 -15.65
C ASP D 273 -29.39 -19.37 -15.52
N ALA D 274 -29.10 -18.56 -16.53
CA ALA D 274 -29.42 -17.14 -16.49
C ALA D 274 -30.90 -16.89 -16.75
N ASN D 275 -31.45 -15.90 -16.05
CA ASN D 275 -32.75 -15.34 -16.42
C ASN D 275 -32.61 -14.58 -17.74
N LEU D 276 -33.45 -14.93 -18.70
CA LEU D 276 -33.28 -14.40 -20.04
C LEU D 276 -33.79 -12.98 -20.17
N ASP D 277 -34.70 -12.56 -19.30
CA ASP D 277 -35.06 -11.14 -19.24
C ASP D 277 -33.90 -10.31 -18.75
N LEU D 278 -33.19 -10.79 -17.72
CA LEU D 278 -31.99 -10.12 -17.25
C LEU D 278 -30.92 -10.11 -18.32
N ALA D 279 -30.71 -11.26 -18.97
CA ALA D 279 -29.71 -11.34 -20.01
C ALA D 279 -30.02 -10.38 -21.14
N ALA D 280 -31.29 -10.30 -21.55
CA ALA D 280 -31.67 -9.41 -22.63
C ALA D 280 -31.46 -7.95 -22.24
N ASP D 281 -31.78 -7.60 -21.00
CA ASP D 281 -31.58 -6.23 -20.54
C ASP D 281 -30.10 -5.86 -20.57
N ILE D 282 -29.24 -6.78 -20.08
CA ILE D 282 -27.81 -6.56 -20.10
C ILE D 282 -27.29 -6.47 -21.53
N ALA D 283 -27.73 -7.36 -22.41
CA ALA D 283 -27.29 -7.32 -23.80
C ALA D 283 -27.67 -6.00 -24.47
N MET D 284 -28.88 -5.50 -24.22
CA MET D 284 -29.29 -4.22 -24.77
C MET D 284 -28.38 -3.09 -24.32
N MET D 285 -28.14 -2.98 -23.01
CA MET D 285 -27.28 -1.92 -22.52
C MET D 285 -25.84 -2.10 -22.97
N ALA D 286 -25.42 -3.33 -23.27
CA ALA D 286 -24.07 -3.58 -23.75
C ALA D 286 -23.92 -3.31 -25.25
N ASN D 287 -24.98 -2.96 -25.97
CA ASN D 287 -24.86 -2.82 -27.41
C ASN D 287 -25.43 -1.52 -27.98
N PHE D 288 -26.43 -0.93 -27.36
CA PHE D 288 -27.14 0.17 -27.99
C PHE D 288 -27.09 1.48 -27.22
N TYR D 289 -26.35 1.53 -26.11
CA TYR D 289 -26.12 2.81 -25.46
C TYR D 289 -25.16 3.64 -26.30
N SER D 290 -25.40 4.95 -26.34
CA SER D 290 -24.61 5.85 -27.18
C SER D 290 -24.59 5.33 -28.62
N SER D 291 -25.71 4.74 -29.05
CA SER D 291 -25.88 4.18 -30.39
C SER D 291 -24.78 3.19 -30.75
N GLY D 292 -24.33 2.41 -29.75
CA GLY D 292 -23.33 1.40 -30.00
C GLY D 292 -21.91 1.92 -30.09
N GLN D 293 -21.69 3.19 -29.78
CA GLN D 293 -20.39 3.82 -29.92
C GLN D 293 -19.66 3.87 -28.57
N VAL D 294 -19.48 2.69 -27.98
CA VAL D 294 -18.86 2.56 -26.67
C VAL D 294 -17.76 1.50 -26.78
N CYS D 295 -16.56 1.84 -26.29
CA CYS D 295 -15.41 0.97 -26.46
C CYS D 295 -15.63 -0.38 -25.79
N THR D 296 -16.33 -0.40 -24.66
CA THR D 296 -16.49 -1.61 -23.87
C THR D 296 -17.71 -2.45 -24.27
N ASN D 297 -18.39 -2.08 -25.36
CA ASN D 297 -19.63 -2.77 -25.69
C ASN D 297 -19.42 -4.26 -25.90
N GLY D 298 -20.40 -5.05 -25.44
CA GLY D 298 -20.38 -6.49 -25.53
C GLY D 298 -20.99 -6.95 -26.85
N THR D 299 -20.24 -6.79 -27.94
CA THR D 299 -20.79 -6.96 -29.28
C THR D 299 -20.78 -8.41 -29.73
N ARG D 300 -20.14 -9.31 -28.99
CA ARG D 300 -20.28 -10.74 -29.17
C ARG D 300 -21.08 -11.28 -27.98
N VAL D 301 -22.33 -11.64 -28.23
CA VAL D 301 -23.23 -12.14 -27.19
C VAL D 301 -23.34 -13.65 -27.34
N PHE D 302 -22.76 -14.40 -26.40
CA PHE D 302 -22.77 -15.86 -26.46
C PHE D 302 -23.96 -16.40 -25.67
N VAL D 303 -24.84 -17.12 -26.35
CA VAL D 303 -26.07 -17.63 -25.73
C VAL D 303 -26.15 -19.14 -25.88
N PRO D 304 -26.56 -19.89 -24.86
CA PRO D 304 -26.71 -21.34 -25.02
C PRO D 304 -27.69 -21.68 -26.15
N ALA D 305 -27.37 -22.71 -26.92
CA ALA D 305 -28.22 -23.09 -28.03
C ALA D 305 -29.66 -23.34 -27.58
N LYS D 306 -29.84 -23.96 -26.41
CA LYS D 306 -31.19 -24.29 -25.96
C LYS D 306 -32.03 -23.05 -25.65
N PHE D 307 -31.40 -21.90 -25.39
CA PHE D 307 -32.16 -20.70 -25.07
C PHE D 307 -32.22 -19.71 -26.25
N LYS D 308 -31.54 -20.00 -27.36
CA LYS D 308 -31.25 -18.98 -28.36
C LYS D 308 -32.53 -18.40 -28.93
N ALA D 309 -33.49 -19.25 -29.30
CA ALA D 309 -34.68 -18.74 -29.96
C ALA D 309 -35.44 -17.81 -29.02
N GLU D 310 -35.58 -18.20 -27.74
CA GLU D 310 -36.27 -17.33 -26.79
C GLU D 310 -35.49 -16.04 -26.54
N PHE D 311 -34.16 -16.12 -26.43
CA PHE D 311 -33.38 -14.91 -26.25
C PHE D 311 -33.55 -13.97 -27.44
N GLU D 312 -33.53 -14.52 -28.66
CA GLU D 312 -33.69 -13.69 -29.85
C GLU D 312 -35.03 -12.95 -29.82
N HIS D 313 -36.08 -13.61 -29.32
CA HIS D 313 -37.38 -12.95 -29.23
C HIS D 313 -37.36 -11.80 -28.24
N LYS D 314 -36.74 -12.02 -27.08
CA LYS D 314 -36.67 -10.99 -26.05
C LYS D 314 -35.91 -9.76 -26.53
N ILE D 315 -34.86 -9.97 -27.32
CA ILE D 315 -34.11 -8.84 -27.87
C ILE D 315 -34.98 -8.04 -28.86
N LEU D 316 -35.70 -8.73 -29.74
CA LEU D 316 -36.59 -8.07 -30.67
C LEU D 316 -37.61 -7.22 -29.93
N GLU D 317 -38.14 -7.76 -28.84
CA GLU D 317 -39.10 -6.99 -28.03
C GLU D 317 -38.48 -5.69 -27.52
N ARG D 318 -37.25 -5.73 -27.04
CA ARG D 318 -36.59 -4.54 -26.47
C ARG D 318 -36.19 -3.54 -27.57
N VAL D 319 -35.67 -4.04 -28.69
CA VAL D 319 -35.28 -3.15 -29.78
C VAL D 319 -36.48 -2.37 -30.31
N GLY D 320 -37.66 -2.98 -30.32
CA GLY D 320 -38.82 -2.27 -30.81
C GLY D 320 -39.19 -1.07 -29.96
N ARG D 321 -38.80 -1.07 -28.69
CA ARG D 321 -39.06 0.04 -27.80
C ARG D 321 -38.02 1.15 -27.88
N ILE D 322 -36.95 0.96 -28.65
CA ILE D 322 -35.93 2.02 -28.74
C ILE D 322 -36.57 3.25 -29.36
N ARG D 323 -36.28 4.41 -28.78
CA ARG D 323 -36.90 5.68 -29.16
C ARG D 323 -35.92 6.65 -29.82
N ALA D 324 -35.88 6.63 -31.15
CA ALA D 324 -35.14 7.61 -31.92
C ALA D 324 -35.99 8.85 -32.16
N GLY D 325 -35.36 10.01 -32.08
CA GLY D 325 -36.10 11.25 -32.33
C GLY D 325 -35.31 12.47 -31.91
N ASP D 326 -36.04 13.55 -31.61
CA ASP D 326 -35.42 14.78 -31.14
C ASP D 326 -34.46 14.49 -30.00
N LEU D 327 -33.19 14.86 -30.20
CA LEU D 327 -32.15 14.51 -29.25
C LEU D 327 -32.31 15.25 -27.93
N PHE D 328 -33.08 16.33 -27.91
CA PHE D 328 -33.34 17.09 -26.70
C PHE D 328 -34.65 16.69 -26.04
N ALA D 329 -35.36 15.72 -26.60
CA ALA D 329 -36.62 15.23 -26.03
C ALA D 329 -36.34 14.22 -24.92
N ASP D 330 -37.12 14.30 -23.84
CA ASP D 330 -36.84 13.49 -22.66
C ASP D 330 -36.89 11.99 -22.94
N ASP D 331 -37.79 11.55 -23.82
CA ASP D 331 -37.96 10.12 -24.06
C ASP D 331 -37.06 9.57 -25.15
N THR D 332 -36.29 10.40 -25.84
CA THR D 332 -35.37 9.89 -26.84
C THR D 332 -34.21 9.21 -26.14
N ASN D 333 -33.89 7.98 -26.56
CA ASN D 333 -32.78 7.21 -26.00
C ASN D 333 -31.88 6.60 -27.08
N PHE D 334 -31.90 7.14 -28.29
CA PHE D 334 -31.10 6.63 -29.39
C PHE D 334 -30.80 7.79 -30.33
N GLY D 335 -29.54 7.94 -30.71
CA GLY D 335 -29.14 9.05 -31.54
C GLY D 335 -28.52 8.61 -32.85
N PRO D 336 -28.22 9.57 -33.72
CA PRO D 336 -27.44 9.27 -34.92
C PRO D 336 -26.00 8.94 -34.57
N LEU D 337 -25.27 8.42 -35.55
CA LEU D 337 -23.84 8.28 -35.34
C LEU D 337 -23.15 9.64 -35.38
N VAL D 338 -21.90 9.66 -34.92
CA VAL D 338 -21.20 10.92 -34.73
C VAL D 338 -20.92 11.63 -36.03
N SER D 339 -20.90 10.91 -37.15
CA SER D 339 -20.53 11.52 -38.42
C SER D 339 -21.00 10.63 -39.54
N PHE D 340 -21.07 11.21 -40.73
CA PHE D 340 -21.52 10.51 -41.94
C PHE D 340 -20.43 9.57 -42.44
N PRO D 341 -19.16 9.96 -42.40
CA PRO D 341 -18.10 9.00 -42.71
C PRO D 341 -18.12 7.77 -41.81
N HIS D 342 -18.40 7.96 -40.52
CA HIS D 342 -18.49 6.81 -39.63
C HIS D 342 -19.66 5.91 -39.99
N ARG D 343 -20.80 6.51 -40.36
CA ARG D 343 -21.94 5.70 -40.76
C ARG D 343 -21.60 4.82 -41.96
N GLN D 344 -20.89 5.36 -42.96
CA GLN D 344 -20.52 4.53 -44.10
C GLN D 344 -19.65 3.34 -43.66
N ASN D 345 -18.74 3.59 -42.72
CA ASN D 345 -17.90 2.49 -42.20
C ASN D 345 -18.80 1.45 -41.52
N VAL D 346 -19.76 1.88 -40.70
CA VAL D 346 -20.66 0.95 -40.02
C VAL D 346 -21.51 0.17 -41.03
N LEU D 347 -21.98 0.85 -42.07
CA LEU D 347 -22.80 0.19 -43.08
C LEU D 347 -22.02 -0.85 -43.89
N ARG D 348 -20.74 -0.59 -44.16
CA ARG D 348 -19.95 -1.60 -44.86
C ARG D 348 -19.85 -2.89 -44.05
N TYR D 349 -19.67 -2.75 -42.73
CA TYR D 349 -19.62 -3.94 -41.87
C TYR D 349 -20.95 -4.69 -41.87
N ILE D 350 -22.06 -3.96 -41.80
CA ILE D 350 -23.37 -4.62 -41.83
C ILE D 350 -23.51 -5.42 -43.12
N GLU D 351 -23.08 -4.85 -44.24
CA GLU D 351 -23.15 -5.55 -45.52
C GLU D 351 -22.27 -6.80 -45.51
N SER D 352 -21.12 -6.74 -44.86
CA SER D 352 -20.27 -7.94 -44.79
C SER D 352 -20.97 -9.04 -44.00
N GLY D 353 -21.71 -8.64 -42.96
CA GLY D 353 -22.50 -9.59 -42.21
C GLY D 353 -23.51 -10.30 -43.10
N LYS D 354 -24.22 -9.53 -43.92
CA LYS D 354 -25.19 -10.11 -44.84
C LYS D 354 -24.52 -11.06 -45.82
N SER D 355 -23.41 -10.63 -46.44
CA SER D 355 -22.79 -11.42 -47.48
C SER D 355 -22.13 -12.69 -46.94
N GLU D 356 -21.81 -12.72 -45.65
CA GLU D 356 -21.18 -13.88 -45.03
C GLU D 356 -22.17 -14.86 -44.42
N GLY D 357 -23.47 -14.66 -44.56
CA GLY D 357 -24.44 -15.64 -44.15
C GLY D 357 -25.01 -15.50 -42.77
N ALA D 358 -24.71 -14.43 -42.06
CA ALA D 358 -25.41 -14.15 -40.81
C ALA D 358 -26.88 -13.84 -41.09
N ARG D 359 -27.75 -14.25 -40.17
CA ARG D 359 -29.18 -14.00 -40.30
C ARG D 359 -29.47 -12.64 -39.67
N LEU D 360 -30.00 -11.72 -40.47
CA LEU D 360 -30.35 -10.39 -39.98
C LEU D 360 -31.68 -10.44 -39.27
N LEU D 361 -31.68 -10.15 -37.97
CA LEU D 361 -32.91 -10.18 -37.19
C LEU D 361 -33.66 -8.86 -37.21
N CYS D 362 -32.95 -7.73 -37.19
CA CYS D 362 -33.63 -6.44 -37.32
C CYS D 362 -32.62 -5.38 -37.71
N GLY D 363 -33.14 -4.27 -38.23
CA GLY D 363 -32.33 -3.15 -38.66
C GLY D 363 -31.63 -3.41 -39.97
N GLY D 364 -30.37 -3.01 -40.04
CA GLY D 364 -29.52 -3.26 -41.17
C GLY D 364 -29.50 -2.16 -42.21
N ASP D 365 -30.15 -1.03 -41.96
CA ASP D 365 -30.18 0.06 -42.92
C ASP D 365 -30.27 1.38 -42.15
N VAL D 366 -30.11 2.48 -42.89
CA VAL D 366 -30.34 3.80 -42.32
C VAL D 366 -31.83 4.04 -42.06
N LEU D 367 -32.09 4.95 -41.12
CA LEU D 367 -33.43 5.45 -40.84
C LEU D 367 -33.81 6.56 -41.82
N LYS D 368 -35.10 6.59 -42.21
CA LYS D 368 -35.60 7.53 -43.21
C LYS D 368 -36.84 8.24 -42.71
N GLY D 369 -37.11 9.40 -43.31
CA GLY D 369 -38.26 10.23 -42.99
C GLY D 369 -37.85 11.58 -42.43
N GLU D 370 -38.87 12.42 -42.26
CA GLU D 370 -38.62 13.75 -41.70
C GLU D 370 -37.95 13.62 -40.35
N GLY D 371 -36.89 14.39 -40.13
CA GLY D 371 -36.14 14.33 -38.91
C GLY D 371 -35.02 13.31 -38.91
N PHE D 372 -34.94 12.49 -39.96
CA PHE D 372 -33.88 11.51 -40.10
C PHE D 372 -33.10 11.64 -41.39
N ASP D 373 -33.70 12.14 -42.47
CA ASP D 373 -33.00 12.16 -43.75
C ASP D 373 -31.73 12.99 -43.68
N ASN D 374 -31.68 13.97 -42.78
CA ASN D 374 -30.53 14.87 -42.71
C ASN D 374 -29.52 14.45 -41.65
N GLY D 375 -29.74 13.33 -40.95
CA GLY D 375 -28.81 12.91 -39.93
C GLY D 375 -28.13 11.59 -40.23
N ALA D 376 -27.04 11.30 -39.54
CA ALA D 376 -26.22 10.12 -39.79
C ALA D 376 -26.74 8.91 -38.99
N TRP D 377 -28.02 8.58 -39.21
CA TRP D 377 -28.70 7.57 -38.43
C TRP D 377 -28.51 6.17 -39.01
N VAL D 378 -28.24 5.20 -38.14
CA VAL D 378 -28.31 3.78 -38.48
C VAL D 378 -29.26 3.10 -37.50
N ALA D 379 -30.18 2.29 -38.03
CA ALA D 379 -31.15 1.59 -37.21
C ALA D 379 -30.44 0.59 -36.29
N PRO D 380 -30.97 0.37 -35.08
CA PRO D 380 -30.44 -0.72 -34.25
C PRO D 380 -30.50 -2.05 -34.98
N THR D 381 -29.34 -2.71 -35.07
CA THR D 381 -29.14 -3.86 -35.96
C THR D 381 -28.64 -5.05 -35.14
N VAL D 382 -29.24 -6.22 -35.39
CA VAL D 382 -28.86 -7.45 -34.73
C VAL D 382 -28.64 -8.55 -35.76
N PHE D 383 -27.47 -9.19 -35.69
CA PHE D 383 -27.20 -10.41 -36.45
C PHE D 383 -27.21 -11.60 -35.49
N THR D 384 -27.66 -12.74 -35.99
CA THR D 384 -27.60 -14.00 -35.27
C THR D 384 -27.13 -15.09 -36.21
N ASP D 385 -27.00 -16.31 -35.69
CA ASP D 385 -26.38 -17.41 -36.40
C ASP D 385 -24.96 -17.05 -36.81
N CYS D 386 -24.26 -16.30 -35.98
CA CYS D 386 -22.91 -15.87 -36.32
C CYS D 386 -21.91 -16.97 -36.00
N THR D 387 -20.79 -16.94 -36.72
CA THR D 387 -19.68 -17.87 -36.49
C THR D 387 -18.39 -17.07 -36.37
N ASP D 388 -17.40 -17.68 -35.74
CA ASP D 388 -16.23 -16.94 -35.28
C ASP D 388 -15.35 -16.43 -36.41
N ASP D 389 -15.55 -16.87 -37.64
CA ASP D 389 -14.74 -16.41 -38.77
C ASP D 389 -15.35 -15.22 -39.49
N MET D 390 -16.53 -14.76 -39.08
CA MET D 390 -17.20 -13.65 -39.76
C MET D 390 -16.50 -12.33 -39.44
N THR D 391 -16.52 -11.42 -40.42
CA THR D 391 -15.90 -10.11 -40.23
C THR D 391 -16.56 -9.34 -39.08
N ILE D 392 -17.89 -9.37 -39.00
CA ILE D 392 -18.59 -8.63 -37.95
C ILE D 392 -18.32 -9.17 -36.55
N VAL D 393 -17.88 -10.43 -36.43
CA VAL D 393 -17.55 -10.99 -35.12
C VAL D 393 -16.12 -10.69 -34.70
N ARG D 394 -15.21 -10.58 -35.65
CA ARG D 394 -13.79 -10.41 -35.36
C ARG D 394 -13.38 -8.95 -35.16
N GLU D 395 -14.03 -8.02 -35.85
CA GLU D 395 -13.56 -6.64 -35.91
C GLU D 395 -14.53 -5.71 -35.20
N GLU D 396 -13.98 -4.71 -34.54
CA GLU D 396 -14.80 -3.69 -33.88
C GLU D 396 -15.51 -2.80 -34.89
N ILE D 397 -16.81 -2.67 -34.73
CA ILE D 397 -17.64 -1.89 -35.63
C ILE D 397 -17.88 -0.49 -35.08
N PHE D 398 -18.05 -0.38 -33.76
CA PHE D 398 -18.29 0.88 -33.09
C PHE D 398 -19.57 1.53 -33.62
N GLY D 399 -20.57 0.70 -33.88
CA GLY D 399 -21.91 1.16 -34.15
C GLY D 399 -22.89 0.18 -33.52
N PRO D 400 -24.19 0.42 -33.73
CA PRO D 400 -25.21 -0.39 -33.03
C PRO D 400 -25.49 -1.70 -33.76
N VAL D 401 -24.55 -2.64 -33.62
CA VAL D 401 -24.58 -3.91 -34.34
C VAL D 401 -24.23 -5.00 -33.33
N MET D 402 -25.24 -5.75 -32.89
CA MET D 402 -25.04 -6.86 -31.97
C MET D 402 -24.89 -8.16 -32.77
N SER D 403 -23.90 -8.97 -32.40
CA SER D 403 -23.70 -10.29 -32.96
C SER D 403 -24.00 -11.35 -31.91
N ILE D 404 -24.99 -12.20 -32.18
CA ILE D 404 -25.40 -13.26 -31.27
C ILE D 404 -24.79 -14.57 -31.76
N LEU D 405 -24.08 -15.26 -30.86
CA LEU D 405 -23.39 -16.50 -31.18
C LEU D 405 -23.88 -17.59 -30.24
N SER D 406 -24.17 -18.76 -30.79
CA SER D 406 -24.64 -19.90 -30.01
C SER D 406 -23.46 -20.71 -29.52
N TYR D 407 -23.63 -21.34 -28.36
CA TYR D 407 -22.59 -22.22 -27.82
C TYR D 407 -23.23 -23.35 -27.04
N ASP D 408 -22.44 -24.42 -26.86
CA ASP D 408 -22.87 -25.67 -26.23
C ASP D 408 -22.29 -25.93 -24.86
N ASP D 409 -21.02 -25.58 -24.62
CA ASP D 409 -20.33 -25.99 -23.41
C ASP D 409 -19.49 -24.85 -22.86
N GLU D 410 -19.24 -24.92 -21.55
CA GLU D 410 -18.59 -23.81 -20.84
C GLU D 410 -17.15 -23.64 -21.27
N ALA D 411 -16.40 -24.74 -21.39
CA ALA D 411 -15.02 -24.62 -21.85
C ALA D 411 -14.97 -24.04 -23.25
N GLU D 412 -15.92 -24.43 -24.10
CA GLU D 412 -15.99 -23.91 -25.46
C GLU D 412 -16.17 -22.39 -25.46
N VAL D 413 -17.11 -21.87 -24.65
CA VAL D 413 -17.42 -20.45 -24.74
C VAL D 413 -16.26 -19.64 -24.21
N ILE D 414 -15.54 -20.17 -23.22
CA ILE D 414 -14.34 -19.51 -22.71
C ILE D 414 -13.26 -19.42 -23.79
N ARG D 415 -12.96 -20.54 -24.46
CA ARG D 415 -11.96 -20.49 -25.53
C ARG D 415 -12.35 -19.47 -26.58
N ARG D 416 -13.62 -19.50 -27.01
CA ARG D 416 -14.07 -18.62 -28.08
C ARG D 416 -14.09 -17.17 -27.65
N ALA D 417 -14.49 -16.92 -26.39
CA ALA D 417 -14.46 -15.57 -25.87
C ALA D 417 -13.04 -15.00 -25.90
N ASN D 418 -12.06 -15.84 -25.57
CA ASN D 418 -10.66 -15.45 -25.50
C ASN D 418 -9.94 -15.49 -26.84
N ALA D 419 -10.53 -16.08 -27.87
CA ALA D 419 -9.83 -16.24 -29.15
C ALA D 419 -9.98 -14.96 -29.97
N THR D 420 -9.28 -13.93 -29.50
CA THR D 420 -9.32 -12.63 -30.14
C THR D 420 -8.06 -11.87 -29.74
N GLU D 421 -7.61 -10.98 -30.64
CA GLU D 421 -6.52 -10.09 -30.27
C GLU D 421 -6.96 -8.97 -29.32
N TYR D 422 -8.26 -8.73 -29.18
CA TYR D 422 -8.72 -7.70 -28.27
C TYR D 422 -8.85 -8.27 -26.86
N GLY D 423 -8.88 -7.37 -25.87
CA GLY D 423 -8.95 -7.78 -24.48
C GLY D 423 -9.56 -6.75 -23.52
N LEU D 424 -10.50 -5.94 -23.98
CA LEU D 424 -10.89 -4.79 -23.17
C LEU D 424 -11.86 -5.19 -22.05
N ALA D 425 -13.04 -5.71 -22.39
CA ALA D 425 -14.05 -6.01 -21.39
C ALA D 425 -14.63 -7.39 -21.64
N ALA D 426 -15.44 -7.84 -20.68
CA ALA D 426 -16.16 -9.10 -20.74
C ALA D 426 -17.20 -9.12 -19.63
N GLY D 427 -18.16 -10.02 -19.75
CA GLY D 427 -19.14 -10.19 -18.70
C GLY D 427 -19.76 -11.57 -18.75
N VAL D 428 -20.36 -11.95 -17.63
CA VAL D 428 -21.09 -13.20 -17.51
C VAL D 428 -22.39 -12.92 -16.78
N VAL D 429 -23.46 -13.62 -17.17
CA VAL D 429 -24.76 -13.52 -16.52
C VAL D 429 -25.08 -14.89 -15.93
N THR D 430 -25.11 -14.97 -14.60
CA THR D 430 -25.41 -16.23 -13.92
C THR D 430 -25.68 -15.96 -12.45
N PRO D 431 -26.67 -16.64 -11.86
CA PRO D 431 -26.91 -16.53 -10.42
C PRO D 431 -26.05 -17.45 -9.58
N ASP D 432 -25.24 -18.29 -10.20
CA ASP D 432 -24.48 -19.32 -9.49
C ASP D 432 -23.15 -18.74 -9.02
N LEU D 433 -22.85 -18.94 -7.73
CA LEU D 433 -21.63 -18.40 -7.16
C LEU D 433 -20.38 -18.90 -7.88
N ASN D 434 -20.24 -20.22 -8.00
CA ASN D 434 -19.00 -20.76 -8.55
C ASN D 434 -18.87 -20.42 -10.04
N ARG D 435 -19.96 -20.53 -10.79
CA ARG D 435 -19.90 -20.28 -12.21
C ARG D 435 -19.46 -18.84 -12.49
N ALA D 436 -19.99 -17.88 -11.74
CA ALA D 436 -19.70 -16.47 -12.01
C ALA D 436 -18.22 -16.20 -11.86
N HIS D 437 -17.64 -16.56 -10.69
CA HIS D 437 -16.22 -16.29 -10.45
C HIS D 437 -15.33 -17.18 -11.29
N ARG D 438 -15.73 -18.45 -11.45
CA ARG D 438 -14.90 -19.40 -12.19
C ARG D 438 -14.71 -18.96 -13.64
N ILE D 439 -15.80 -18.53 -14.29
CA ILE D 439 -15.70 -18.11 -15.68
C ILE D 439 -14.91 -16.81 -15.78
N ILE D 440 -15.24 -15.84 -14.93
CA ILE D 440 -14.60 -14.53 -15.00
C ILE D 440 -13.10 -14.65 -14.82
N HIS D 441 -12.64 -15.52 -13.92
CA HIS D 441 -11.20 -15.61 -13.68
C HIS D 441 -10.45 -16.09 -14.92
N GLN D 442 -11.12 -16.79 -15.83
CA GLN D 442 -10.49 -17.31 -17.03
C GLN D 442 -10.60 -16.41 -18.25
N LEU D 443 -11.36 -15.32 -18.19
CA LEU D 443 -11.52 -14.47 -19.36
C LEU D 443 -10.36 -13.49 -19.43
N GLU D 444 -9.83 -13.29 -20.63
CA GLU D 444 -8.65 -12.44 -20.82
C GLU D 444 -9.09 -11.01 -21.18
N ALA D 445 -9.57 -10.31 -20.16
CA ALA D 445 -10.04 -8.93 -20.28
C ALA D 445 -9.79 -8.20 -18.98
N GLY D 446 -9.60 -6.88 -19.07
CA GLY D 446 -9.26 -6.07 -17.92
C GLY D 446 -10.46 -5.58 -17.13
N ILE D 447 -11.64 -5.62 -17.74
CA ILE D 447 -12.87 -5.07 -17.19
C ILE D 447 -13.93 -6.15 -17.31
N CYS D 448 -14.37 -6.70 -16.17
CA CYS D 448 -15.29 -7.83 -16.16
C CYS D 448 -16.50 -7.50 -15.31
N TRP D 449 -17.69 -7.76 -15.85
CA TRP D 449 -18.94 -7.44 -15.19
C TRP D 449 -19.72 -8.72 -14.92
N ILE D 450 -20.21 -8.87 -13.70
CA ILE D 450 -21.05 -9.99 -13.31
C ILE D 450 -22.47 -9.47 -13.08
N ASN D 451 -23.41 -9.94 -13.91
CA ASN D 451 -24.82 -9.57 -13.81
C ASN D 451 -25.03 -8.07 -13.98
N SER D 452 -24.28 -7.46 -14.88
CA SER D 452 -24.40 -6.03 -15.15
CA SER D 452 -24.42 -6.03 -15.17
C SER D 452 -23.57 -5.71 -16.39
N TRP D 453 -23.54 -4.42 -16.75
CA TRP D 453 -22.68 -3.95 -17.82
C TRP D 453 -22.53 -2.44 -17.71
N GLY D 454 -21.32 -1.95 -17.98
CA GLY D 454 -21.07 -0.56 -18.32
C GLY D 454 -20.65 0.32 -17.17
N GLU D 455 -20.90 -0.09 -15.93
CA GLU D 455 -20.55 0.75 -14.80
C GLU D 455 -19.03 0.78 -14.62
N SER D 456 -18.50 1.99 -14.48
CA SER D 456 -17.07 2.22 -14.41
C SER D 456 -16.75 3.16 -13.25
N PRO D 457 -16.78 2.67 -12.01
CA PRO D 457 -16.52 3.56 -10.87
C PRO D 457 -15.14 4.17 -10.97
N ALA D 458 -15.03 5.41 -10.47
CA ALA D 458 -13.74 6.10 -10.45
C ALA D 458 -12.68 5.27 -9.74
N GLU D 459 -13.09 4.48 -8.75
CA GLU D 459 -12.17 3.67 -7.97
C GLU D 459 -11.62 2.47 -8.74
N MET D 460 -12.26 2.09 -9.84
CA MET D 460 -11.97 0.82 -10.48
C MET D 460 -11.01 1.02 -11.64
N PRO D 461 -9.79 0.48 -11.58
CA PRO D 461 -8.90 0.58 -12.75
C PRO D 461 -9.51 -0.11 -13.95
N VAL D 462 -9.42 0.54 -15.12
CA VAL D 462 -9.99 0.02 -16.34
C VAL D 462 -9.00 0.18 -17.50
N GLY D 463 -8.89 -0.87 -18.30
CA GLY D 463 -8.01 -0.88 -19.45
C GLY D 463 -8.00 -2.27 -20.05
N GLY D 464 -7.27 -2.41 -21.15
CA GLY D 464 -7.36 -3.60 -21.96
C GLY D 464 -6.19 -4.56 -21.80
N TYR D 465 -6.49 -5.84 -21.95
CA TYR D 465 -5.49 -6.85 -22.26
C TYR D 465 -5.15 -6.85 -23.75
N LYS D 466 -4.03 -7.50 -24.08
CA LYS D 466 -3.63 -7.85 -25.45
C LYS D 466 -3.67 -6.59 -26.31
N HIS D 467 -4.31 -6.60 -27.48
CA HIS D 467 -4.24 -5.44 -28.36
C HIS D 467 -5.23 -4.34 -27.98
N SER D 468 -5.95 -4.49 -26.87
CA SER D 468 -6.94 -3.48 -26.51
C SER D 468 -6.38 -2.33 -25.68
N GLY D 469 -5.13 -2.39 -25.25
CA GLY D 469 -4.54 -1.21 -24.67
C GLY D 469 -3.26 -1.51 -23.93
N ILE D 470 -2.72 -0.43 -23.37
CA ILE D 470 -1.51 -0.46 -22.55
CA ILE D 470 -1.52 -0.46 -22.54
C ILE D 470 -1.75 0.46 -21.36
N GLY D 471 -1.59 -0.06 -20.16
CA GLY D 471 -1.84 0.72 -18.97
C GLY D 471 -3.30 0.77 -18.61
N ARG D 472 -3.61 1.66 -17.67
CA ARG D 472 -4.93 1.73 -17.10
C ARG D 472 -5.33 3.18 -16.89
N GLU D 473 -6.63 3.38 -16.72
CA GLU D 473 -7.22 4.63 -16.28
C GLU D 473 -8.07 4.38 -15.03
N ASN D 474 -8.24 5.43 -14.23
CA ASN D 474 -8.99 5.42 -12.98
C ASN D 474 -8.32 4.57 -11.91
N GLY D 475 -8.82 4.65 -10.68
CA GLY D 475 -8.20 3.97 -9.56
C GLY D 475 -6.96 4.69 -9.06
N VAL D 476 -6.51 4.28 -7.87
CA VAL D 476 -5.31 4.88 -7.29
CA VAL D 476 -5.32 4.90 -7.29
C VAL D 476 -4.10 4.64 -8.17
N MET D 477 -4.06 3.51 -8.87
CA MET D 477 -2.86 3.18 -9.65
C MET D 477 -2.65 4.15 -10.80
N THR D 478 -3.72 4.72 -11.36
CA THR D 478 -3.52 5.64 -12.47
C THR D 478 -2.98 6.98 -12.00
N LEU D 479 -3.33 7.40 -10.79
CA LEU D 479 -2.68 8.56 -10.19
C LEU D 479 -1.18 8.33 -10.08
N GLN D 480 -0.78 7.15 -9.57
CA GLN D 480 0.65 6.86 -9.47
C GLN D 480 1.32 6.77 -10.84
N SER D 481 0.60 6.30 -11.85
CA SER D 481 1.18 6.15 -13.19
C SER D 481 1.47 7.50 -13.85
N TYR D 482 0.94 8.59 -13.31
CA TYR D 482 1.29 9.93 -13.78
C TYR D 482 2.37 10.58 -12.93
N THR D 483 3.03 9.80 -12.07
CA THR D 483 4.25 10.23 -11.41
C THR D 483 5.38 9.32 -11.85
N GLN D 484 6.61 9.76 -11.61
CA GLN D 484 7.79 8.93 -11.81
C GLN D 484 8.55 8.84 -10.50
N VAL D 485 9.10 7.67 -10.23
CA VAL D 485 9.78 7.42 -8.98
C VAL D 485 11.23 7.89 -9.07
N LYS D 486 11.66 8.66 -8.07
CA LYS D 486 13.06 8.96 -7.84
C LYS D 486 13.48 8.26 -6.55
N SER D 487 14.47 7.38 -6.65
CA SER D 487 15.04 6.71 -5.48
C SER D 487 16.30 7.46 -5.03
N ILE D 488 16.38 7.74 -3.74
CA ILE D 488 17.45 8.55 -3.15
C ILE D 488 18.07 7.77 -2.00
N GLN D 489 19.36 7.47 -2.12
CA GLN D 489 20.11 6.79 -1.06
C GLN D 489 20.93 7.81 -0.28
N VAL D 490 20.78 7.80 1.03
CA VAL D 490 21.58 8.60 1.94
C VAL D 490 22.61 7.67 2.55
N GLU D 491 23.88 7.90 2.23
CA GLU D 491 24.97 7.11 2.77
C GLU D 491 25.63 7.94 3.86
N MET D 492 25.41 7.53 5.10
CA MET D 492 25.99 8.19 6.26
C MET D 492 27.29 7.54 6.70
N GLY D 493 27.62 6.37 6.17
CA GLY D 493 28.86 5.71 6.50
C GLY D 493 29.97 6.17 5.58
N PRO D 494 31.21 5.73 5.85
CA PRO D 494 32.35 6.14 5.01
C PRO D 494 32.37 5.37 3.71
N PHE D 495 32.48 6.09 2.60
CA PHE D 495 32.49 5.46 1.28
C PHE D 495 33.85 4.82 1.05
N GLN D 496 33.85 3.59 0.57
CA GLN D 496 35.07 2.84 0.30
C GLN D 496 35.27 2.77 -1.20
N SER D 497 36.40 3.26 -1.67
CA SER D 497 36.82 3.08 -3.05
C SER D 497 37.84 1.96 -3.16
N ILE D 498 37.73 1.15 -4.22
CA ILE D 498 38.71 0.10 -4.48
C ILE D 498 39.88 0.59 -5.33
N PHE D 499 39.89 1.86 -5.73
CA PHE D 499 41.01 2.43 -6.47
C PHE D 499 41.96 3.24 -5.59
PA NDP E . -6.94 14.27 32.76
O1A NDP E . -6.11 13.33 31.95
O2A NDP E . -7.57 13.76 34.01
O5B NDP E . -8.07 14.92 31.84
C5B NDP E . -8.14 14.60 30.42
C4B NDP E . -9.54 14.15 30.07
O4B NDP E . -9.80 12.87 30.69
C3B NDP E . -10.68 15.06 30.54
O3B NDP E . -11.75 15.10 29.60
C2B NDP E . -11.19 14.35 31.79
O2B NDP E . -12.53 14.68 32.13
C1B NDP E . -11.05 12.90 31.33
N9A NDP E . -11.10 11.93 32.41
C8A NDP E . -10.58 12.10 33.67
N7A NDP E . -10.80 11.06 34.44
C5A NDP E . -11.51 10.17 33.65
C6A NDP E . -12.03 8.89 33.90
N6A NDP E . -11.90 8.26 35.07
N1A NDP E . -12.68 8.26 32.90
C2A NDP E . -12.80 8.91 31.73
N3A NDP E . -12.36 10.12 31.37
C4A NDP E . -11.70 10.70 32.39
O3 NDP E . -6.00 15.52 33.12
PN NDP E . -5.99 16.69 34.21
O1N NDP E . -6.25 16.10 35.56
O2N NDP E . -6.87 17.81 33.73
O5D NDP E . -4.45 17.13 34.11
C5D NDP E . -3.46 16.24 34.67
C4D NDP E . -2.24 16.23 33.79
O4D NDP E . -2.53 15.53 32.55
C3D NDP E . -1.69 17.58 33.31
O3D NDP E . -0.97 18.27 34.32
C2D NDP E . -0.81 17.12 32.13
O2D NDP E . 0.45 16.70 32.65
C1D NDP E . -1.62 15.94 31.56
N1N NDP E . -2.39 16.35 30.34
C2N NDP E . -1.98 15.97 29.09
C3N NDP E . -2.60 16.41 27.94
C7N NDP E . -2.13 15.93 26.60
O7N NDP E . -2.52 16.51 25.58
N7N NDP E . -1.35 14.87 26.54
C4N NDP E . -3.74 17.35 28.08
C5N NDP E . -4.22 17.55 29.45
C6N NDP E . -3.56 17.07 30.49
P2B NDP E . -12.67 16.07 32.94
O1X NDP E . -13.97 16.67 32.47
O2X NDP E . -11.47 16.98 32.64
O3X NDP E . -12.72 15.67 34.41
NA NA F . -13.50 27.27 30.58
PA NDP G . 22.61 -2.39 -28.22
O1A NDP G . 21.66 -1.53 -27.45
O2A NDP G . 22.44 -2.49 -29.70
O5B NDP G . 22.63 -3.87 -27.58
C5B NDP G . 21.82 -4.20 -26.42
C4B NDP G . 21.00 -5.43 -26.70
O4B NDP G . 19.98 -5.11 -27.68
C3B NDP G . 21.76 -6.62 -27.29
O3B NDP G . 21.24 -7.86 -26.83
C2B NDP G . 21.48 -6.50 -28.79
O2B NDP G . 21.67 -7.70 -29.51
C1B NDP G . 20.01 -6.08 -28.72
N9A NDP G . 19.49 -5.52 -29.94
C8A NDP G . 20.15 -4.74 -30.84
N7A NDP G . 19.42 -4.40 -31.87
C5A NDP G . 18.19 -5.02 -31.64
C6A NDP G . 16.98 -5.03 -32.37
N6A NDP G . 16.82 -4.41 -33.53
N1A NDP G . 15.96 -5.75 -31.86
C2A NDP G . 16.14 -6.38 -30.70
N3A NDP G . 17.21 -6.43 -29.92
C4A NDP G . 18.22 -5.72 -30.46
O3 NDP G . 24.09 -1.85 -27.92
PN NDP G . 25.51 -1.98 -28.67
O1N NDP G . 25.32 -1.67 -30.12
O2N NDP G . 26.18 -3.26 -28.28
O5D NDP G . 26.26 -0.76 -27.96
C5D NDP G . 25.84 0.57 -28.33
C4D NDP G . 25.84 1.46 -27.12
O4D NDP G . 24.73 1.11 -26.24
C3D NDP G . 27.06 1.38 -26.18
O3D NDP G . 28.19 2.03 -26.72
C2D NDP G . 26.46 2.04 -24.92
O2D NDP G . 26.57 3.45 -25.06
C1D NDP G . 25.01 1.56 -24.94
N1N NDP G . 24.80 0.43 -23.96
C2N NDP G . 24.12 0.64 -22.78
C3N NDP G . 24.01 -0.33 -21.82
C7N NDP G . 23.21 -0.08 -20.59
O7N NDP G . 23.31 -0.84 -19.62
N7N NDP G . 22.31 0.90 -20.57
C4N NDP G . 24.68 -1.63 -22.05
C5N NDP G . 25.22 -1.82 -23.41
C6N NDP G . 25.25 -0.83 -24.28
P2B NDP G . 23.22 -8.01 -29.87
O1X NDP G . 23.30 -9.51 -29.81
O2X NDP G . 24.14 -7.32 -28.86
O3X NDP G . 23.43 -7.48 -31.28
NA NA H . 32.62 -12.38 -25.00
PA NDP I . -7.04 -19.21 30.07
O1A NDP I . -7.49 -18.14 29.13
O2A NDP I . -7.04 -18.90 31.53
O5B NDP I . -5.58 -19.71 29.64
C5B NDP I . -4.95 -19.13 28.46
C4B NDP I . -3.57 -18.64 28.80
O4B NDP I . -3.66 -17.49 29.69
C3B NDP I . -2.68 -19.63 29.57
O3B NDP I . -1.31 -19.51 29.19
C2B NDP I . -2.82 -19.19 31.02
O2B NDP I . -1.75 -19.64 31.84
C1B NDP I . -2.80 -17.68 30.80
N9A NDP I . -3.27 -16.87 31.90
C8A NDP I . -4.25 -17.19 32.80
N7A NDP I . -4.44 -16.26 33.71
C5A NDP I . -3.52 -15.27 33.39
C6A NDP I . -3.23 -14.02 33.98
N6A NDP I . -3.86 -13.54 35.04
N1A NDP I . -2.26 -13.28 33.41
C2A NDP I . -1.62 -13.77 32.33
N3A NDP I . -1.81 -14.93 31.70
C4A NDP I . -2.79 -15.64 32.28
O3 NDP I . -7.95 -20.50 29.80
PN NDP I . -8.35 -21.84 30.60
O1N NDP I . -8.75 -21.46 31.98
O2N NDP I . -7.27 -22.87 30.41
O5D NDP I . -9.65 -22.27 29.77
C5D NDP I . -10.84 -21.47 29.97
C4D NDP I . -11.57 -21.30 28.66
O4D NDP I . -10.84 -20.42 27.78
C3D NDP I . -11.79 -22.55 27.80
O3D NDP I . -12.81 -23.40 28.32
C2D NDP I . -12.15 -21.88 26.46
O2D NDP I . -13.51 -21.52 26.44
C1D NDP I . -11.23 -20.65 26.44
N1N NDP I . -10.01 -20.89 25.60
C2N NDP I . -9.88 -20.25 24.39
C3N NDP I . -8.84 -20.51 23.53
C7N NDP I . -8.69 -19.74 22.27
O7N NDP I . -7.90 -20.14 21.41
N7N NDP I . -9.33 -18.58 22.13
C4N NDP I . -7.87 -21.58 23.91
C5N NDP I . -8.00 -22.08 25.28
C6N NDP I . -9.03 -21.74 26.04
P2B NDP I . -1.92 -21.18 32.32
O1X NDP I . -0.51 -21.73 32.37
O2X NDP I . -2.79 -21.95 31.33
O3X NDP I . -2.54 -21.11 33.69
PA NDP J . -8.77 7.34 -34.44
O1A NDP J . -8.13 6.35 -33.52
O2A NDP J . -8.09 7.64 -35.73
O5B NDP J . -9.07 8.70 -33.66
C5B NDP J . -8.82 8.80 -32.23
C4B NDP J . -7.96 10.01 -31.95
O4B NDP J . -6.63 9.77 -32.49
C3B NDP J . -8.42 11.32 -32.61
O3B NDP J . -8.15 12.43 -31.77
C2B NDP J . -7.55 11.39 -33.87
O2B NDP J . -7.43 12.72 -34.36
C1B NDP J . -6.24 10.87 -33.27
N9A NDP J . -5.26 10.41 -34.25
C8A NDP J . -5.53 9.79 -35.44
N7A NDP J . -4.46 9.51 -36.12
C5A NDP J . -3.41 9.99 -35.34
C6A NDP J . -2.01 9.98 -35.53
N6A NDP J . -1.41 9.48 -36.59
N1A NDP J . -1.25 10.54 -34.55
C2A NDP J . -1.87 11.06 -33.47
N3A NDP J . -3.18 11.10 -33.19
C4A NDP J . -3.90 10.55 -34.17
O3 NDP J . -10.25 6.82 -34.76
PN NDP J . -11.32 7.15 -35.90
O1N NDP J . -10.62 7.08 -37.23
O2N NDP J . -12.06 8.39 -35.54
O5D NDP J . -12.27 5.87 -35.73
C5D NDP J . -11.74 4.60 -36.15
C4D NDP J . -12.18 3.53 -35.20
O4D NDP J . -11.49 3.68 -33.93
C3D NDP J . -13.67 3.52 -34.79
O3D NDP J . -14.51 3.04 -35.81
C2D NDP J . -13.57 2.63 -33.54
O2D NDP J . -13.57 1.26 -33.95
C1D NDP J . -12.25 3.04 -32.91
N1N NDP J . -12.46 4.02 -31.79
C2N NDP J . -12.33 3.65 -30.48
C3N NDP J . -12.64 4.50 -29.44
C7N NDP J . -12.43 4.10 -28.02
O7N NDP J . -12.96 4.77 -27.12
N7N NDP J . -11.62 3.09 -27.73
C4N NDP J . -13.14 5.85 -29.77
C5N NDP J . -13.06 6.21 -31.19
C6N NDP J . -12.75 5.33 -32.11
P2B NDP J . -8.70 13.21 -35.23
O1X NDP J . -8.80 14.70 -34.95
O2X NDP J . -9.96 12.46 -34.83
O3X NDP J . -8.32 12.95 -36.68
NA NA K . -19.54 16.18 -34.95
#